data_2LXX
#
_entry.id   2LXX
#
_entity_poly.entity_id   1
_entity_poly.type   'polypeptide(L)'
_entity_poly.pdbx_seq_one_letter_code
;MASGVKVDPSCKNAYDLLHNKHQHSYIIFKIDKNDTAIVVEKVGEKNAPYAEFVEEMKKLVEDGKECRYAAVDVEVTVQR
QGAEGTSTLNKVIFVQYCPDNAPVRRRMLYASSVRALKASLGLESLFQVQASEMSDLDEKSVKSDLMSNQRI
;
_entity_poly.pdbx_strand_id   A
#
# COMPACT_ATOMS: atom_id res chain seq x y z
N MET A 1 5.38 -15.16 10.15
CA MET A 1 4.79 -13.81 10.00
C MET A 1 5.80 -12.73 10.36
N ALA A 2 6.92 -13.13 10.96
CA ALA A 2 8.00 -12.20 11.25
C ALA A 2 9.34 -12.91 11.17
N SER A 3 10.28 -12.31 10.44
CA SER A 3 11.61 -12.86 10.31
C SER A 3 12.59 -11.75 9.92
N GLY A 4 13.82 -12.13 9.58
CA GLY A 4 14.84 -11.16 9.26
C GLY A 4 14.71 -10.62 7.85
N VAL A 5 13.59 -9.96 7.57
CA VAL A 5 13.39 -9.32 6.27
C VAL A 5 13.95 -7.90 6.31
N LYS A 6 14.81 -7.59 5.35
CA LYS A 6 15.52 -6.33 5.35
C LYS A 6 14.61 -5.19 4.91
N VAL A 7 14.61 -4.10 5.68
CA VAL A 7 13.86 -2.92 5.31
C VAL A 7 14.77 -1.90 4.63
N ASP A 8 14.36 -1.44 3.46
CA ASP A 8 15.15 -0.50 2.67
C ASP A 8 14.90 0.95 3.11
N PRO A 9 15.96 1.75 3.23
CA PRO A 9 15.86 3.16 3.64
C PRO A 9 15.19 4.03 2.58
N SER A 10 15.35 3.68 1.31
CA SER A 10 14.84 4.50 0.21
C SER A 10 13.32 4.53 0.21
N CYS A 11 12.70 3.37 0.35
CA CYS A 11 11.24 3.28 0.36
C CYS A 11 10.67 3.92 1.64
N LYS A 12 11.43 3.83 2.73
CA LYS A 12 11.04 4.49 3.96
C LYS A 12 11.13 6.00 3.81
N ASN A 13 12.17 6.46 3.13
CA ASN A 13 12.30 7.88 2.82
C ASN A 13 11.10 8.34 1.99
N ALA A 14 10.68 7.48 1.07
CA ALA A 14 9.56 7.78 0.19
C ALA A 14 8.26 7.89 0.99
N TYR A 15 8.15 7.11 2.06
CA TYR A 15 6.99 7.14 2.93
C TYR A 15 6.78 8.54 3.49
N ASP A 16 7.83 9.10 4.07
CA ASP A 16 7.76 10.45 4.62
C ASP A 16 7.52 11.46 3.50
N LEU A 17 8.13 11.20 2.35
CA LEU A 17 7.99 12.06 1.20
C LEU A 17 6.55 12.14 0.72
N LEU A 18 5.84 11.02 0.72
CA LEU A 18 4.46 11.00 0.27
C LEU A 18 3.48 11.42 1.38
N HIS A 19 3.72 10.95 2.59
CA HIS A 19 2.79 11.16 3.70
C HIS A 19 2.83 12.59 4.22
N ASN A 20 4.03 13.14 4.39
CA ASN A 20 4.17 14.46 5.00
C ASN A 20 4.52 15.50 3.94
N LYS A 21 5.42 15.16 3.04
CA LYS A 21 5.91 16.12 2.04
C LYS A 21 4.99 16.13 0.83
N HIS A 22 4.11 15.14 0.77
CA HIS A 22 3.21 14.90 -0.38
C HIS A 22 3.92 15.09 -1.71
N GLN A 23 5.12 14.52 -1.81
CA GLN A 23 5.89 14.51 -3.05
C GLN A 23 5.32 13.44 -3.98
N HIS A 24 4.86 12.36 -3.37
CA HIS A 24 4.28 11.26 -4.11
C HIS A 24 2.93 10.89 -3.51
N SER A 25 2.19 10.03 -4.20
CA SER A 25 0.90 9.59 -3.70
C SER A 25 0.99 8.16 -3.18
N TYR A 26 1.33 7.24 -4.07
CA TYR A 26 1.43 5.84 -3.71
C TYR A 26 2.84 5.32 -3.98
N ILE A 27 3.20 4.25 -3.30
CA ILE A 27 4.41 3.53 -3.60
C ILE A 27 4.17 2.03 -3.44
N ILE A 28 4.56 1.27 -4.45
CA ILE A 28 4.43 -0.17 -4.43
C ILE A 28 5.74 -0.80 -3.94
N PHE A 29 5.64 -1.87 -3.17
CA PHE A 29 6.81 -2.53 -2.62
C PHE A 29 6.89 -3.97 -3.11
N LYS A 30 8.10 -4.48 -3.25
CA LYS A 30 8.31 -5.89 -3.53
C LYS A 30 9.61 -6.37 -2.89
N ILE A 31 9.73 -7.68 -2.73
CA ILE A 31 10.93 -8.27 -2.14
C ILE A 31 12.02 -8.39 -3.20
N ASP A 32 13.13 -7.71 -2.97
CA ASP A 32 14.24 -7.72 -3.90
C ASP A 32 15.40 -8.54 -3.34
N LYS A 33 16.24 -9.05 -4.25
CA LYS A 33 17.42 -9.88 -3.94
C LYS A 33 17.09 -11.13 -3.13
N ASN A 34 18.02 -12.07 -3.10
CA ASN A 34 17.82 -13.32 -2.37
C ASN A 34 18.03 -13.10 -0.88
N ASP A 35 18.70 -12.00 -0.54
CA ASP A 35 18.93 -11.62 0.85
C ASP A 35 17.66 -10.97 1.44
N THR A 36 16.61 -10.95 0.62
CA THR A 36 15.28 -10.48 1.00
C THR A 36 15.27 -9.05 1.57
N ALA A 37 15.07 -8.09 0.68
CA ALA A 37 14.93 -6.70 1.07
C ALA A 37 13.66 -6.11 0.48
N ILE A 38 12.85 -5.48 1.32
CA ILE A 38 11.66 -4.79 0.84
C ILE A 38 12.08 -3.50 0.17
N VAL A 39 11.76 -3.33 -1.10
CA VAL A 39 12.20 -2.18 -1.84
C VAL A 39 11.11 -1.66 -2.78
N VAL A 40 11.33 -0.48 -3.32
CA VAL A 40 10.38 0.17 -4.22
C VAL A 40 10.13 -0.69 -5.47
N GLU A 41 8.86 -0.86 -5.80
CA GLU A 41 8.45 -1.48 -7.04
C GLU A 41 8.01 -0.38 -8.01
N LYS A 42 7.19 0.53 -7.51
CA LYS A 42 6.70 1.64 -8.32
C LYS A 42 6.27 2.79 -7.43
N VAL A 43 6.78 3.98 -7.70
CA VAL A 43 6.29 5.18 -7.05
C VAL A 43 5.37 5.94 -7.98
N GLY A 44 4.42 6.65 -7.41
CA GLY A 44 3.53 7.46 -8.20
C GLY A 44 3.55 8.90 -7.75
N GLU A 45 3.60 9.82 -8.71
CA GLU A 45 3.58 11.25 -8.42
C GLU A 45 2.32 11.61 -7.64
N LYS A 46 2.33 12.76 -6.98
CA LYS A 46 1.23 13.17 -6.10
C LYS A 46 -0.11 13.10 -6.85
N ASN A 47 -0.14 13.66 -8.05
CA ASN A 47 -1.35 13.59 -8.87
C ASN A 47 -1.37 12.30 -9.68
N ALA A 48 -1.98 11.28 -9.12
CA ALA A 48 -2.07 10.00 -9.79
C ALA A 48 -3.52 9.51 -9.82
N PRO A 49 -4.14 9.54 -11.00
CA PRO A 49 -5.50 9.03 -11.18
C PRO A 49 -5.59 7.55 -10.80
N TYR A 50 -6.77 7.16 -10.29
CA TYR A 50 -6.99 5.79 -9.85
C TYR A 50 -6.79 4.81 -11.01
N ALA A 51 -7.11 5.29 -12.21
CA ALA A 51 -6.91 4.49 -13.41
C ALA A 51 -5.44 4.13 -13.61
N GLU A 52 -4.57 5.13 -13.50
CA GLU A 52 -3.15 4.93 -13.72
C GLU A 52 -2.55 4.01 -12.67
N PHE A 53 -3.07 4.09 -11.45
CA PHE A 53 -2.62 3.22 -10.37
C PHE A 53 -2.80 1.75 -10.76
N VAL A 54 -3.95 1.45 -11.35
CA VAL A 54 -4.24 0.11 -11.83
C VAL A 54 -3.35 -0.23 -13.03
N GLU A 55 -3.27 0.71 -13.97
CA GLU A 55 -2.51 0.52 -15.20
C GLU A 55 -1.04 0.16 -14.92
N GLU A 56 -0.39 0.98 -14.11
CA GLU A 56 1.04 0.82 -13.82
C GLU A 56 1.32 -0.51 -13.13
N MET A 57 0.43 -0.92 -12.22
CA MET A 57 0.61 -2.16 -11.50
C MET A 57 0.23 -3.36 -12.38
N LYS A 58 -0.81 -3.19 -13.18
CA LYS A 58 -1.32 -4.24 -14.05
C LYS A 58 -0.22 -4.88 -14.90
N LYS A 59 0.59 -4.03 -15.53
CA LYS A 59 1.58 -4.51 -16.48
C LYS A 59 2.70 -5.32 -15.81
N LEU A 60 3.02 -5.00 -14.57
CA LEU A 60 4.15 -5.67 -13.91
C LEU A 60 3.72 -6.99 -13.25
N VAL A 61 2.42 -7.20 -13.13
CA VAL A 61 1.91 -8.40 -12.45
C VAL A 61 1.79 -9.59 -13.41
N GLU A 62 1.59 -9.31 -14.70
CA GLU A 62 1.26 -10.36 -15.67
C GLU A 62 2.35 -11.44 -15.78
N ASP A 63 3.55 -11.16 -15.26
CA ASP A 63 4.67 -12.09 -15.36
C ASP A 63 4.39 -13.40 -14.61
N GLY A 64 3.60 -13.31 -13.55
CA GLY A 64 3.29 -14.50 -12.78
C GLY A 64 2.35 -14.20 -11.63
N LYS A 65 2.33 -15.06 -10.64
CA LYS A 65 1.53 -14.82 -9.45
C LYS A 65 2.35 -14.01 -8.46
N GLU A 66 2.44 -12.72 -8.75
CA GLU A 66 3.29 -11.80 -8.01
C GLU A 66 2.54 -11.19 -6.84
N CYS A 67 3.25 -10.99 -5.74
CA CYS A 67 2.67 -10.29 -4.59
C CYS A 67 3.35 -8.94 -4.45
N ARG A 68 2.54 -7.89 -4.36
CA ARG A 68 3.07 -6.53 -4.27
C ARG A 68 2.37 -5.77 -3.15
N TYR A 69 3.14 -5.00 -2.41
CA TYR A 69 2.58 -4.17 -1.35
C TYR A 69 2.31 -2.77 -1.87
N ALA A 70 1.22 -2.16 -1.46
CA ALA A 70 0.93 -0.80 -1.90
C ALA A 70 0.56 0.10 -0.72
N ALA A 71 1.30 1.18 -0.57
CA ALA A 71 1.00 2.18 0.44
C ALA A 71 0.69 3.49 -0.25
N VAL A 72 -0.53 3.99 -0.08
CA VAL A 72 -0.94 5.22 -0.75
C VAL A 72 -1.48 6.23 0.26
N ASP A 73 -0.95 7.44 0.22
CA ASP A 73 -1.42 8.51 1.07
C ASP A 73 -2.42 9.36 0.31
N VAL A 74 -3.69 9.05 0.48
CA VAL A 74 -4.74 9.69 -0.27
C VAL A 74 -5.72 10.39 0.65
N GLU A 75 -6.10 11.61 0.32
CA GLU A 75 -7.06 12.35 1.10
C GLU A 75 -8.47 12.14 0.57
N VAL A 76 -9.26 11.37 1.30
CA VAL A 76 -10.65 11.18 0.97
C VAL A 76 -11.49 12.09 1.87
N THR A 77 -12.67 12.47 1.43
CA THR A 77 -13.45 13.43 2.18
C THR A 77 -14.76 12.82 2.67
N VAL A 78 -15.16 13.23 3.87
CA VAL A 78 -16.42 12.81 4.46
C VAL A 78 -17.23 14.02 4.87
N GLN A 79 -18.35 13.81 5.53
CA GLN A 79 -19.07 14.92 6.13
C GLN A 79 -18.97 14.81 7.64
N ARG A 80 -18.13 15.64 8.24
CA ARG A 80 -17.80 15.54 9.66
C ARG A 80 -17.31 16.88 10.18
N GLN A 81 -16.45 16.82 11.21
CA GLN A 81 -15.88 18.01 11.83
C GLN A 81 -14.96 18.74 10.87
N GLY A 82 -14.68 20.00 11.17
CA GLY A 82 -13.82 20.80 10.33
C GLY A 82 -14.64 21.76 9.49
N ALA A 83 -15.46 21.20 8.63
CA ALA A 83 -16.38 21.97 7.80
C ALA A 83 -17.64 21.16 7.55
N GLU A 84 -18.80 21.80 7.64
CA GLU A 84 -20.07 21.11 7.45
C GLU A 84 -20.28 20.76 5.98
N GLY A 85 -19.67 19.66 5.55
CA GLY A 85 -19.81 19.21 4.20
C GLY A 85 -18.66 18.31 3.79
N THR A 86 -17.45 18.82 3.89
CA THR A 86 -16.27 18.07 3.51
C THR A 86 -15.22 18.04 4.61
N SER A 87 -15.08 16.89 5.25
CA SER A 87 -14.03 16.64 6.19
C SER A 87 -12.99 15.76 5.52
N THR A 88 -11.87 16.35 5.14
CA THR A 88 -10.88 15.64 4.34
C THR A 88 -9.64 15.31 5.15
N LEU A 89 -9.33 14.02 5.25
CA LEU A 89 -8.15 13.56 5.96
C LEU A 89 -7.40 12.57 5.08
N ASN A 90 -6.10 12.81 4.90
CA ASN A 90 -5.27 11.87 4.16
C ASN A 90 -4.91 10.69 5.05
N LYS A 91 -5.49 9.54 4.75
CA LYS A 91 -5.20 8.35 5.52
C LYS A 91 -4.41 7.39 4.65
N VAL A 92 -3.10 7.31 4.90
CA VAL A 92 -2.24 6.40 4.16
C VAL A 92 -2.59 4.96 4.50
N ILE A 93 -3.19 4.29 3.53
CA ILE A 93 -3.66 2.92 3.73
C ILE A 93 -2.68 1.94 3.08
N PHE A 94 -2.44 0.83 3.75
CA PHE A 94 -1.55 -0.19 3.23
C PHE A 94 -2.36 -1.37 2.70
N VAL A 95 -2.41 -1.50 1.39
CA VAL A 95 -3.15 -2.58 0.76
C VAL A 95 -2.18 -3.55 0.09
N GLN A 96 -2.02 -4.71 0.69
CA GLN A 96 -1.14 -5.73 0.13
C GLN A 96 -1.89 -6.55 -0.92
N TYR A 97 -1.34 -6.60 -2.12
CA TYR A 97 -1.94 -7.33 -3.21
C TYR A 97 -1.24 -8.68 -3.41
N CYS A 98 -1.94 -9.75 -3.07
CA CYS A 98 -1.38 -11.08 -3.16
C CYS A 98 -2.49 -12.13 -3.14
N PRO A 99 -2.62 -12.90 -4.23
CA PRO A 99 -3.49 -14.07 -4.24
C PRO A 99 -2.91 -15.19 -3.40
N ASP A 100 -3.75 -16.09 -2.93
CA ASP A 100 -3.28 -17.17 -2.07
C ASP A 100 -2.50 -18.20 -2.88
N ASN A 101 -2.77 -18.24 -4.18
CA ASN A 101 -2.14 -19.20 -5.07
C ASN A 101 -0.69 -18.82 -5.39
N ALA A 102 -0.20 -17.76 -4.75
CA ALA A 102 1.18 -17.33 -4.94
C ALA A 102 2.14 -18.42 -4.46
N PRO A 103 3.32 -18.53 -5.10
CA PRO A 103 4.33 -19.54 -4.74
C PRO A 103 4.67 -19.53 -3.25
N VAL A 104 4.55 -20.70 -2.62
CA VAL A 104 4.73 -20.84 -1.17
C VAL A 104 6.07 -20.27 -0.69
N ARG A 105 7.09 -20.38 -1.53
CA ARG A 105 8.42 -19.90 -1.18
C ARG A 105 8.37 -18.39 -0.93
N ARG A 106 7.88 -17.66 -1.92
CA ARG A 106 7.67 -16.22 -1.80
C ARG A 106 6.58 -15.92 -0.76
N ARG A 107 5.59 -16.81 -0.71
CA ARG A 107 4.46 -16.68 0.22
C ARG A 107 4.95 -16.61 1.67
N MET A 108 5.93 -17.45 2.00
CA MET A 108 6.51 -17.47 3.33
C MET A 108 7.25 -16.16 3.64
N LEU A 109 8.03 -15.70 2.68
CA LEU A 109 8.74 -14.43 2.81
C LEU A 109 7.73 -13.28 2.95
N TYR A 110 6.69 -13.35 2.13
CA TYR A 110 5.59 -12.40 2.18
C TYR A 110 4.94 -12.34 3.56
N ALA A 111 4.61 -13.51 4.09
CA ALA A 111 3.96 -13.61 5.39
C ALA A 111 4.87 -13.10 6.49
N SER A 112 6.17 -13.35 6.36
CA SER A 112 7.14 -12.94 7.36
C SER A 112 7.51 -11.47 7.21
N SER A 113 7.09 -10.89 6.10
CA SER A 113 7.38 -9.49 5.81
C SER A 113 6.32 -8.58 6.43
N VAL A 114 5.17 -9.16 6.75
CA VAL A 114 4.02 -8.39 7.25
C VAL A 114 4.36 -7.61 8.51
N ARG A 115 4.81 -8.29 9.55
CA ARG A 115 5.09 -7.63 10.83
C ARG A 115 6.25 -6.64 10.67
N ALA A 116 7.21 -7.00 9.83
CA ALA A 116 8.40 -6.18 9.62
C ALA A 116 8.04 -4.80 9.11
N LEU A 117 7.31 -4.74 7.99
CA LEU A 117 6.97 -3.46 7.38
C LEU A 117 5.85 -2.75 8.15
N LYS A 118 5.08 -3.52 8.90
CA LYS A 118 3.93 -2.98 9.62
C LYS A 118 4.35 -1.84 10.54
N ALA A 119 5.27 -2.12 11.45
CA ALA A 119 5.73 -1.12 12.39
C ALA A 119 6.85 -0.26 11.81
N SER A 120 7.77 -0.90 11.10
CA SER A 120 9.01 -0.26 10.67
C SER A 120 8.76 0.85 9.65
N LEU A 121 7.69 0.74 8.88
CA LEU A 121 7.43 1.71 7.82
C LEU A 121 6.57 2.87 8.31
N GLY A 122 6.39 2.94 9.63
CA GLY A 122 5.59 4.01 10.21
C GLY A 122 4.11 3.79 10.02
N LEU A 123 3.75 2.58 9.63
CA LEU A 123 2.35 2.23 9.39
C LEU A 123 1.75 1.64 10.65
N GLU A 124 2.37 1.95 11.78
CA GLU A 124 1.99 1.40 13.08
C GLU A 124 0.48 1.53 13.35
N SER A 125 -0.03 2.75 13.27
CA SER A 125 -1.42 3.02 13.59
C SER A 125 -2.28 2.99 12.32
N LEU A 126 -1.66 2.67 11.20
CA LEU A 126 -2.36 2.68 9.92
C LEU A 126 -2.97 1.31 9.63
N PHE A 127 -3.96 1.30 8.76
CA PHE A 127 -4.73 0.10 8.47
C PHE A 127 -4.08 -0.71 7.35
N GLN A 128 -4.21 -2.03 7.46
CA GLN A 128 -3.64 -2.94 6.49
C GLN A 128 -4.73 -3.83 5.90
N VAL A 129 -4.92 -3.71 4.60
CA VAL A 129 -5.97 -4.45 3.90
C VAL A 129 -5.33 -5.45 2.93
N GLN A 130 -5.99 -6.57 2.71
CA GLN A 130 -5.48 -7.59 1.80
C GLN A 130 -6.38 -7.70 0.56
N ALA A 131 -5.77 -7.83 -0.60
CA ALA A 131 -6.50 -8.03 -1.84
C ALA A 131 -5.82 -9.12 -2.67
N SER A 132 -6.60 -10.06 -3.15
CA SER A 132 -6.06 -11.20 -3.88
C SER A 132 -6.36 -11.11 -5.37
N GLU A 133 -7.46 -10.48 -5.73
CA GLU A 133 -7.85 -10.35 -7.13
C GLU A 133 -7.96 -8.89 -7.53
N MET A 134 -7.82 -8.63 -8.83
CA MET A 134 -7.83 -7.27 -9.34
C MET A 134 -9.24 -6.68 -9.31
N SER A 135 -10.22 -7.55 -9.16
CA SER A 135 -11.60 -7.12 -9.12
C SER A 135 -11.96 -6.58 -7.73
N ASP A 136 -11.23 -7.05 -6.73
CA ASP A 136 -11.52 -6.73 -5.34
C ASP A 136 -10.88 -5.40 -4.93
N LEU A 137 -9.84 -5.00 -5.65
CA LEU A 137 -9.11 -3.78 -5.32
C LEU A 137 -9.84 -2.55 -5.83
N ASP A 138 -10.99 -2.78 -6.46
CA ASP A 138 -11.85 -1.70 -6.91
C ASP A 138 -12.32 -0.88 -5.71
N GLU A 139 -12.45 0.43 -5.93
CA GLU A 139 -12.80 1.38 -4.89
C GLU A 139 -14.04 0.96 -4.09
N LYS A 140 -14.88 0.11 -4.67
CA LYS A 140 -16.09 -0.42 -4.01
C LYS A 140 -15.78 -0.89 -2.57
N SER A 141 -14.60 -1.45 -2.35
CA SER A 141 -14.19 -1.84 -1.01
C SER A 141 -13.19 -0.85 -0.43
N VAL A 142 -12.09 -0.64 -1.15
CA VAL A 142 -10.97 0.18 -0.65
C VAL A 142 -11.42 1.60 -0.29
N LYS A 143 -12.13 2.24 -1.21
CA LYS A 143 -12.60 3.61 -1.00
C LYS A 143 -13.59 3.65 0.16
N SER A 144 -14.52 2.71 0.18
CA SER A 144 -15.56 2.66 1.19
C SER A 144 -14.99 2.43 2.59
N ASP A 145 -14.09 1.46 2.70
CA ASP A 145 -13.52 1.09 3.99
C ASP A 145 -12.65 2.20 4.55
N LEU A 146 -11.79 2.75 3.71
CA LEU A 146 -10.87 3.81 4.13
C LEU A 146 -11.62 5.08 4.50
N MET A 147 -12.68 5.38 3.74
CA MET A 147 -13.49 6.58 3.96
C MET A 147 -14.04 6.63 5.38
N SER A 148 -14.37 5.47 5.92
CA SER A 148 -14.93 5.40 7.26
C SER A 148 -13.87 5.65 8.32
N ASN A 149 -12.74 4.96 8.20
CA ASN A 149 -11.70 5.01 9.22
C ASN A 149 -10.76 6.20 9.05
N GLN A 150 -11.16 7.17 8.24
CA GLN A 150 -10.40 8.41 8.12
C GLN A 150 -10.20 9.07 9.47
N ARG A 151 -11.27 9.14 10.26
CA ARG A 151 -11.21 9.77 11.57
C ARG A 151 -11.55 8.78 12.67
N ILE A 152 -11.61 7.50 12.32
CA ILE A 152 -11.92 6.47 13.29
C ILE A 152 -10.67 5.61 13.55
N MET A 1 2.90 -13.48 9.81
CA MET A 1 3.76 -12.27 9.78
C MET A 1 4.93 -12.46 10.75
N ALA A 2 6.02 -11.74 10.52
CA ALA A 2 7.21 -11.86 11.37
C ALA A 2 8.15 -10.69 11.15
N SER A 3 9.40 -10.87 11.53
CA SER A 3 10.44 -9.87 11.29
C SER A 3 11.69 -10.55 10.76
N GLY A 4 12.66 -9.77 10.33
CA GLY A 4 13.91 -10.35 9.83
C GLY A 4 14.27 -9.84 8.45
N VAL A 5 13.25 -9.51 7.66
CA VAL A 5 13.47 -8.96 6.34
C VAL A 5 13.99 -7.54 6.47
N LYS A 6 15.02 -7.20 5.70
CA LYS A 6 15.65 -5.89 5.79
C LYS A 6 14.75 -4.81 5.21
N VAL A 7 14.64 -3.72 5.95
CA VAL A 7 13.89 -2.56 5.51
C VAL A 7 14.85 -1.55 4.88
N ASP A 8 14.87 -1.52 3.55
CA ASP A 8 15.80 -0.68 2.81
C ASP A 8 15.47 0.79 3.03
N PRO A 9 16.48 1.60 3.40
CA PRO A 9 16.30 3.03 3.67
C PRO A 9 15.70 3.79 2.49
N SER A 10 15.89 3.27 1.29
CA SER A 10 15.38 3.91 0.09
C SER A 10 13.85 3.98 0.13
N CYS A 11 13.23 2.92 0.66
CA CYS A 11 11.78 2.85 0.77
C CYS A 11 11.26 3.88 1.76
N LYS A 12 12.01 4.09 2.83
CA LYS A 12 11.65 5.06 3.85
C LYS A 12 11.92 6.48 3.36
N ASN A 13 13.00 6.63 2.59
CA ASN A 13 13.37 7.91 2.02
C ASN A 13 12.31 8.39 1.04
N ALA A 14 11.69 7.44 0.35
CA ALA A 14 10.62 7.75 -0.59
C ALA A 14 9.29 7.91 0.14
N TYR A 15 9.16 7.21 1.26
CA TYR A 15 7.94 7.24 2.05
C TYR A 15 7.65 8.64 2.59
N ASP A 16 8.64 9.27 3.21
CA ASP A 16 8.43 10.56 3.86
C ASP A 16 8.06 11.66 2.87
N LEU A 17 8.42 11.47 1.61
CA LEU A 17 8.05 12.42 0.58
C LEU A 17 6.54 12.46 0.39
N LEU A 18 5.89 11.29 0.46
CA LEU A 18 4.43 11.24 0.41
C LEU A 18 3.85 11.44 1.80
N HIS A 19 4.63 11.02 2.81
CA HIS A 19 4.20 11.07 4.21
C HIS A 19 3.91 12.50 4.67
N ASN A 20 4.84 13.41 4.41
CA ASN A 20 4.66 14.78 4.86
C ASN A 20 4.37 15.72 3.70
N LYS A 21 5.32 15.86 2.80
CA LYS A 21 5.19 16.79 1.66
C LYS A 21 4.01 16.36 0.78
N HIS A 22 3.81 15.05 0.70
CA HIS A 22 2.74 14.47 -0.11
C HIS A 22 3.06 14.61 -1.59
N GLN A 23 4.32 14.36 -1.93
CA GLN A 23 4.79 14.40 -3.30
C GLN A 23 4.24 13.23 -4.08
N HIS A 24 4.18 12.08 -3.43
CA HIS A 24 3.65 10.87 -4.04
C HIS A 24 2.32 10.51 -3.42
N SER A 25 1.64 9.54 -4.00
CA SER A 25 0.42 9.02 -3.43
C SER A 25 0.51 7.51 -3.30
N TYR A 26 0.61 6.84 -4.45
CA TYR A 26 0.66 5.39 -4.50
C TYR A 26 2.09 4.91 -4.75
N ILE A 27 2.53 3.97 -3.95
CA ILE A 27 3.85 3.39 -4.11
C ILE A 27 3.81 1.88 -3.84
N ILE A 28 4.58 1.14 -4.62
CA ILE A 28 4.60 -0.31 -4.52
C ILE A 28 5.92 -0.80 -3.92
N PHE A 29 5.82 -1.75 -3.00
CA PHE A 29 7.00 -2.36 -2.39
C PHE A 29 7.08 -3.84 -2.75
N LYS A 30 8.30 -4.37 -2.84
CA LYS A 30 8.50 -5.78 -3.15
C LYS A 30 9.76 -6.32 -2.49
N ILE A 31 9.72 -7.60 -2.12
CA ILE A 31 10.93 -8.29 -1.67
C ILE A 31 11.66 -8.80 -2.90
N ASP A 32 12.80 -8.20 -3.20
CA ASP A 32 13.47 -8.50 -4.47
C ASP A 32 14.98 -8.60 -4.30
N LYS A 33 15.43 -9.77 -3.86
CA LYS A 33 16.86 -10.10 -3.74
C LYS A 33 17.02 -11.37 -2.91
N ASN A 34 18.15 -12.04 -3.09
CA ASN A 34 18.46 -13.26 -2.35
C ASN A 34 18.71 -12.92 -0.89
N ASP A 35 19.27 -11.74 -0.67
CA ASP A 35 19.50 -11.22 0.67
C ASP A 35 18.17 -11.02 1.40
N THR A 36 17.10 -10.89 0.63
CA THR A 36 15.75 -10.74 1.15
C THR A 36 15.56 -9.38 1.85
N ALA A 37 15.03 -8.42 1.10
CA ALA A 37 14.81 -7.08 1.61
C ALA A 37 13.67 -6.41 0.86
N ILE A 38 13.08 -5.41 1.48
CA ILE A 38 12.00 -4.66 0.87
C ILE A 38 12.55 -3.52 0.01
N VAL A 39 12.21 -3.52 -1.27
CA VAL A 39 12.69 -2.49 -2.18
C VAL A 39 11.52 -1.85 -2.93
N VAL A 40 11.77 -0.68 -3.50
CA VAL A 40 10.73 0.05 -4.22
C VAL A 40 10.47 -0.55 -5.60
N GLU A 41 9.21 -0.79 -5.90
CA GLU A 41 8.81 -1.33 -7.20
C GLU A 41 8.34 -0.20 -8.12
N LYS A 42 7.48 0.67 -7.60
CA LYS A 42 6.85 1.70 -8.41
C LYS A 42 6.40 2.86 -7.54
N VAL A 43 6.77 4.08 -7.94
CA VAL A 43 6.32 5.28 -7.26
C VAL A 43 5.38 6.09 -8.16
N GLY A 44 4.29 6.57 -7.60
CA GLY A 44 3.36 7.37 -8.35
C GLY A 44 2.98 8.64 -7.62
N GLU A 45 2.69 9.69 -8.39
CA GLU A 45 2.38 10.98 -7.82
C GLU A 45 0.93 11.01 -7.35
N LYS A 46 0.55 12.03 -6.60
CA LYS A 46 -0.80 12.11 -6.06
C LYS A 46 -1.78 12.63 -7.11
N ASN A 47 -1.27 13.31 -8.12
CA ASN A 47 -2.12 13.77 -9.22
C ASN A 47 -1.93 12.83 -10.41
N ALA A 48 -2.42 11.61 -10.26
CA ALA A 48 -2.38 10.63 -11.32
C ALA A 48 -3.66 9.80 -11.31
N PRO A 49 -4.05 9.24 -12.48
CA PRO A 49 -5.21 8.36 -12.57
C PRO A 49 -4.98 7.05 -11.82
N TYR A 50 -5.92 6.67 -10.96
CA TYR A 50 -5.76 5.47 -10.14
C TYR A 50 -5.77 4.22 -11.01
N ALA A 51 -6.45 4.30 -12.16
CA ALA A 51 -6.51 3.18 -13.09
C ALA A 51 -5.13 2.90 -13.69
N GLU A 52 -4.32 3.94 -13.82
CA GLU A 52 -2.99 3.79 -14.38
C GLU A 52 -2.13 2.95 -13.43
N PHE A 53 -2.27 3.21 -12.14
CA PHE A 53 -1.54 2.46 -11.12
C PHE A 53 -1.92 1.00 -11.17
N VAL A 54 -3.21 0.74 -11.36
CA VAL A 54 -3.70 -0.63 -11.48
C VAL A 54 -3.06 -1.33 -12.66
N GLU A 55 -3.05 -0.68 -13.81
CA GLU A 55 -2.47 -1.25 -15.02
C GLU A 55 -0.96 -1.42 -14.90
N GLU A 56 -0.33 -0.55 -14.11
CA GLU A 56 1.11 -0.67 -13.86
C GLU A 56 1.44 -1.98 -13.17
N MET A 57 0.60 -2.40 -12.24
CA MET A 57 0.78 -3.67 -11.55
C MET A 57 0.18 -4.80 -12.37
N LYS A 58 -0.89 -4.49 -13.09
CA LYS A 58 -1.60 -5.49 -13.89
C LYS A 58 -0.66 -6.12 -14.92
N LYS A 59 0.12 -5.28 -15.61
CA LYS A 59 1.04 -5.76 -16.62
C LYS A 59 2.10 -6.69 -16.02
N LEU A 60 2.30 -6.59 -14.72
CA LEU A 60 3.19 -7.49 -14.01
C LEU A 60 2.48 -8.81 -13.73
N VAL A 61 1.25 -8.71 -13.23
CA VAL A 61 0.46 -9.88 -12.86
C VAL A 61 0.07 -10.73 -14.08
N GLU A 62 -0.06 -10.08 -15.23
CA GLU A 62 -0.40 -10.80 -16.46
C GLU A 62 0.82 -11.51 -17.04
N ASP A 63 2.00 -11.06 -16.62
CA ASP A 63 3.25 -11.64 -17.10
C ASP A 63 3.79 -12.67 -16.11
N GLY A 64 3.48 -12.47 -14.85
CA GLY A 64 3.90 -13.39 -13.81
C GLY A 64 3.11 -13.19 -12.54
N LYS A 65 3.10 -14.19 -11.68
CA LYS A 65 2.34 -14.10 -10.44
C LYS A 65 3.12 -13.32 -9.38
N GLU A 66 3.16 -12.02 -9.58
CA GLU A 66 3.85 -11.12 -8.67
C GLU A 66 2.88 -10.60 -7.61
N CYS A 67 3.32 -10.61 -6.37
CA CYS A 67 2.55 -10.03 -5.29
C CYS A 67 3.24 -8.75 -4.81
N ARG A 68 2.50 -7.65 -4.76
CA ARG A 68 3.09 -6.35 -4.50
C ARG A 68 2.47 -5.71 -3.26
N TYR A 69 3.28 -5.00 -2.49
CA TYR A 69 2.78 -4.18 -1.40
C TYR A 69 2.27 -2.86 -1.97
N ALA A 70 1.06 -2.48 -1.62
CA ALA A 70 0.49 -1.25 -2.13
C ALA A 70 0.18 -0.28 -1.00
N ALA A 71 0.78 0.90 -1.08
CA ALA A 71 0.51 1.95 -0.12
C ALA A 71 0.10 3.21 -0.85
N VAL A 72 -1.01 3.80 -0.45
CA VAL A 72 -1.52 4.98 -1.14
C VAL A 72 -2.10 6.00 -0.15
N ASP A 73 -1.54 7.21 -0.19
CA ASP A 73 -2.08 8.31 0.59
C ASP A 73 -3.21 8.97 -0.18
N VAL A 74 -4.41 8.90 0.36
CA VAL A 74 -5.57 9.45 -0.29
C VAL A 74 -6.39 10.29 0.69
N GLU A 75 -6.98 11.37 0.19
CA GLU A 75 -7.81 12.22 1.02
C GLU A 75 -9.19 12.39 0.39
N VAL A 76 -10.17 11.74 0.98
CA VAL A 76 -11.55 11.87 0.51
C VAL A 76 -12.27 12.94 1.34
N THR A 77 -13.03 13.79 0.66
CA THR A 77 -13.78 14.82 1.35
C THR A 77 -14.95 14.22 2.08
N VAL A 78 -14.96 14.40 3.39
CA VAL A 78 -16.04 13.94 4.21
C VAL A 78 -16.48 15.05 5.14
N GLN A 79 -17.78 15.28 5.22
CA GLN A 79 -18.32 16.29 6.10
C GLN A 79 -18.22 15.84 7.56
N ARG A 80 -17.32 16.47 8.30
CA ARG A 80 -17.06 16.11 9.69
C ARG A 80 -17.27 17.32 10.58
N GLN A 81 -16.99 17.16 11.87
CA GLN A 81 -17.12 18.27 12.81
C GLN A 81 -15.99 19.26 12.62
N GLY A 82 -16.30 20.54 12.80
CA GLY A 82 -15.32 21.58 12.57
C GLY A 82 -15.35 22.04 11.14
N ALA A 83 -14.78 21.23 10.26
CA ALA A 83 -14.85 21.50 8.84
C ALA A 83 -16.08 20.85 8.24
N GLU A 84 -17.23 21.43 8.57
CA GLU A 84 -18.51 20.89 8.14
C GLU A 84 -18.85 21.37 6.74
N GLY A 85 -18.53 20.52 5.77
CA GLY A 85 -18.78 20.82 4.38
C GLY A 85 -17.90 20.00 3.47
N THR A 86 -16.60 20.27 3.55
CA THR A 86 -15.61 19.52 2.79
C THR A 86 -14.32 19.34 3.59
N SER A 87 -14.26 18.30 4.39
CA SER A 87 -13.08 18.03 5.19
C SER A 87 -12.23 16.96 4.52
N THR A 88 -11.07 17.35 4.04
CA THR A 88 -10.16 16.42 3.37
C THR A 88 -9.15 15.85 4.36
N LEU A 89 -9.29 14.57 4.66
CA LEU A 89 -8.34 13.90 5.53
C LEU A 89 -7.47 12.97 4.72
N ASN A 90 -6.19 13.26 4.65
CA ASN A 90 -5.26 12.44 3.90
C ASN A 90 -4.70 11.33 4.76
N LYS A 91 -4.99 10.10 4.35
CA LYS A 91 -4.52 8.93 5.06
C LYS A 91 -3.86 7.96 4.08
N VAL A 92 -2.64 7.56 4.40
CA VAL A 92 -1.95 6.56 3.61
C VAL A 92 -2.39 5.16 4.06
N ILE A 93 -3.21 4.54 3.24
CA ILE A 93 -3.71 3.21 3.55
C ILE A 93 -2.81 2.16 2.92
N PHE A 94 -2.59 1.07 3.64
CA PHE A 94 -1.72 0.01 3.16
C PHE A 94 -2.52 -1.22 2.82
N VAL A 95 -2.44 -1.65 1.58
CA VAL A 95 -3.15 -2.83 1.12
C VAL A 95 -2.15 -3.84 0.54
N GLN A 96 -2.05 -4.98 1.18
CA GLN A 96 -1.15 -6.02 0.70
C GLN A 96 -1.84 -6.85 -0.39
N TYR A 97 -1.18 -7.02 -1.52
CA TYR A 97 -1.73 -7.81 -2.60
C TYR A 97 -1.02 -9.15 -2.69
N CYS A 98 -1.68 -10.20 -2.21
CA CYS A 98 -1.10 -11.54 -2.20
C CYS A 98 -2.15 -12.58 -1.87
N PRO A 99 -2.41 -13.50 -2.81
CA PRO A 99 -3.27 -14.65 -2.56
C PRO A 99 -2.57 -15.72 -1.72
N ASP A 100 -3.34 -16.53 -1.01
CA ASP A 100 -2.77 -17.56 -0.16
C ASP A 100 -2.28 -18.75 -0.98
N ASN A 101 -2.90 -18.96 -2.13
CA ASN A 101 -2.55 -20.10 -2.99
C ASN A 101 -1.28 -19.80 -3.79
N ALA A 102 -0.75 -18.60 -3.62
CA ALA A 102 0.49 -18.21 -4.29
C ALA A 102 1.66 -19.09 -3.81
N PRO A 103 2.70 -19.26 -4.65
CA PRO A 103 3.88 -20.07 -4.31
C PRO A 103 4.39 -19.78 -2.91
N VAL A 104 4.48 -20.84 -2.09
CA VAL A 104 4.84 -20.73 -0.68
C VAL A 104 6.15 -19.98 -0.47
N ARG A 105 7.10 -20.16 -1.37
CA ARG A 105 8.40 -19.51 -1.26
C ARG A 105 8.23 -17.99 -1.20
N ARG A 106 7.38 -17.47 -2.06
CA ARG A 106 7.12 -16.05 -2.10
C ARG A 106 6.06 -15.67 -1.05
N ARG A 107 5.10 -16.56 -0.84
CA ARG A 107 4.05 -16.35 0.14
C ARG A 107 4.65 -16.19 1.53
N MET A 108 5.61 -17.05 1.86
CA MET A 108 6.30 -17.01 3.15
C MET A 108 7.00 -15.67 3.35
N LEU A 109 7.79 -15.27 2.37
CA LEU A 109 8.53 -14.02 2.44
C LEU A 109 7.59 -12.84 2.59
N TYR A 110 6.57 -12.80 1.73
CA TYR A 110 5.63 -11.70 1.70
C TYR A 110 4.85 -11.60 3.00
N ALA A 111 4.33 -12.73 3.46
CA ALA A 111 3.52 -12.76 4.68
C ALA A 111 4.34 -12.34 5.90
N SER A 112 5.57 -12.81 5.98
CA SER A 112 6.44 -12.49 7.09
C SER A 112 6.83 -11.02 7.09
N SER A 113 7.11 -10.49 5.89
CA SER A 113 7.63 -9.13 5.77
C SER A 113 6.56 -8.06 6.04
N VAL A 114 5.29 -8.47 6.04
CA VAL A 114 4.19 -7.53 6.27
C VAL A 114 4.35 -6.80 7.61
N ARG A 115 4.50 -7.56 8.68
CA ARG A 115 4.60 -6.99 10.03
C ARG A 115 5.90 -6.19 10.15
N ALA A 116 6.93 -6.66 9.48
CA ALA A 116 8.24 -6.02 9.53
C ALA A 116 8.17 -4.57 9.07
N LEU A 117 7.54 -4.34 7.91
CA LEU A 117 7.45 -3.00 7.37
C LEU A 117 6.29 -2.22 7.99
N LYS A 118 5.28 -2.94 8.47
CA LYS A 118 4.07 -2.32 8.99
C LYS A 118 4.38 -1.41 10.17
N ALA A 119 5.21 -1.89 11.08
CA ALA A 119 5.59 -1.12 12.25
C ALA A 119 6.75 -0.17 11.94
N SER A 120 7.59 -0.56 11.00
CA SER A 120 8.82 0.17 10.72
C SER A 120 8.60 1.37 9.79
N LEU A 121 7.52 1.36 9.02
CA LEU A 121 7.27 2.42 8.06
C LEU A 121 6.34 3.49 8.63
N GLY A 122 6.21 3.51 9.95
CA GLY A 122 5.39 4.52 10.61
C GLY A 122 3.92 4.35 10.32
N LEU A 123 3.53 3.14 9.94
CA LEU A 123 2.14 2.82 9.64
C LEU A 123 1.42 2.32 10.90
N GLU A 124 1.93 2.76 12.04
CA GLU A 124 1.48 2.28 13.36
C GLU A 124 -0.05 2.24 13.48
N SER A 125 -0.71 3.37 13.29
CA SER A 125 -2.15 3.45 13.42
C SER A 125 -2.81 3.59 12.05
N LEU A 126 -2.08 3.24 11.00
CA LEU A 126 -2.62 3.25 9.66
C LEU A 126 -3.26 1.90 9.37
N PHE A 127 -4.35 1.91 8.62
CA PHE A 127 -5.12 0.70 8.37
C PHE A 127 -4.43 -0.16 7.31
N GLN A 128 -4.37 -1.46 7.57
CA GLN A 128 -3.70 -2.40 6.69
C GLN A 128 -4.71 -3.45 6.22
N VAL A 129 -4.92 -3.49 4.90
CA VAL A 129 -5.92 -4.37 4.31
C VAL A 129 -5.25 -5.44 3.46
N GLN A 130 -5.84 -6.62 3.40
CA GLN A 130 -5.32 -7.69 2.55
C GLN A 130 -6.20 -7.87 1.32
N ALA A 131 -5.55 -7.94 0.17
CA ALA A 131 -6.26 -8.18 -1.09
C ALA A 131 -5.67 -9.41 -1.78
N SER A 132 -6.53 -10.32 -2.17
CA SER A 132 -6.08 -11.57 -2.78
C SER A 132 -5.98 -11.43 -4.30
N GLU A 133 -7.06 -11.03 -4.95
CA GLU A 133 -7.04 -10.86 -6.40
C GLU A 133 -7.36 -9.43 -6.79
N MET A 134 -7.32 -9.16 -8.10
CA MET A 134 -7.54 -7.82 -8.62
C MET A 134 -8.97 -7.33 -8.36
N SER A 135 -9.91 -8.26 -8.29
CA SER A 135 -11.31 -7.91 -8.05
C SER A 135 -11.52 -7.59 -6.57
N ASP A 136 -10.58 -8.00 -5.74
CA ASP A 136 -10.70 -7.83 -4.29
C ASP A 136 -10.20 -6.45 -3.87
N LEU A 137 -9.26 -5.89 -4.62
CA LEU A 137 -8.72 -4.57 -4.32
C LEU A 137 -9.63 -3.47 -4.88
N ASP A 138 -10.76 -3.90 -5.43
CA ASP A 138 -11.78 -2.99 -5.94
C ASP A 138 -12.30 -2.08 -4.84
N GLU A 139 -12.65 -0.85 -5.23
CA GLU A 139 -13.16 0.17 -4.31
C GLU A 139 -14.26 -0.35 -3.38
N LYS A 140 -14.96 -1.42 -3.81
CA LYS A 140 -16.03 -2.04 -3.02
C LYS A 140 -15.61 -2.26 -1.57
N SER A 141 -14.33 -2.50 -1.34
CA SER A 141 -13.81 -2.60 0.03
C SER A 141 -12.92 -1.41 0.34
N VAL A 142 -11.84 -1.27 -0.43
CA VAL A 142 -10.78 -0.31 -0.13
C VAL A 142 -11.30 1.12 0.02
N LYS A 143 -11.89 1.64 -1.05
CA LYS A 143 -12.32 3.05 -1.10
C LYS A 143 -13.32 3.36 0.00
N SER A 144 -14.36 2.55 0.12
CA SER A 144 -15.42 2.77 1.08
C SER A 144 -14.93 2.57 2.52
N ASP A 145 -13.84 1.81 2.66
CA ASP A 145 -13.30 1.53 3.99
C ASP A 145 -12.43 2.68 4.46
N LEU A 146 -11.47 3.07 3.63
CA LEU A 146 -10.51 4.11 3.99
C LEU A 146 -11.20 5.45 4.23
N MET A 147 -12.33 5.66 3.55
CA MET A 147 -13.11 6.89 3.71
C MET A 147 -13.60 7.02 5.15
N SER A 148 -14.01 5.90 5.73
CA SER A 148 -14.49 5.88 7.10
C SER A 148 -13.31 5.86 8.06
N ASN A 149 -12.26 5.12 7.69
CA ASN A 149 -11.10 4.93 8.55
C ASN A 149 -10.17 6.13 8.52
N GLN A 150 -10.60 7.20 7.86
CA GLN A 150 -9.85 8.45 7.84
C GLN A 150 -9.72 9.04 9.24
N ARG A 151 -10.68 8.71 10.11
CA ARG A 151 -10.59 9.06 11.52
C ARG A 151 -11.51 8.19 12.37
N ILE A 152 -10.92 7.18 12.97
CA ILE A 152 -11.60 6.30 13.90
C ILE A 152 -10.70 6.04 15.10
N MET A 1 4.84 -14.54 8.76
CA MET A 1 4.52 -13.22 9.36
C MET A 1 5.26 -13.06 10.68
N ALA A 2 6.43 -12.43 10.63
CA ALA A 2 7.24 -12.20 11.82
C ALA A 2 8.39 -11.25 11.53
N SER A 3 9.56 -11.80 11.26
CA SER A 3 10.75 -11.02 10.98
C SER A 3 11.74 -11.84 10.16
N GLY A 4 12.79 -11.19 9.69
CA GLY A 4 13.79 -11.88 8.91
C GLY A 4 14.15 -11.10 7.67
N VAL A 5 13.21 -10.30 7.19
CA VAL A 5 13.42 -9.49 6.01
C VAL A 5 14.03 -8.15 6.40
N LYS A 6 14.94 -7.68 5.57
CA LYS A 6 15.68 -6.46 5.85
C LYS A 6 14.89 -5.23 5.42
N VAL A 7 14.78 -4.29 6.33
CA VAL A 7 14.13 -3.03 6.04
C VAL A 7 15.13 -2.02 5.51
N ASP A 8 15.12 -1.83 4.19
CA ASP A 8 16.08 -0.93 3.57
C ASP A 8 15.52 0.49 3.54
N PRO A 9 16.27 1.46 4.07
CA PRO A 9 15.82 2.87 4.19
C PRO A 9 15.48 3.52 2.86
N SER A 10 15.88 2.89 1.74
CA SER A 10 15.59 3.44 0.42
C SER A 10 14.08 3.53 0.19
N CYS A 11 13.33 2.61 0.79
CA CYS A 11 11.88 2.62 0.64
C CYS A 11 11.27 3.60 1.65
N LYS A 12 11.87 3.69 2.83
CA LYS A 12 11.38 4.58 3.87
C LYS A 12 11.59 6.04 3.47
N ASN A 13 12.75 6.34 2.88
CA ASN A 13 13.07 7.69 2.43
C ASN A 13 12.07 8.13 1.37
N ALA A 14 11.65 7.18 0.54
CA ALA A 14 10.68 7.47 -0.52
C ALA A 14 9.28 7.56 0.08
N TYR A 15 9.05 6.80 1.13
CA TYR A 15 7.77 6.83 1.84
C TYR A 15 7.58 8.17 2.54
N ASP A 16 8.62 8.66 3.21
CA ASP A 16 8.55 9.94 3.91
C ASP A 16 8.21 11.06 2.95
N LEU A 17 8.68 10.93 1.71
CA LEU A 17 8.39 11.91 0.67
C LEU A 17 6.88 12.03 0.44
N LEU A 18 6.18 10.91 0.41
CA LEU A 18 4.73 10.92 0.22
C LEU A 18 3.99 11.13 1.54
N HIS A 19 4.58 10.63 2.62
CA HIS A 19 3.95 10.73 3.94
C HIS A 19 3.93 12.16 4.44
N ASN A 20 5.06 12.84 4.37
CA ASN A 20 5.18 14.18 4.91
C ASN A 20 4.94 15.22 3.81
N LYS A 21 5.88 15.28 2.87
CA LYS A 21 5.83 16.27 1.79
C LYS A 21 4.65 16.01 0.87
N HIS A 22 4.25 14.75 0.77
CA HIS A 22 3.20 14.33 -0.16
C HIS A 22 3.63 14.57 -1.59
N GLN A 23 4.91 14.34 -1.84
CA GLN A 23 5.48 14.46 -3.17
C GLN A 23 4.93 13.36 -4.06
N HIS A 24 4.75 12.18 -3.48
CA HIS A 24 4.22 11.03 -4.23
C HIS A 24 2.80 10.76 -3.75
N SER A 25 2.03 10.06 -4.56
CA SER A 25 0.68 9.69 -4.17
C SER A 25 0.62 8.20 -3.84
N TYR A 26 1.32 7.41 -4.65
CA TYR A 26 1.34 5.97 -4.44
C TYR A 26 2.73 5.41 -4.67
N ILE A 27 3.04 4.33 -3.99
CA ILE A 27 4.31 3.64 -4.18
C ILE A 27 4.12 2.13 -4.05
N ILE A 28 4.77 1.39 -4.93
CA ILE A 28 4.70 -0.07 -4.90
C ILE A 28 5.97 -0.63 -4.25
N PHE A 29 5.83 -1.69 -3.46
CA PHE A 29 6.96 -2.29 -2.75
C PHE A 29 7.10 -3.76 -3.11
N LYS A 30 8.32 -4.28 -3.06
CA LYS A 30 8.54 -5.72 -3.18
C LYS A 30 9.78 -6.15 -2.42
N ILE A 31 9.72 -7.35 -1.85
CA ILE A 31 10.88 -7.95 -1.23
C ILE A 31 11.80 -8.51 -2.31
N ASP A 32 13.05 -8.07 -2.32
CA ASP A 32 13.95 -8.43 -3.39
C ASP A 32 15.30 -8.89 -2.83
N LYS A 33 16.23 -9.21 -3.74
CA LYS A 33 17.61 -9.66 -3.44
C LYS A 33 17.66 -10.88 -2.49
N ASN A 34 18.79 -11.59 -2.54
CA ASN A 34 18.96 -12.85 -1.82
C ASN A 34 19.05 -12.62 -0.31
N ASP A 35 19.49 -11.44 0.09
CA ASP A 35 19.56 -11.10 1.51
C ASP A 35 18.22 -10.58 1.99
N THR A 36 17.21 -10.72 1.13
CA THR A 36 15.81 -10.37 1.43
C THR A 36 15.67 -8.97 2.02
N ALA A 37 15.56 -7.98 1.14
CA ALA A 37 15.39 -6.61 1.58
C ALA A 37 14.18 -5.97 0.90
N ILE A 38 13.50 -5.10 1.61
CA ILE A 38 12.34 -4.41 1.08
C ILE A 38 12.79 -3.18 0.30
N VAL A 39 12.40 -3.12 -0.96
CA VAL A 39 12.82 -2.02 -1.82
C VAL A 39 11.65 -1.56 -2.69
N VAL A 40 11.78 -0.34 -3.23
CA VAL A 40 10.73 0.27 -4.03
C VAL A 40 10.58 -0.43 -5.38
N GLU A 41 9.33 -0.63 -5.78
CA GLU A 41 9.02 -1.19 -7.08
C GLU A 41 8.71 -0.07 -8.07
N LYS A 42 7.86 0.87 -7.66
CA LYS A 42 7.43 1.95 -8.53
C LYS A 42 6.82 3.08 -7.70
N VAL A 43 7.29 4.29 -7.94
CA VAL A 43 6.72 5.47 -7.28
C VAL A 43 5.82 6.24 -8.24
N GLY A 44 4.74 6.79 -7.72
CA GLY A 44 3.85 7.62 -8.51
C GLY A 44 3.61 8.95 -7.84
N GLU A 45 3.53 10.00 -8.63
CA GLU A 45 3.44 11.37 -8.11
C GLU A 45 2.00 11.68 -7.69
N LYS A 46 1.83 12.75 -6.91
CA LYS A 46 0.49 13.11 -6.41
C LYS A 46 -0.43 13.56 -7.55
N ASN A 47 0.15 13.96 -8.66
CA ASN A 47 -0.62 14.41 -9.81
C ASN A 47 -0.95 13.24 -10.74
N ALA A 48 -0.50 12.05 -10.36
CA ALA A 48 -0.75 10.85 -11.14
C ALA A 48 -2.01 10.16 -10.65
N PRO A 49 -2.93 9.84 -11.57
CA PRO A 49 -4.22 9.22 -11.22
C PRO A 49 -4.05 7.80 -10.70
N TYR A 50 -4.94 7.39 -9.80
CA TYR A 50 -4.89 6.04 -9.25
C TYR A 50 -5.15 5.00 -10.34
N ALA A 51 -5.77 5.45 -11.43
CA ALA A 51 -5.99 4.62 -12.60
C ALA A 51 -4.67 4.12 -13.18
N GLU A 52 -3.65 4.98 -13.16
CA GLU A 52 -2.34 4.62 -13.68
C GLU A 52 -1.65 3.65 -12.72
N PHE A 53 -1.91 3.82 -11.42
CA PHE A 53 -1.44 2.88 -10.41
C PHE A 53 -1.95 1.48 -10.72
N VAL A 54 -3.22 1.39 -11.05
CA VAL A 54 -3.82 0.11 -11.41
C VAL A 54 -3.14 -0.49 -12.62
N GLU A 55 -3.00 0.32 -13.68
CA GLU A 55 -2.38 -0.13 -14.93
C GLU A 55 -0.98 -0.70 -14.73
N GLU A 56 -0.18 -0.01 -13.93
CA GLU A 56 1.20 -0.44 -13.67
C GLU A 56 1.26 -1.82 -13.04
N MET A 57 0.39 -2.08 -12.08
CA MET A 57 0.34 -3.39 -11.43
C MET A 57 -0.40 -4.39 -12.31
N LYS A 58 -1.39 -3.89 -13.04
CA LYS A 58 -2.23 -4.70 -13.91
C LYS A 58 -1.39 -5.47 -14.92
N LYS A 59 -0.48 -4.78 -15.60
CA LYS A 59 0.32 -5.40 -16.65
C LYS A 59 1.17 -6.55 -16.10
N LEU A 60 1.54 -6.44 -14.83
CA LEU A 60 2.36 -7.48 -14.18
C LEU A 60 1.49 -8.59 -13.61
N VAL A 61 0.43 -8.22 -12.89
CA VAL A 61 -0.36 -9.18 -12.12
C VAL A 61 -1.16 -10.13 -13.02
N GLU A 62 -1.44 -9.71 -14.25
CA GLU A 62 -2.22 -10.53 -15.18
C GLU A 62 -1.49 -11.81 -15.55
N ASP A 63 -0.19 -11.87 -15.24
CA ASP A 63 0.59 -13.08 -15.43
C ASP A 63 0.05 -14.19 -14.52
N GLY A 64 -0.55 -13.79 -13.41
CA GLY A 64 -1.17 -14.73 -12.51
C GLY A 64 -0.25 -15.16 -11.39
N LYS A 65 1.04 -15.21 -11.69
CA LYS A 65 2.04 -15.65 -10.72
C LYS A 65 2.73 -14.44 -10.10
N GLU A 66 1.94 -13.52 -9.55
CA GLU A 66 2.48 -12.30 -8.97
C GLU A 66 1.84 -11.96 -7.64
N CYS A 67 2.56 -11.14 -6.88
CA CYS A 67 2.12 -10.69 -5.57
C CYS A 67 2.98 -9.49 -5.18
N ARG A 68 2.35 -8.38 -4.80
CA ARG A 68 3.10 -7.14 -4.60
C ARG A 68 2.46 -6.26 -3.52
N TYR A 69 3.31 -5.49 -2.84
CA TYR A 69 2.83 -4.54 -1.82
C TYR A 69 2.44 -3.23 -2.48
N ALA A 70 1.37 -2.62 -2.01
CA ALA A 70 0.93 -1.34 -2.56
C ALA A 70 0.55 -0.37 -1.45
N ALA A 71 0.93 0.89 -1.60
CA ALA A 71 0.58 1.93 -0.65
C ALA A 71 0.20 3.20 -1.39
N VAL A 72 -0.90 3.82 -0.98
CA VAL A 72 -1.39 5.01 -1.68
C VAL A 72 -2.05 6.00 -0.71
N ASP A 73 -1.70 7.28 -0.85
CA ASP A 73 -2.34 8.36 -0.10
C ASP A 73 -3.53 8.85 -0.90
N VAL A 74 -4.73 8.58 -0.39
CA VAL A 74 -5.95 8.94 -1.09
C VAL A 74 -6.81 9.87 -0.24
N GLU A 75 -7.35 10.89 -0.88
CA GLU A 75 -8.20 11.87 -0.20
C GLU A 75 -9.66 11.71 -0.61
N VAL A 76 -10.54 11.71 0.37
CA VAL A 76 -11.97 11.57 0.13
C VAL A 76 -12.72 12.80 0.63
N THR A 77 -13.61 13.33 -0.20
CA THR A 77 -14.40 14.49 0.18
C THR A 77 -15.78 14.06 0.69
N VAL A 78 -16.07 14.39 1.94
CA VAL A 78 -17.33 14.04 2.58
C VAL A 78 -17.78 15.14 3.51
N GLN A 79 -18.84 14.91 4.25
CA GLN A 79 -19.18 15.76 5.38
C GLN A 79 -19.17 14.94 6.66
N ARG A 80 -18.14 15.13 7.47
CA ARG A 80 -18.00 14.42 8.73
C ARG A 80 -17.60 15.43 9.80
N GLN A 81 -17.26 14.95 10.99
CA GLN A 81 -16.78 15.83 12.05
C GLN A 81 -15.51 16.55 11.62
N GLY A 82 -15.54 17.87 11.72
CA GLY A 82 -14.39 18.66 11.34
C GLY A 82 -14.76 19.74 10.34
N ALA A 83 -15.69 19.41 9.45
CA ALA A 83 -16.14 20.35 8.44
C ALA A 83 -17.61 20.11 8.12
N GLU A 84 -18.39 21.17 8.11
CA GLU A 84 -19.83 21.08 7.88
C GLU A 84 -20.15 21.18 6.40
N GLY A 85 -19.12 21.34 5.59
CA GLY A 85 -19.31 21.45 4.16
C GLY A 85 -18.58 20.35 3.43
N THR A 86 -17.27 20.49 3.30
CA THR A 86 -16.45 19.49 2.65
C THR A 86 -15.31 19.04 3.56
N SER A 87 -15.53 17.96 4.28
CA SER A 87 -14.51 17.34 5.09
C SER A 87 -13.68 16.44 4.18
N THR A 88 -12.49 16.89 3.85
CA THR A 88 -11.63 16.16 2.93
C THR A 88 -10.35 15.75 3.62
N LEU A 89 -10.18 14.45 3.82
CA LEU A 89 -9.00 13.92 4.47
C LEU A 89 -8.27 13.00 3.51
N ASN A 90 -6.95 12.99 3.59
CA ASN A 90 -6.16 12.07 2.80
C ASN A 90 -5.36 11.16 3.71
N LYS A 91 -5.46 9.87 3.47
CA LYS A 91 -4.77 8.88 4.28
C LYS A 91 -3.95 7.96 3.40
N VAL A 92 -2.72 7.71 3.80
CA VAL A 92 -1.89 6.74 3.11
C VAL A 92 -2.25 5.33 3.59
N ILE A 93 -2.99 4.63 2.75
CA ILE A 93 -3.45 3.29 3.08
C ILE A 93 -2.56 2.24 2.42
N PHE A 94 -2.28 1.18 3.13
CA PHE A 94 -1.46 0.10 2.61
C PHE A 94 -2.35 -1.07 2.19
N VAL A 95 -2.28 -1.44 0.93
CA VAL A 95 -3.08 -2.53 0.41
C VAL A 95 -2.17 -3.63 -0.13
N GLN A 96 -2.01 -4.69 0.65
CA GLN A 96 -1.16 -5.79 0.24
C GLN A 96 -1.92 -6.75 -0.67
N TYR A 97 -1.50 -6.85 -1.91
CA TYR A 97 -2.14 -7.71 -2.87
C TYR A 97 -1.57 -9.11 -2.78
N CYS A 98 -2.36 -10.03 -2.27
CA CYS A 98 -1.93 -11.41 -2.06
C CYS A 98 -3.10 -12.38 -2.21
N PRO A 99 -3.23 -13.00 -3.39
CA PRO A 99 -4.27 -13.98 -3.65
C PRO A 99 -4.04 -15.27 -2.85
N ASP A 100 -5.12 -16.00 -2.57
CA ASP A 100 -5.02 -17.23 -1.79
C ASP A 100 -4.30 -18.32 -2.58
N ASN A 101 -4.26 -18.15 -3.90
CA ASN A 101 -3.65 -19.13 -4.78
C ASN A 101 -2.16 -18.84 -4.98
N ALA A 102 -1.68 -17.78 -4.35
CA ALA A 102 -0.27 -17.43 -4.44
C ALA A 102 0.60 -18.50 -3.80
N PRO A 103 1.62 -18.98 -4.51
CA PRO A 103 2.52 -20.04 -4.03
C PRO A 103 3.04 -19.78 -2.62
N VAL A 104 2.88 -20.77 -1.75
CA VAL A 104 3.29 -20.67 -0.35
C VAL A 104 4.77 -20.31 -0.24
N ARG A 105 5.58 -20.93 -1.09
CA ARG A 105 7.02 -20.68 -1.09
C ARG A 105 7.32 -19.20 -1.32
N ARG A 106 6.53 -18.56 -2.18
CA ARG A 106 6.77 -17.16 -2.52
C ARG A 106 6.06 -16.24 -1.52
N ARG A 107 4.85 -16.63 -1.12
CA ARG A 107 4.03 -15.77 -0.28
C ARG A 107 4.48 -15.80 1.19
N MET A 108 5.19 -16.85 1.58
CA MET A 108 5.69 -16.95 2.95
C MET A 108 6.67 -15.80 3.24
N LEU A 109 7.52 -15.51 2.26
CA LEU A 109 8.44 -14.37 2.37
C LEU A 109 7.64 -13.07 2.41
N TYR A 110 6.65 -12.99 1.51
CA TYR A 110 5.77 -11.83 1.42
C TYR A 110 5.07 -11.57 2.76
N ALA A 111 4.46 -12.61 3.30
CA ALA A 111 3.70 -12.50 4.53
C ALA A 111 4.59 -12.16 5.72
N SER A 112 5.82 -12.63 5.70
CA SER A 112 6.74 -12.40 6.80
C SER A 112 7.33 -10.99 6.73
N SER A 113 7.45 -10.45 5.52
CA SER A 113 8.00 -9.13 5.34
C SER A 113 6.99 -8.04 5.70
N VAL A 114 5.71 -8.42 5.77
CA VAL A 114 4.64 -7.49 6.08
C VAL A 114 4.91 -6.75 7.40
N ARG A 115 5.10 -7.51 8.48
CA ARG A 115 5.28 -6.94 9.80
C ARG A 115 6.50 -6.01 9.83
N ALA A 116 7.53 -6.38 9.07
CA ALA A 116 8.77 -5.61 9.06
C ALA A 116 8.54 -4.19 8.53
N LEU A 117 7.93 -4.10 7.35
CA LEU A 117 7.71 -2.80 6.72
C LEU A 117 6.57 -2.04 7.40
N LYS A 118 5.59 -2.76 7.90
CA LYS A 118 4.43 -2.14 8.51
C LYS A 118 4.82 -1.41 9.80
N ALA A 119 5.57 -2.08 10.66
CA ALA A 119 5.93 -1.52 11.95
C ALA A 119 7.01 -0.45 11.83
N SER A 120 8.08 -0.78 11.12
CA SER A 120 9.27 0.07 11.08
C SER A 120 9.11 1.30 10.17
N LEU A 121 8.12 1.28 9.28
CA LEU A 121 7.91 2.43 8.41
C LEU A 121 6.92 3.41 9.04
N GLY A 122 6.45 3.07 10.23
CA GLY A 122 5.58 3.98 10.95
C GLY A 122 4.12 3.84 10.56
N LEU A 123 3.74 2.67 10.08
CA LEU A 123 2.35 2.42 9.71
C LEU A 123 1.63 1.74 10.87
N GLU A 124 2.20 1.86 12.06
CA GLU A 124 1.65 1.24 13.25
C GLU A 124 0.18 1.59 13.47
N SER A 125 -0.15 2.87 13.38
CA SER A 125 -1.51 3.33 13.59
C SER A 125 -2.20 3.66 12.27
N LEU A 126 -1.62 3.18 11.17
CA LEU A 126 -2.16 3.44 9.85
C LEU A 126 -3.07 2.30 9.39
N PHE A 127 -3.56 2.41 8.17
CA PHE A 127 -4.55 1.45 7.67
C PHE A 127 -3.89 0.45 6.71
N GLN A 128 -3.99 -0.82 7.06
CA GLN A 128 -3.46 -1.88 6.20
C GLN A 128 -4.58 -2.84 5.82
N VAL A 129 -4.83 -2.96 4.53
CA VAL A 129 -5.87 -3.85 4.02
C VAL A 129 -5.24 -4.87 3.08
N GLN A 130 -5.77 -6.08 3.06
CA GLN A 130 -5.26 -7.12 2.18
C GLN A 130 -6.24 -7.38 1.04
N ALA A 131 -5.71 -7.44 -0.17
CA ALA A 131 -6.53 -7.69 -1.35
C ALA A 131 -6.13 -9.01 -1.99
N SER A 132 -7.11 -9.74 -2.50
CA SER A 132 -6.84 -11.05 -3.10
C SER A 132 -7.16 -11.04 -4.59
N GLU A 133 -8.42 -10.85 -4.92
CA GLU A 133 -8.86 -10.78 -6.32
C GLU A 133 -8.59 -9.38 -6.86
N MET A 134 -8.42 -9.27 -8.17
CA MET A 134 -8.14 -7.98 -8.81
C MET A 134 -9.30 -7.01 -8.61
N SER A 135 -10.50 -7.55 -8.62
CA SER A 135 -11.71 -6.75 -8.40
C SER A 135 -11.92 -6.49 -6.92
N ASP A 136 -11.22 -7.26 -6.09
CA ASP A 136 -11.42 -7.25 -4.64
C ASP A 136 -10.97 -5.93 -4.02
N LEU A 137 -9.96 -5.29 -4.60
CA LEU A 137 -9.46 -4.02 -4.06
C LEU A 137 -10.07 -2.82 -4.78
N ASP A 138 -11.11 -3.06 -5.57
CA ASP A 138 -11.80 -1.97 -6.24
C ASP A 138 -12.36 -1.01 -5.21
N GLU A 139 -12.36 0.28 -5.55
CA GLU A 139 -12.77 1.34 -4.63
C GLU A 139 -14.14 1.06 -3.99
N LYS A 140 -14.97 0.23 -4.65
CA LYS A 140 -16.28 -0.15 -4.10
C LYS A 140 -16.14 -0.74 -2.70
N SER A 141 -15.00 -1.35 -2.40
CA SER A 141 -14.76 -1.86 -1.06
C SER A 141 -13.75 -0.98 -0.34
N VAL A 142 -12.54 -0.89 -0.89
CA VAL A 142 -11.43 -0.23 -0.22
C VAL A 142 -11.71 1.25 0.08
N LYS A 143 -12.06 2.01 -0.95
CA LYS A 143 -12.25 3.45 -0.79
C LYS A 143 -13.46 3.75 0.10
N SER A 144 -14.49 2.93 0.00
CA SER A 144 -15.68 3.07 0.83
C SER A 144 -15.38 2.68 2.28
N ASP A 145 -14.55 1.66 2.46
CA ASP A 145 -14.22 1.15 3.78
C ASP A 145 -13.29 2.09 4.52
N LEU A 146 -12.30 2.62 3.80
CA LEU A 146 -11.34 3.55 4.41
C LEU A 146 -12.01 4.87 4.73
N MET A 147 -13.13 5.14 4.10
CA MET A 147 -13.88 6.37 4.34
C MET A 147 -14.49 6.32 5.75
N SER A 148 -15.09 5.20 6.09
CA SER A 148 -15.71 5.02 7.40
C SER A 148 -14.65 5.00 8.49
N ASN A 149 -13.53 4.37 8.20
CA ASN A 149 -12.46 4.20 9.18
C ASN A 149 -11.42 5.30 9.07
N GLN A 150 -11.76 6.36 8.35
CA GLN A 150 -10.81 7.40 7.98
C GLN A 150 -10.29 8.16 9.21
N ARG A 151 -11.10 8.28 10.26
CA ARG A 151 -10.69 9.05 11.44
C ARG A 151 -11.41 8.59 12.71
N ILE A 152 -11.89 7.36 12.71
CA ILE A 152 -12.64 6.83 13.85
C ILE A 152 -11.73 6.59 15.05
N MET A 1 5.57 -15.56 9.30
CA MET A 1 5.15 -14.14 9.22
C MET A 1 6.08 -13.24 10.02
N ALA A 2 7.17 -13.81 10.53
CA ALA A 2 8.13 -13.05 11.30
C ALA A 2 9.49 -13.74 11.28
N SER A 3 10.54 -12.95 11.12
CA SER A 3 11.90 -13.48 11.10
C SER A 3 12.91 -12.34 11.30
N GLY A 4 13.04 -11.49 10.29
CA GLY A 4 13.95 -10.36 10.39
C GLY A 4 14.28 -9.76 9.05
N VAL A 5 13.25 -9.44 8.29
CA VAL A 5 13.43 -8.82 6.97
C VAL A 5 13.73 -7.34 7.15
N LYS A 6 14.86 -6.91 6.62
CA LYS A 6 15.34 -5.55 6.85
C LYS A 6 14.62 -4.55 5.94
N VAL A 7 14.32 -3.39 6.50
CA VAL A 7 13.65 -2.34 5.74
C VAL A 7 14.66 -1.35 5.17
N ASP A 8 14.38 -0.87 3.97
CA ASP A 8 15.26 0.05 3.27
C ASP A 8 14.94 1.50 3.59
N PRO A 9 15.99 2.32 3.82
CA PRO A 9 15.84 3.74 4.16
C PRO A 9 15.30 4.59 3.00
N SER A 10 15.40 4.07 1.78
CA SER A 10 14.92 4.80 0.60
C SER A 10 13.39 4.81 0.59
N CYS A 11 12.79 3.68 0.94
CA CYS A 11 11.34 3.58 1.10
C CYS A 11 10.87 4.54 2.18
N LYS A 12 11.63 4.63 3.26
CA LYS A 12 11.32 5.54 4.36
C LYS A 12 11.49 6.99 3.91
N ASN A 13 12.51 7.22 3.09
CA ASN A 13 12.76 8.54 2.51
C ASN A 13 11.53 8.99 1.73
N ALA A 14 10.90 8.05 1.03
CA ALA A 14 9.72 8.35 0.24
C ALA A 14 8.49 8.47 1.13
N TYR A 15 8.47 7.68 2.20
CA TYR A 15 7.37 7.70 3.16
C TYR A 15 7.20 9.09 3.75
N ASP A 16 8.29 9.71 4.17
CA ASP A 16 8.23 11.04 4.78
C ASP A 16 7.62 12.04 3.82
N LEU A 17 7.93 11.88 2.54
CA LEU A 17 7.43 12.79 1.52
C LEU A 17 5.92 12.65 1.34
N LEU A 18 5.41 11.43 1.44
CA LEU A 18 3.97 11.21 1.31
C LEU A 18 3.26 11.46 2.64
N HIS A 19 3.96 11.27 3.75
CA HIS A 19 3.40 11.49 5.07
C HIS A 19 3.17 12.98 5.33
N ASN A 20 4.22 13.77 5.12
CA ASN A 20 4.13 15.20 5.41
C ASN A 20 3.61 15.98 4.21
N LYS A 21 4.32 15.88 3.09
CA LYS A 21 4.01 16.69 1.91
C LYS A 21 2.88 16.06 1.09
N HIS A 22 2.71 14.75 1.23
CA HIS A 22 1.79 13.99 0.38
C HIS A 22 2.21 14.17 -1.08
N GLN A 23 3.53 14.23 -1.27
CA GLN A 23 4.12 14.49 -2.58
C GLN A 23 3.89 13.31 -3.53
N HIS A 24 3.74 12.13 -2.96
CA HIS A 24 3.50 10.93 -3.75
C HIS A 24 2.15 10.33 -3.37
N SER A 25 1.26 10.22 -4.34
CA SER A 25 -0.06 9.64 -4.09
C SER A 25 -0.01 8.13 -4.03
N TYR A 26 0.96 7.51 -4.70
CA TYR A 26 1.08 6.07 -4.64
C TYR A 26 2.54 5.63 -4.76
N ILE A 27 2.85 4.52 -4.11
CA ILE A 27 4.13 3.87 -4.25
C ILE A 27 3.95 2.35 -4.21
N ILE A 28 4.69 1.63 -5.03
CA ILE A 28 4.55 0.19 -5.10
C ILE A 28 5.70 -0.50 -4.36
N PHE A 29 5.37 -1.47 -3.53
CA PHE A 29 6.36 -2.20 -2.76
C PHE A 29 6.72 -3.51 -3.46
N LYS A 30 8.00 -3.83 -3.45
CA LYS A 30 8.49 -5.03 -4.07
C LYS A 30 9.50 -5.69 -3.13
N ILE A 31 9.30 -6.96 -2.83
CA ILE A 31 10.25 -7.66 -1.98
C ILE A 31 11.38 -8.23 -2.84
N ASP A 32 12.57 -7.71 -2.62
CA ASP A 32 13.73 -8.06 -3.41
C ASP A 32 14.87 -8.43 -2.48
N LYS A 33 16.08 -8.55 -3.03
CA LYS A 33 17.27 -8.91 -2.26
C LYS A 33 17.19 -10.36 -1.80
N ASN A 34 18.21 -11.15 -2.13
CA ASN A 34 18.26 -12.54 -1.68
C ASN A 34 18.39 -12.60 -0.15
N ASP A 35 18.98 -11.54 0.40
CA ASP A 35 19.06 -11.36 1.85
C ASP A 35 17.70 -10.90 2.41
N THR A 36 16.71 -10.83 1.50
CA THR A 36 15.34 -10.40 1.81
C THR A 36 15.28 -9.01 2.42
N ALA A 37 14.94 -8.03 1.59
CA ALA A 37 14.84 -6.65 2.04
C ALA A 37 13.71 -5.93 1.32
N ILE A 38 13.16 -4.92 1.98
CA ILE A 38 12.12 -4.10 1.40
C ILE A 38 12.72 -3.12 0.39
N VAL A 39 12.10 -2.98 -0.77
CA VAL A 39 12.59 -2.03 -1.76
C VAL A 39 11.43 -1.47 -2.59
N VAL A 40 11.63 -0.28 -3.14
CA VAL A 40 10.64 0.36 -3.98
C VAL A 40 10.72 -0.17 -5.41
N GLU A 41 9.58 -0.59 -5.94
CA GLU A 41 9.53 -1.01 -7.33
C GLU A 41 9.20 0.20 -8.21
N LYS A 42 8.16 0.92 -7.83
CA LYS A 42 7.73 2.12 -8.54
C LYS A 42 7.11 3.11 -7.56
N VAL A 43 7.10 4.38 -7.92
CA VAL A 43 6.50 5.41 -7.10
C VAL A 43 5.89 6.49 -8.02
N GLY A 44 4.74 7.01 -7.64
CA GLY A 44 4.07 7.99 -8.46
C GLY A 44 3.98 9.34 -7.78
N GLU A 45 3.48 10.33 -8.50
CA GLU A 45 3.38 11.69 -7.99
C GLU A 45 2.01 11.93 -7.37
N LYS A 46 1.79 13.13 -6.84
CA LYS A 46 0.49 13.50 -6.28
C LYS A 46 -0.44 14.00 -7.39
N ASN A 47 0.06 13.95 -8.61
CA ASN A 47 -0.72 14.34 -9.78
C ASN A 47 -1.27 13.10 -10.45
N ALA A 48 -1.14 11.98 -9.77
CA ALA A 48 -1.55 10.70 -10.33
C ALA A 48 -2.75 10.12 -9.59
N PRO A 49 -3.89 10.00 -10.28
CA PRO A 49 -5.09 9.40 -9.71
C PRO A 49 -5.00 7.87 -9.62
N TYR A 50 -6.09 7.21 -9.27
CA TYR A 50 -6.05 5.78 -9.03
C TYR A 50 -5.85 4.99 -10.32
N ALA A 51 -6.37 5.50 -11.43
CA ALA A 51 -6.20 4.84 -12.73
C ALA A 51 -4.73 4.83 -13.14
N GLU A 52 -4.06 5.95 -12.91
CA GLU A 52 -2.62 6.07 -13.14
C GLU A 52 -1.89 4.96 -12.38
N PHE A 53 -2.25 4.83 -11.10
CA PHE A 53 -1.68 3.80 -10.24
C PHE A 53 -1.97 2.39 -10.77
N VAL A 54 -3.23 2.13 -11.10
CA VAL A 54 -3.65 0.83 -11.60
C VAL A 54 -2.85 0.43 -12.84
N GLU A 55 -2.80 1.32 -13.82
CA GLU A 55 -2.09 1.05 -15.07
C GLU A 55 -0.63 0.65 -14.81
N GLU A 56 0.05 1.45 -14.00
CA GLU A 56 1.46 1.21 -13.70
C GLU A 56 1.64 -0.10 -12.94
N MET A 57 0.64 -0.48 -12.18
CA MET A 57 0.74 -1.66 -11.33
C MET A 57 0.36 -2.95 -12.08
N LYS A 58 -0.80 -2.95 -12.74
CA LYS A 58 -1.38 -4.18 -13.27
C LYS A 58 -0.55 -4.81 -14.38
N LYS A 59 0.30 -4.03 -15.04
CA LYS A 59 1.16 -4.58 -16.09
C LYS A 59 2.29 -5.42 -15.47
N LEU A 60 2.63 -5.13 -14.23
CA LEU A 60 3.60 -5.93 -13.48
C LEU A 60 2.89 -7.10 -12.80
N VAL A 61 1.57 -7.03 -12.77
CA VAL A 61 0.74 -8.03 -12.10
C VAL A 61 0.45 -9.21 -13.02
N GLU A 62 0.65 -9.02 -14.33
CA GLU A 62 0.27 -10.00 -15.35
C GLU A 62 0.84 -11.41 -15.09
N ASP A 63 1.85 -11.52 -14.22
CA ASP A 63 2.38 -12.83 -13.85
C ASP A 63 1.33 -13.63 -13.09
N GLY A 64 0.27 -12.95 -12.65
CA GLY A 64 -0.85 -13.61 -12.02
C GLY A 64 -0.64 -13.85 -10.55
N LYS A 65 0.27 -14.75 -10.25
CA LYS A 65 0.54 -15.14 -8.87
C LYS A 65 1.59 -14.21 -8.26
N GLU A 66 1.17 -12.97 -8.04
CA GLU A 66 2.05 -11.93 -7.53
C GLU A 66 1.90 -11.74 -6.03
N CYS A 67 2.88 -11.06 -5.45
CA CYS A 67 2.82 -10.63 -4.07
C CYS A 67 3.49 -9.27 -3.95
N ARG A 68 2.78 -8.29 -3.41
CA ARG A 68 3.29 -6.94 -3.30
C ARG A 68 2.35 -6.06 -2.49
N TYR A 69 2.91 -5.10 -1.77
CA TYR A 69 2.11 -4.13 -1.04
C TYR A 69 1.90 -2.89 -1.90
N ALA A 70 0.71 -2.33 -1.82
CA ALA A 70 0.38 -1.12 -2.55
C ALA A 70 -0.01 -0.02 -1.59
N ALA A 71 0.69 1.10 -1.66
CA ALA A 71 0.40 2.23 -0.79
C ALA A 71 -0.12 3.40 -1.60
N VAL A 72 -1.34 3.83 -1.29
CA VAL A 72 -1.96 4.94 -2.01
C VAL A 72 -2.63 5.91 -1.04
N ASP A 73 -2.32 7.19 -1.19
CA ASP A 73 -2.89 8.26 -0.37
C ASP A 73 -3.94 9.00 -1.16
N VAL A 74 -5.15 9.02 -0.65
CA VAL A 74 -6.25 9.71 -1.30
C VAL A 74 -7.05 10.51 -0.29
N GLU A 75 -7.37 11.75 -0.64
CA GLU A 75 -8.13 12.62 0.23
C GLU A 75 -9.61 12.54 -0.10
N VAL A 76 -10.37 11.88 0.76
CA VAL A 76 -11.79 11.73 0.56
C VAL A 76 -12.55 12.73 1.41
N THR A 77 -13.43 13.50 0.78
CA THR A 77 -14.24 14.45 1.51
C THR A 77 -15.43 13.75 2.13
N VAL A 78 -15.51 13.82 3.44
CA VAL A 78 -16.57 13.19 4.17
C VAL A 78 -17.04 14.11 5.29
N GLN A 79 -18.27 13.95 5.74
CA GLN A 79 -18.73 14.70 6.88
C GLN A 79 -18.31 14.01 8.17
N ARG A 80 -17.32 14.58 8.84
CA ARG A 80 -16.86 14.08 10.12
C ARG A 80 -16.95 15.20 11.13
N GLN A 81 -16.94 14.88 12.41
CA GLN A 81 -17.08 15.90 13.43
C GLN A 81 -15.89 16.85 13.41
N GLY A 82 -16.18 18.10 13.09
CA GLY A 82 -15.14 19.07 12.86
C GLY A 82 -15.49 19.93 11.66
N ALA A 83 -16.25 19.34 10.73
CA ALA A 83 -16.72 20.05 9.56
C ALA A 83 -18.14 19.59 9.22
N GLU A 84 -19.09 20.53 9.26
CA GLU A 84 -20.50 20.19 9.08
C GLU A 84 -20.88 20.08 7.61
N GLY A 85 -19.88 20.10 6.75
CA GLY A 85 -20.14 20.02 5.32
C GLY A 85 -19.19 19.07 4.62
N THR A 86 -18.00 19.59 4.29
CA THR A 86 -17.00 18.80 3.60
C THR A 86 -15.68 18.77 4.37
N SER A 87 -15.39 17.64 4.99
CA SER A 87 -14.12 17.43 5.65
C SER A 87 -13.29 16.47 4.83
N THR A 88 -12.29 16.98 4.15
CA THR A 88 -11.46 16.15 3.30
C THR A 88 -10.24 15.67 4.06
N LEU A 89 -10.21 14.37 4.34
CA LEU A 89 -9.08 13.76 5.03
C LEU A 89 -8.40 12.76 4.11
N ASN A 90 -7.13 13.00 3.83
CA ASN A 90 -6.35 12.06 3.01
C ASN A 90 -5.82 10.93 3.86
N LYS A 91 -6.02 9.72 3.37
CA LYS A 91 -5.60 8.53 4.08
C LYS A 91 -4.80 7.62 3.16
N VAL A 92 -3.52 7.44 3.50
CA VAL A 92 -2.68 6.52 2.77
C VAL A 92 -2.93 5.09 3.25
N ILE A 93 -3.57 4.31 2.40
CA ILE A 93 -3.93 2.94 2.75
C ILE A 93 -2.87 1.98 2.22
N PHE A 94 -2.56 0.97 3.01
CA PHE A 94 -1.56 -0.01 2.66
C PHE A 94 -2.25 -1.34 2.34
N VAL A 95 -2.28 -1.69 1.06
CA VAL A 95 -3.01 -2.86 0.61
C VAL A 95 -2.05 -3.99 0.24
N GLN A 96 -2.20 -5.13 0.88
CA GLN A 96 -1.43 -6.31 0.52
C GLN A 96 -2.10 -7.05 -0.65
N TYR A 97 -1.37 -7.17 -1.74
CA TYR A 97 -1.89 -7.85 -2.92
C TYR A 97 -1.19 -9.18 -3.10
N CYS A 98 -1.94 -10.26 -2.92
CA CYS A 98 -1.39 -11.61 -3.05
C CYS A 98 -2.51 -12.66 -3.04
N PRO A 99 -2.73 -13.33 -4.18
CA PRO A 99 -3.70 -14.43 -4.27
C PRO A 99 -3.18 -15.70 -3.59
N ASP A 100 -4.07 -16.66 -3.40
CA ASP A 100 -3.74 -17.90 -2.69
C ASP A 100 -2.87 -18.82 -3.55
N ASN A 101 -2.85 -18.57 -4.85
CA ASN A 101 -2.09 -19.39 -5.78
C ASN A 101 -0.62 -18.95 -5.83
N ALA A 102 -0.29 -17.90 -5.07
CA ALA A 102 1.04 -17.33 -5.08
C ALA A 102 2.10 -18.35 -4.65
N PRO A 103 3.28 -18.32 -5.32
CA PRO A 103 4.40 -19.23 -5.03
C PRO A 103 4.74 -19.30 -3.54
N VAL A 104 4.90 -20.52 -3.05
CA VAL A 104 5.09 -20.79 -1.62
C VAL A 104 6.19 -19.94 -1.01
N ARG A 105 7.40 -20.07 -1.54
CA ARG A 105 8.58 -19.40 -0.99
C ARG A 105 8.43 -17.88 -1.06
N ARG A 106 7.79 -17.40 -2.12
CA ARG A 106 7.68 -15.95 -2.33
C ARG A 106 6.80 -15.33 -1.25
N ARG A 107 5.59 -15.82 -1.09
CA ARG A 107 4.67 -15.25 -0.10
C ARG A 107 5.05 -15.67 1.31
N MET A 108 5.82 -16.75 1.44
CA MET A 108 6.38 -17.10 2.75
C MET A 108 7.30 -16.00 3.24
N LEU A 109 8.19 -15.55 2.37
CA LEU A 109 9.08 -14.43 2.68
C LEU A 109 8.28 -13.14 2.82
N TYR A 110 7.32 -12.98 1.92
CA TYR A 110 6.42 -11.83 1.92
C TYR A 110 5.67 -11.73 3.25
N ALA A 111 5.21 -12.87 3.75
CA ALA A 111 4.51 -12.91 5.03
C ALA A 111 5.45 -12.59 6.18
N SER A 112 6.71 -12.98 6.04
CA SER A 112 7.70 -12.75 7.07
C SER A 112 8.03 -11.26 7.22
N SER A 113 7.85 -10.50 6.16
CA SER A 113 8.13 -9.07 6.17
C SER A 113 6.92 -8.26 6.66
N VAL A 114 5.76 -8.90 6.79
CA VAL A 114 4.53 -8.21 7.15
C VAL A 114 4.68 -7.38 8.42
N ARG A 115 5.06 -8.05 9.52
CA ARG A 115 5.20 -7.39 10.81
C ARG A 115 6.36 -6.39 10.80
N ALA A 116 7.27 -6.56 9.87
CA ALA A 116 8.47 -5.73 9.82
C ALA A 116 8.18 -4.37 9.19
N LEU A 117 7.67 -4.38 7.96
CA LEU A 117 7.45 -3.15 7.22
C LEU A 117 6.31 -2.32 7.80
N LYS A 118 5.34 -2.98 8.41
CA LYS A 118 4.20 -2.29 9.02
C LYS A 118 4.66 -1.34 10.13
N ALA A 119 5.54 -1.82 10.99
CA ALA A 119 6.00 -1.04 12.12
C ALA A 119 7.14 -0.11 11.74
N SER A 120 8.11 -0.65 11.00
CA SER A 120 9.35 0.07 10.70
C SER A 120 9.11 1.29 9.80
N LEU A 121 8.09 1.22 8.93
CA LEU A 121 7.80 2.33 8.04
C LEU A 121 6.82 3.32 8.68
N GLY A 122 6.40 3.01 9.90
CA GLY A 122 5.47 3.89 10.59
C GLY A 122 4.07 3.83 10.00
N LEU A 123 3.62 2.63 9.67
CA LEU A 123 2.30 2.45 9.08
C LEU A 123 1.37 1.81 10.10
N GLU A 124 1.73 1.90 11.36
CA GLU A 124 0.94 1.33 12.45
C GLU A 124 -0.44 1.98 12.53
N SER A 125 -0.45 3.31 12.52
CA SER A 125 -1.69 4.07 12.64
C SER A 125 -2.42 4.18 11.29
N LEU A 126 -1.95 3.44 10.31
CA LEU A 126 -2.56 3.46 8.99
C LEU A 126 -3.33 2.16 8.74
N PHE A 127 -4.12 2.15 7.68
CA PHE A 127 -4.99 1.01 7.39
C PHE A 127 -4.28 0.02 6.48
N GLN A 128 -4.44 -1.26 6.78
CA GLN A 128 -3.85 -2.32 5.97
C GLN A 128 -4.95 -3.30 5.56
N VAL A 129 -5.17 -3.40 4.26
CA VAL A 129 -6.27 -4.21 3.73
C VAL A 129 -5.75 -5.21 2.71
N GLN A 130 -6.37 -6.38 2.65
CA GLN A 130 -5.93 -7.43 1.75
C GLN A 130 -6.76 -7.45 0.46
N ALA A 131 -6.06 -7.61 -0.66
CA ALA A 131 -6.72 -7.75 -1.95
C ALA A 131 -6.15 -8.96 -2.68
N SER A 132 -7.01 -9.72 -3.33
CA SER A 132 -6.57 -10.95 -4.00
C SER A 132 -6.24 -10.69 -5.47
N GLU A 133 -7.23 -10.27 -6.25
CA GLU A 133 -7.02 -10.02 -7.67
C GLU A 133 -7.35 -8.57 -8.05
N MET A 134 -7.22 -8.27 -9.35
CA MET A 134 -7.42 -6.91 -9.87
C MET A 134 -8.86 -6.43 -9.71
N SER A 135 -9.81 -7.35 -9.69
CA SER A 135 -11.21 -6.99 -9.54
C SER A 135 -11.53 -6.76 -8.07
N ASP A 136 -10.67 -7.27 -7.21
CA ASP A 136 -10.88 -7.20 -5.77
C ASP A 136 -10.37 -5.88 -5.21
N LEU A 137 -9.37 -5.31 -5.86
CA LEU A 137 -8.81 -4.03 -5.43
C LEU A 137 -9.68 -2.87 -5.91
N ASP A 138 -10.82 -3.21 -6.48
CA ASP A 138 -11.82 -2.25 -6.91
C ASP A 138 -12.26 -1.39 -5.72
N GLU A 139 -12.56 -0.12 -6.00
CA GLU A 139 -12.97 0.85 -4.99
C GLU A 139 -14.12 0.32 -4.10
N LYS A 140 -14.88 -0.64 -4.63
CA LYS A 140 -16.00 -1.26 -3.90
C LYS A 140 -15.60 -1.67 -2.47
N SER A 141 -14.35 -2.04 -2.28
CA SER A 141 -13.87 -2.36 -0.95
C SER A 141 -12.88 -1.31 -0.46
N VAL A 142 -11.83 -1.07 -1.26
CA VAL A 142 -10.73 -0.19 -0.84
C VAL A 142 -11.22 1.21 -0.49
N LYS A 143 -11.81 1.89 -1.46
CA LYS A 143 -12.21 3.28 -1.30
C LYS A 143 -13.24 3.43 -0.19
N SER A 144 -14.25 2.56 -0.20
CA SER A 144 -15.35 2.66 0.74
C SER A 144 -14.92 2.31 2.17
N ASP A 145 -13.95 1.40 2.31
CA ASP A 145 -13.48 1.00 3.62
C ASP A 145 -12.69 2.12 4.29
N LEU A 146 -11.73 2.69 3.57
CA LEU A 146 -10.91 3.77 4.11
C LEU A 146 -11.74 5.03 4.34
N MET A 147 -12.80 5.16 3.55
CA MET A 147 -13.73 6.28 3.72
C MET A 147 -14.56 6.11 4.98
N SER A 148 -14.99 4.88 5.23
CA SER A 148 -15.76 4.57 6.42
C SER A 148 -14.90 4.73 7.66
N ASN A 149 -13.78 4.02 7.69
CA ASN A 149 -12.88 4.06 8.84
C ASN A 149 -12.36 5.47 9.04
N GLN A 150 -11.62 5.97 8.04
CA GLN A 150 -11.00 7.31 8.04
C GLN A 150 -10.45 7.68 9.42
N ARG A 151 -11.29 8.29 10.24
CA ARG A 151 -10.99 8.48 11.65
C ARG A 151 -12.27 8.28 12.46
N ILE A 152 -12.33 7.14 13.15
CA ILE A 152 -13.50 6.80 13.94
C ILE A 152 -13.21 6.93 15.43
N MET A 1 4.87 -14.62 8.85
CA MET A 1 4.38 -13.27 9.25
C MET A 1 5.48 -12.46 9.90
N ALA A 2 6.38 -13.12 10.60
CA ALA A 2 7.47 -12.45 11.28
C ALA A 2 8.78 -13.17 11.11
N SER A 3 9.68 -12.57 10.34
CA SER A 3 11.03 -13.09 10.17
C SER A 3 11.98 -11.92 9.92
N GLY A 4 13.26 -12.22 9.69
CA GLY A 4 14.23 -11.17 9.45
C GLY A 4 14.15 -10.61 8.04
N VAL A 5 13.26 -9.65 7.85
CA VAL A 5 13.08 -9.04 6.55
C VAL A 5 13.76 -7.67 6.51
N LYS A 6 14.79 -7.57 5.69
CA LYS A 6 15.57 -6.34 5.55
C LYS A 6 14.70 -5.19 5.05
N VAL A 7 14.67 -4.11 5.82
CA VAL A 7 13.95 -2.90 5.42
C VAL A 7 14.92 -1.89 4.81
N ASP A 8 14.44 -1.18 3.81
CA ASP A 8 15.28 -0.21 3.09
C ASP A 8 14.88 1.22 3.42
N PRO A 9 15.86 2.05 3.80
CA PRO A 9 15.63 3.45 4.18
C PRO A 9 15.18 4.31 3.01
N SER A 10 15.59 3.94 1.80
CA SER A 10 15.24 4.71 0.61
C SER A 10 13.75 4.53 0.30
N CYS A 11 13.24 3.33 0.54
CA CYS A 11 11.82 3.06 0.40
C CYS A 11 11.00 3.89 1.38
N LYS A 12 11.47 3.96 2.62
CA LYS A 12 10.83 4.79 3.64
C LYS A 12 10.94 6.26 3.26
N ASN A 13 12.11 6.64 2.77
CA ASN A 13 12.34 8.00 2.29
C ASN A 13 11.32 8.36 1.20
N ALA A 14 11.09 7.42 0.29
CA ALA A 14 10.16 7.65 -0.81
C ALA A 14 8.72 7.60 -0.32
N TYR A 15 8.46 6.73 0.65
CA TYR A 15 7.14 6.60 1.23
C TYR A 15 6.76 7.84 2.02
N ASP A 16 7.70 8.35 2.82
CA ASP A 16 7.40 9.49 3.68
C ASP A 16 7.21 10.75 2.86
N LEU A 17 7.73 10.75 1.64
CA LEU A 17 7.49 11.84 0.71
C LEU A 17 5.98 12.05 0.52
N LEU A 18 5.23 10.97 0.39
CA LEU A 18 3.78 11.06 0.28
C LEU A 18 3.13 11.12 1.67
N HIS A 19 3.74 10.45 2.64
CA HIS A 19 3.21 10.35 4.00
C HIS A 19 3.24 11.70 4.71
N ASN A 20 4.29 12.47 4.47
CA ASN A 20 4.48 13.74 5.17
C ASN A 20 4.20 14.93 4.26
N LYS A 21 4.86 14.95 3.11
CA LYS A 21 4.84 16.10 2.22
C LYS A 21 3.68 15.99 1.21
N HIS A 22 3.32 14.75 0.90
CA HIS A 22 2.28 14.45 -0.09
C HIS A 22 2.82 14.70 -1.49
N GLN A 23 4.09 14.39 -1.67
CA GLN A 23 4.77 14.59 -2.94
C GLN A 23 4.31 13.54 -3.97
N HIS A 24 3.84 12.40 -3.47
CA HIS A 24 3.36 11.33 -4.32
C HIS A 24 2.04 10.81 -3.77
N SER A 25 1.38 9.92 -4.50
CA SER A 25 0.14 9.33 -4.01
C SER A 25 0.31 7.81 -3.87
N TYR A 26 1.01 7.20 -4.80
CA TYR A 26 1.17 5.75 -4.80
C TYR A 26 2.63 5.36 -4.66
N ILE A 27 2.91 4.31 -3.90
CA ILE A 27 4.24 3.72 -3.90
C ILE A 27 4.15 2.20 -3.72
N ILE A 28 4.70 1.45 -4.66
CA ILE A 28 4.67 -0.02 -4.62
C ILE A 28 6.00 -0.58 -4.12
N PHE A 29 5.93 -1.56 -3.22
CA PHE A 29 7.14 -2.20 -2.69
C PHE A 29 7.23 -3.66 -3.15
N LYS A 30 8.43 -4.20 -3.10
CA LYS A 30 8.65 -5.62 -3.39
C LYS A 30 9.82 -6.14 -2.57
N ILE A 31 9.85 -7.44 -2.35
CA ILE A 31 10.98 -8.06 -1.68
C ILE A 31 11.89 -8.73 -2.73
N ASP A 32 13.14 -8.31 -2.75
CA ASP A 32 14.08 -8.76 -3.78
C ASP A 32 15.29 -9.45 -3.15
N LYS A 33 15.93 -10.32 -3.94
CA LYS A 33 17.22 -10.98 -3.62
C LYS A 33 17.15 -11.91 -2.42
N ASN A 34 18.06 -12.89 -2.40
CA ASN A 34 18.14 -13.88 -1.32
C ASN A 34 18.61 -13.21 -0.04
N ASP A 35 19.39 -12.14 -0.21
CA ASP A 35 19.89 -11.35 0.92
C ASP A 35 18.75 -10.60 1.61
N THR A 36 17.56 -10.73 1.01
CA THR A 36 16.33 -10.07 1.46
C THR A 36 16.47 -8.55 1.48
N ALA A 37 15.62 -7.89 0.73
CA ALA A 37 15.58 -6.44 0.71
C ALA A 37 14.26 -5.94 0.17
N ILE A 38 13.53 -5.23 0.99
CA ILE A 38 12.33 -4.54 0.53
C ILE A 38 12.76 -3.32 -0.25
N VAL A 39 12.35 -3.24 -1.50
CA VAL A 39 12.80 -2.16 -2.37
C VAL A 39 11.65 -1.62 -3.20
N VAL A 40 11.71 -0.34 -3.52
CA VAL A 40 10.70 0.33 -4.33
C VAL A 40 10.53 -0.38 -5.68
N GLU A 41 9.29 -0.60 -6.07
CA GLU A 41 9.00 -1.17 -7.37
C GLU A 41 8.49 -0.09 -8.31
N LYS A 42 7.55 0.70 -7.82
CA LYS A 42 6.93 1.75 -8.63
C LYS A 42 6.31 2.82 -7.75
N VAL A 43 6.65 4.08 -8.00
CA VAL A 43 6.03 5.18 -7.31
C VAL A 43 5.09 5.92 -8.27
N GLY A 44 3.94 6.33 -7.75
CA GLY A 44 2.94 7.01 -8.56
C GLY A 44 2.70 8.42 -8.08
N GLU A 45 2.24 9.28 -8.98
CA GLU A 45 2.09 10.70 -8.68
C GLU A 45 0.75 10.99 -8.03
N LYS A 46 0.62 12.18 -7.46
CA LYS A 46 -0.60 12.59 -6.79
C LYS A 46 -1.52 13.34 -7.75
N ASN A 47 -1.28 13.12 -9.04
CA ASN A 47 -2.08 13.73 -10.11
C ASN A 47 -2.41 12.64 -11.13
N ALA A 48 -2.58 11.43 -10.63
CA ALA A 48 -2.87 10.28 -11.48
C ALA A 48 -4.20 9.65 -11.10
N PRO A 49 -4.96 9.14 -12.08
CA PRO A 49 -6.22 8.47 -11.84
C PRO A 49 -6.03 7.08 -11.21
N TYR A 50 -7.07 6.57 -10.58
CA TYR A 50 -7.00 5.30 -9.86
C TYR A 50 -6.64 4.15 -10.80
N ALA A 51 -7.26 4.14 -11.98
CA ALA A 51 -7.04 3.07 -12.94
C ALA A 51 -5.59 3.01 -13.40
N GLU A 52 -4.92 4.16 -13.41
CA GLU A 52 -3.54 4.23 -13.86
C GLU A 52 -2.64 3.45 -12.90
N PHE A 53 -2.90 3.61 -11.60
CA PHE A 53 -2.19 2.87 -10.57
C PHE A 53 -2.49 1.37 -10.69
N VAL A 54 -3.72 1.04 -11.05
CA VAL A 54 -4.11 -0.36 -11.23
C VAL A 54 -3.35 -0.98 -12.40
N GLU A 55 -3.13 -0.19 -13.45
CA GLU A 55 -2.43 -0.66 -14.64
C GLU A 55 -0.95 -0.89 -14.36
N GLU A 56 -0.31 0.05 -13.67
CA GLU A 56 1.12 -0.07 -13.39
C GLU A 56 1.40 -1.18 -12.38
N MET A 57 0.38 -1.56 -11.62
CA MET A 57 0.48 -2.74 -10.76
C MET A 57 0.24 -3.99 -11.58
N LYS A 58 -0.74 -3.91 -12.48
CA LYS A 58 -1.13 -5.03 -13.32
C LYS A 58 0.03 -5.51 -14.21
N LYS A 59 0.80 -4.58 -14.75
CA LYS A 59 1.91 -4.91 -15.64
C LYS A 59 3.01 -5.67 -14.89
N LEU A 60 3.03 -5.55 -13.57
CA LEU A 60 4.04 -6.21 -12.76
C LEU A 60 3.62 -7.65 -12.45
N VAL A 61 2.34 -7.84 -12.15
CA VAL A 61 1.84 -9.14 -11.72
C VAL A 61 1.65 -10.10 -12.89
N GLU A 62 1.48 -9.55 -14.09
CA GLU A 62 1.17 -10.35 -15.28
C GLU A 62 2.28 -11.34 -15.64
N ASP A 63 3.46 -11.16 -15.05
CA ASP A 63 4.60 -12.04 -15.33
C ASP A 63 4.29 -13.46 -14.87
N GLY A 64 3.46 -13.58 -13.85
CA GLY A 64 3.06 -14.87 -13.34
C GLY A 64 2.02 -14.71 -12.26
N LYS A 65 2.29 -15.23 -11.09
CA LYS A 65 1.44 -14.99 -9.94
C LYS A 65 2.23 -14.29 -8.84
N GLU A 66 2.34 -12.97 -8.99
CA GLU A 66 3.17 -12.16 -8.11
C GLU A 66 2.32 -11.45 -7.06
N CYS A 67 2.87 -11.29 -5.88
CA CYS A 67 2.20 -10.57 -4.81
C CYS A 67 2.68 -9.13 -4.82
N ARG A 68 1.74 -8.19 -4.87
CA ARG A 68 2.12 -6.79 -5.00
C ARG A 68 1.49 -5.96 -3.91
N TYR A 69 2.29 -5.55 -2.95
CA TYR A 69 1.80 -4.72 -1.87
C TYR A 69 2.25 -3.28 -2.06
N ALA A 70 1.29 -2.36 -2.02
CA ALA A 70 1.57 -0.96 -2.29
C ALA A 70 0.87 -0.06 -1.29
N ALA A 71 1.42 1.12 -1.08
CA ALA A 71 0.83 2.11 -0.20
C ALA A 71 0.28 3.27 -1.02
N VAL A 72 -0.97 3.62 -0.79
CA VAL A 72 -1.62 4.68 -1.53
C VAL A 72 -2.28 5.68 -0.59
N ASP A 73 -1.87 6.94 -0.72
CA ASP A 73 -2.49 8.01 0.04
C ASP A 73 -3.59 8.66 -0.78
N VAL A 74 -4.81 8.53 -0.32
CA VAL A 74 -5.95 9.08 -1.03
C VAL A 74 -6.73 10.04 -0.13
N GLU A 75 -7.10 11.19 -0.67
CA GLU A 75 -7.84 12.18 0.07
C GLU A 75 -9.33 12.00 -0.19
N VAL A 76 -10.11 11.95 0.87
CA VAL A 76 -11.55 11.78 0.75
C VAL A 76 -12.27 12.97 1.36
N THR A 77 -13.10 13.62 0.56
CA THR A 77 -13.86 14.77 1.02
C THR A 77 -15.16 14.33 1.67
N VAL A 78 -15.27 14.54 2.97
CA VAL A 78 -16.45 14.15 3.71
C VAL A 78 -16.77 15.19 4.77
N GLN A 79 -17.99 15.19 5.28
CA GLN A 79 -18.33 16.04 6.41
C GLN A 79 -18.06 15.27 7.70
N ARG A 80 -16.99 15.63 8.40
CA ARG A 80 -16.59 14.89 9.60
C ARG A 80 -16.80 15.74 10.84
N GLN A 81 -16.70 15.12 12.00
CA GLN A 81 -16.83 15.83 13.27
C GLN A 81 -15.75 16.88 13.41
N GLY A 82 -16.17 18.13 13.44
CA GLY A 82 -15.23 19.22 13.52
C GLY A 82 -15.53 20.31 12.51
N ALA A 83 -16.08 19.91 11.38
CA ALA A 83 -16.42 20.85 10.31
C ALA A 83 -17.65 20.39 9.55
N GLU A 84 -18.55 21.33 9.30
CA GLU A 84 -19.78 21.04 8.56
C GLU A 84 -19.55 21.16 7.06
N GLY A 85 -18.31 21.42 6.69
CA GLY A 85 -17.99 21.63 5.29
C GLY A 85 -17.27 20.45 4.69
N THR A 86 -16.79 20.62 3.48
CA THR A 86 -16.06 19.57 2.79
C THR A 86 -14.72 19.30 3.45
N SER A 87 -14.70 18.33 4.34
CA SER A 87 -13.49 17.96 5.05
C SER A 87 -12.74 16.88 4.28
N THR A 88 -11.65 17.27 3.63
CA THR A 88 -10.89 16.34 2.85
C THR A 88 -9.67 15.86 3.64
N LEU A 89 -9.71 14.61 4.05
CA LEU A 89 -8.60 14.01 4.78
C LEU A 89 -7.93 12.96 3.92
N ASN A 90 -6.64 13.13 3.68
CA ASN A 90 -5.89 12.15 2.91
C ASN A 90 -5.35 11.08 3.84
N LYS A 91 -5.71 9.84 3.54
CA LYS A 91 -5.27 8.71 4.34
C LYS A 91 -4.50 7.73 3.49
N VAL A 92 -3.28 7.44 3.92
CA VAL A 92 -2.45 6.47 3.22
C VAL A 92 -2.81 5.04 3.66
N ILE A 93 -3.32 4.27 2.72
CA ILE A 93 -3.75 2.92 3.00
C ILE A 93 -2.83 1.92 2.29
N PHE A 94 -2.60 0.77 2.91
CA PHE A 94 -1.73 -0.23 2.36
C PHE A 94 -2.53 -1.37 1.73
N VAL A 95 -2.42 -1.49 0.42
CA VAL A 95 -3.15 -2.52 -0.31
C VAL A 95 -2.22 -3.64 -0.73
N GLN A 96 -2.16 -4.68 0.09
CA GLN A 96 -1.33 -5.85 -0.21
C GLN A 96 -2.10 -6.84 -1.08
N TYR A 97 -1.68 -6.96 -2.33
CA TYR A 97 -2.28 -7.90 -3.26
C TYR A 97 -1.63 -9.28 -3.12
N CYS A 98 -2.45 -10.29 -2.85
CA CYS A 98 -1.98 -11.66 -2.70
C CYS A 98 -3.15 -12.64 -2.76
N PRO A 99 -3.28 -13.39 -3.86
CA PRO A 99 -4.36 -14.36 -4.03
C PRO A 99 -4.05 -15.71 -3.38
N ASP A 100 -5.02 -16.62 -3.45
CA ASP A 100 -4.85 -17.97 -2.91
C ASP A 100 -3.98 -18.81 -3.85
N ASN A 101 -3.87 -18.33 -5.08
CA ASN A 101 -3.12 -19.03 -6.12
C ASN A 101 -1.62 -18.77 -6.01
N ALA A 102 -1.27 -17.80 -5.17
CA ALA A 102 0.12 -17.36 -5.00
C ALA A 102 1.01 -18.50 -4.50
N PRO A 103 2.29 -18.50 -4.89
CA PRO A 103 3.25 -19.52 -4.47
C PRO A 103 3.52 -19.45 -2.96
N VAL A 104 3.62 -20.62 -2.34
CA VAL A 104 3.85 -20.71 -0.90
C VAL A 104 5.06 -19.88 -0.47
N ARG A 105 6.18 -20.07 -1.16
CA ARG A 105 7.42 -19.35 -0.85
C ARG A 105 7.20 -17.84 -0.96
N ARG A 106 6.47 -17.44 -1.99
CA ARG A 106 6.28 -16.03 -2.29
C ARG A 106 5.32 -15.37 -1.31
N ARG A 107 4.22 -16.05 -0.98
CA ARG A 107 3.24 -15.50 -0.06
C ARG A 107 3.77 -15.57 1.37
N MET A 108 4.71 -16.47 1.62
CA MET A 108 5.32 -16.58 2.93
C MET A 108 6.17 -15.34 3.20
N LEU A 109 6.91 -14.90 2.19
CA LEU A 109 7.70 -13.67 2.29
C LEU A 109 6.78 -12.46 2.44
N TYR A 110 5.69 -12.47 1.69
CA TYR A 110 4.66 -11.43 1.78
C TYR A 110 4.17 -11.30 3.22
N ALA A 111 3.91 -12.42 3.87
CA ALA A 111 3.45 -12.42 5.24
C ALA A 111 4.51 -11.85 6.18
N SER A 112 5.75 -12.29 5.99
CA SER A 112 6.87 -11.83 6.81
C SER A 112 7.10 -10.33 6.69
N SER A 113 6.93 -9.79 5.48
CA SER A 113 7.20 -8.38 5.24
C SER A 113 6.16 -7.48 5.90
N VAL A 114 5.02 -8.06 6.27
CA VAL A 114 3.93 -7.29 6.88
C VAL A 114 4.39 -6.61 8.16
N ARG A 115 4.95 -7.39 9.08
CA ARG A 115 5.38 -6.84 10.36
C ARG A 115 6.61 -5.94 10.16
N ALA A 116 7.31 -6.14 9.05
CA ALA A 116 8.56 -5.45 8.81
C ALA A 116 8.35 -4.05 8.25
N LEU A 117 7.67 -3.96 7.10
CA LEU A 117 7.57 -2.68 6.42
C LEU A 117 6.41 -1.84 6.96
N LYS A 118 5.32 -2.48 7.34
CA LYS A 118 4.15 -1.76 7.79
C LYS A 118 4.41 -1.05 9.12
N ALA A 119 5.13 -1.72 10.01
CA ALA A 119 5.43 -1.15 11.32
C ALA A 119 6.56 -0.14 11.22
N SER A 120 7.56 -0.44 10.41
CA SER A 120 8.75 0.40 10.30
C SER A 120 8.42 1.72 9.60
N LEU A 121 7.49 1.69 8.65
CA LEU A 121 7.22 2.87 7.84
C LEU A 121 6.16 3.75 8.49
N GLY A 122 5.63 3.30 9.62
CA GLY A 122 4.69 4.10 10.37
C GLY A 122 3.27 4.01 9.85
N LEU A 123 2.79 2.79 9.65
CA LEU A 123 1.40 2.58 9.23
C LEU A 123 0.58 2.02 10.38
N GLU A 124 1.07 2.21 11.60
CA GLU A 124 0.41 1.67 12.79
C GLU A 124 -1.01 2.20 12.94
N SER A 125 -1.21 3.48 12.65
CA SER A 125 -2.52 4.10 12.80
C SER A 125 -3.21 4.27 11.44
N LEU A 126 -2.74 3.51 10.46
CA LEU A 126 -3.29 3.59 9.11
C LEU A 126 -4.10 2.34 8.80
N PHE A 127 -4.46 2.18 7.53
CA PHE A 127 -5.33 1.07 7.13
C PHE A 127 -4.59 0.11 6.22
N GLN A 128 -4.98 -1.16 6.29
CA GLN A 128 -4.38 -2.18 5.45
C GLN A 128 -5.48 -3.06 4.84
N VAL A 129 -5.43 -3.25 3.53
CA VAL A 129 -6.39 -4.09 2.84
C VAL A 129 -5.68 -5.15 2.01
N GLN A 130 -5.81 -6.40 2.43
CA GLN A 130 -5.28 -7.52 1.67
C GLN A 130 -6.29 -7.97 0.63
N ALA A 131 -5.90 -7.88 -0.63
CA ALA A 131 -6.79 -8.21 -1.74
C ALA A 131 -6.31 -9.43 -2.48
N SER A 132 -7.23 -10.36 -2.76
CA SER A 132 -6.90 -11.56 -3.49
C SER A 132 -6.83 -11.30 -5.00
N GLU A 133 -7.87 -10.71 -5.56
CA GLU A 133 -7.90 -10.39 -6.97
C GLU A 133 -7.87 -8.88 -7.18
N MET A 134 -7.54 -8.46 -8.40
CA MET A 134 -7.44 -7.04 -8.74
C MET A 134 -8.80 -6.36 -8.66
N SER A 135 -9.85 -7.16 -8.64
CA SER A 135 -11.20 -6.65 -8.56
C SER A 135 -11.59 -6.33 -7.11
N ASP A 136 -10.80 -6.86 -6.18
CA ASP A 136 -11.08 -6.68 -4.75
C ASP A 136 -10.54 -5.34 -4.27
N LEU A 137 -9.50 -4.85 -4.94
CA LEU A 137 -8.89 -3.58 -4.57
C LEU A 137 -9.67 -2.41 -5.17
N ASP A 138 -10.74 -2.74 -5.90
CA ASP A 138 -11.67 -1.74 -6.43
C ASP A 138 -12.25 -0.91 -5.29
N GLU A 139 -12.49 0.36 -5.58
CA GLU A 139 -12.90 1.35 -4.57
C GLU A 139 -14.10 0.89 -3.74
N LYS A 140 -14.92 -0.02 -4.28
CA LYS A 140 -16.13 -0.46 -3.58
C LYS A 140 -15.82 -0.91 -2.15
N SER A 141 -14.64 -1.47 -1.93
CA SER A 141 -14.24 -1.91 -0.61
C SER A 141 -13.16 -0.99 -0.02
N VAL A 142 -12.02 -0.92 -0.71
CA VAL A 142 -10.86 -0.19 -0.22
C VAL A 142 -11.19 1.27 0.11
N LYS A 143 -11.76 1.98 -0.86
CA LYS A 143 -12.06 3.39 -0.68
C LYS A 143 -13.14 3.58 0.38
N SER A 144 -14.14 2.71 0.37
CA SER A 144 -15.25 2.80 1.30
C SER A 144 -14.79 2.57 2.75
N ASP A 145 -13.84 1.65 2.93
CA ASP A 145 -13.33 1.34 4.25
C ASP A 145 -12.66 2.57 4.87
N LEU A 146 -11.66 3.08 4.18
CA LEU A 146 -10.89 4.21 4.67
C LEU A 146 -11.72 5.49 4.70
N MET A 147 -12.80 5.51 3.93
CA MET A 147 -13.71 6.66 3.93
C MET A 147 -14.54 6.68 5.21
N SER A 148 -14.87 5.50 5.70
CA SER A 148 -15.65 5.39 6.93
C SER A 148 -14.73 5.48 8.15
N ASN A 149 -13.64 4.72 8.10
CA ASN A 149 -12.70 4.65 9.21
C ASN A 149 -11.75 5.84 9.20
N GLN A 150 -12.00 6.77 8.28
CA GLN A 150 -11.20 7.98 8.10
C GLN A 150 -11.00 8.72 9.42
N ARG A 151 -12.08 8.83 10.17
CA ARG A 151 -12.07 9.57 11.42
C ARG A 151 -13.05 8.94 12.40
N ILE A 152 -12.59 7.91 13.08
CA ILE A 152 -13.37 7.27 14.14
C ILE A 152 -12.55 7.11 15.42
N MET A 1 4.17 -14.86 9.32
CA MET A 1 3.83 -13.44 9.11
C MET A 1 4.36 -12.61 10.28
N ALA A 2 5.66 -12.34 10.26
CA ALA A 2 6.29 -11.63 11.37
C ALA A 2 7.54 -10.90 10.89
N SER A 3 8.60 -11.66 10.66
CA SER A 3 9.86 -11.09 10.24
C SER A 3 10.63 -12.08 9.35
N GLY A 4 11.94 -11.90 9.24
CA GLY A 4 12.74 -12.71 8.36
C GLY A 4 13.19 -11.92 7.15
N VAL A 5 12.32 -11.03 6.71
CA VAL A 5 12.62 -10.13 5.60
C VAL A 5 13.05 -8.78 6.14
N LYS A 6 14.24 -8.35 5.77
CA LYS A 6 14.76 -7.08 6.24
C LYS A 6 14.26 -5.94 5.36
N VAL A 7 14.14 -4.77 5.94
CA VAL A 7 13.67 -3.60 5.22
C VAL A 7 14.84 -2.69 4.84
N ASP A 8 14.74 -2.10 3.65
CA ASP A 8 15.74 -1.15 3.21
C ASP A 8 15.24 0.27 3.44
N PRO A 9 15.96 1.06 4.25
CA PRO A 9 15.53 2.40 4.69
C PRO A 9 15.12 3.34 3.55
N SER A 10 15.54 3.03 2.33
CA SER A 10 15.19 3.83 1.16
C SER A 10 13.68 3.90 0.96
N CYS A 11 12.98 2.82 1.30
CA CYS A 11 11.52 2.78 1.17
C CYS A 11 10.87 3.75 2.16
N LYS A 12 11.43 3.82 3.35
CA LYS A 12 10.93 4.72 4.39
C LYS A 12 11.29 6.16 4.04
N ASN A 13 12.44 6.33 3.41
CA ASN A 13 12.89 7.65 2.96
C ASN A 13 11.86 8.27 2.03
N ALA A 14 11.34 7.45 1.13
CA ALA A 14 10.36 7.92 0.16
C ALA A 14 8.99 8.07 0.80
N TYR A 15 8.73 7.25 1.83
CA TYR A 15 7.46 7.27 2.53
C TYR A 15 7.26 8.61 3.24
N ASP A 16 8.33 9.14 3.82
CA ASP A 16 8.27 10.43 4.51
C ASP A 16 7.78 11.50 3.57
N LEU A 17 8.22 11.42 2.32
CA LEU A 17 7.82 12.37 1.31
C LEU A 17 6.36 12.20 0.92
N LEU A 18 5.91 10.96 0.76
CA LEU A 18 4.56 10.72 0.27
C LEU A 18 3.51 10.92 1.36
N HIS A 19 3.86 10.62 2.60
CA HIS A 19 2.89 10.70 3.70
C HIS A 19 2.99 12.03 4.43
N ASN A 20 4.16 12.31 4.98
CA ASN A 20 4.33 13.48 5.84
C ASN A 20 4.25 14.77 5.03
N LYS A 21 4.86 14.76 3.85
CA LYS A 21 4.86 15.93 2.99
C LYS A 21 3.76 15.82 1.94
N HIS A 22 3.31 14.60 1.74
CA HIS A 22 2.32 14.27 0.71
C HIS A 22 2.81 14.71 -0.67
N GLN A 23 4.13 14.59 -0.86
CA GLN A 23 4.77 14.94 -2.12
C GLN A 23 4.47 13.88 -3.18
N HIS A 24 4.07 12.71 -2.72
CA HIS A 24 3.64 11.63 -3.59
C HIS A 24 2.38 11.01 -3.01
N SER A 25 1.63 10.29 -3.80
CA SER A 25 0.38 9.70 -3.32
C SER A 25 0.44 8.18 -3.32
N TYR A 26 1.03 7.62 -4.36
CA TYR A 26 1.08 6.17 -4.51
C TYR A 26 2.52 5.69 -4.47
N ILE A 27 2.76 4.52 -3.91
CA ILE A 27 4.07 3.89 -4.04
C ILE A 27 3.93 2.38 -4.13
N ILE A 28 4.92 1.72 -4.71
CA ILE A 28 4.92 0.29 -4.88
C ILE A 28 6.15 -0.33 -4.24
N PHE A 29 5.93 -1.22 -3.29
CA PHE A 29 7.03 -1.92 -2.63
C PHE A 29 7.09 -3.37 -3.11
N LYS A 30 8.30 -3.87 -3.27
CA LYS A 30 8.50 -5.26 -3.63
C LYS A 30 9.55 -5.89 -2.73
N ILE A 31 9.49 -7.20 -2.58
CA ILE A 31 10.49 -7.92 -1.83
C ILE A 31 11.58 -8.43 -2.78
N ASP A 32 12.76 -7.82 -2.68
CA ASP A 32 13.87 -8.15 -3.55
C ASP A 32 15.07 -8.50 -2.69
N LYS A 33 16.26 -8.59 -3.30
CA LYS A 33 17.49 -8.91 -2.59
C LYS A 33 17.49 -10.38 -2.13
N ASN A 34 18.58 -11.09 -2.42
CA ASN A 34 18.69 -12.49 -2.00
C ASN A 34 18.84 -12.60 -0.49
N ASP A 35 19.08 -11.45 0.17
CA ASP A 35 19.14 -11.39 1.62
C ASP A 35 17.91 -10.68 2.16
N THR A 36 16.86 -10.66 1.33
CA THR A 36 15.55 -10.07 1.65
C THR A 36 15.64 -8.58 1.98
N ALA A 37 15.13 -7.76 1.08
CA ALA A 37 15.05 -6.32 1.30
C ALA A 37 13.83 -5.74 0.59
N ILE A 38 12.96 -5.11 1.36
CA ILE A 38 11.82 -4.40 0.79
C ILE A 38 12.27 -3.07 0.23
N VAL A 39 12.03 -2.86 -1.06
CA VAL A 39 12.53 -1.67 -1.74
C VAL A 39 11.46 -1.07 -2.65
N VAL A 40 11.64 0.19 -3.03
CA VAL A 40 10.69 0.91 -3.88
C VAL A 40 10.85 0.51 -5.34
N GLU A 41 9.75 0.11 -5.95
CA GLU A 41 9.75 -0.23 -7.38
C GLU A 41 9.19 0.93 -8.20
N LYS A 42 8.09 1.50 -7.75
CA LYS A 42 7.43 2.57 -8.48
C LYS A 42 6.76 3.53 -7.51
N VAL A 43 6.75 4.82 -7.85
CA VAL A 43 6.08 5.82 -7.05
C VAL A 43 5.13 6.65 -7.92
N GLY A 44 4.00 7.02 -7.34
CA GLY A 44 3.00 7.80 -8.06
C GLY A 44 2.89 9.20 -7.51
N GLU A 45 2.89 10.17 -8.41
CA GLU A 45 2.85 11.58 -8.02
C GLU A 45 1.48 11.98 -7.49
N LYS A 46 1.44 13.09 -6.75
CA LYS A 46 0.20 13.57 -6.15
C LYS A 46 -0.73 14.13 -7.22
N ASN A 47 -0.20 14.35 -8.41
CA ASN A 47 -0.98 14.86 -9.54
C ASN A 47 -1.39 13.71 -10.46
N ALA A 48 -1.17 12.49 -9.99
CA ALA A 48 -1.53 11.31 -10.76
C ALA A 48 -2.81 10.68 -10.23
N PRO A 49 -3.72 10.31 -11.13
CA PRO A 49 -4.95 9.60 -10.78
C PRO A 49 -4.68 8.13 -10.42
N TYR A 50 -5.73 7.42 -10.04
CA TYR A 50 -5.62 6.02 -9.60
C TYR A 50 -5.11 5.13 -10.72
N ALA A 51 -5.30 5.56 -11.97
CA ALA A 51 -4.93 4.77 -13.13
C ALA A 51 -3.41 4.56 -13.19
N GLU A 52 -2.66 5.53 -12.69
CA GLU A 52 -1.20 5.44 -12.63
C GLU A 52 -0.80 4.28 -11.71
N PHE A 53 -1.55 4.12 -10.64
CA PHE A 53 -1.27 3.11 -9.63
C PHE A 53 -1.71 1.72 -10.11
N VAL A 54 -2.78 1.68 -10.90
CA VAL A 54 -3.34 0.42 -11.37
C VAL A 54 -2.47 -0.21 -12.47
N GLU A 55 -2.14 0.57 -13.49
CA GLU A 55 -1.45 0.02 -14.65
C GLU A 55 -0.05 -0.50 -14.30
N GLU A 56 0.69 0.26 -13.51
CA GLU A 56 2.04 -0.14 -13.10
C GLU A 56 2.02 -1.47 -12.36
N MET A 57 0.90 -1.73 -11.69
CA MET A 57 0.71 -2.96 -10.94
C MET A 57 0.19 -4.07 -11.85
N LYS A 58 -0.79 -3.73 -12.67
CA LYS A 58 -1.43 -4.69 -13.55
C LYS A 58 -0.45 -5.33 -14.52
N LYS A 59 0.37 -4.50 -15.18
CA LYS A 59 1.32 -4.96 -16.19
C LYS A 59 2.26 -6.00 -15.59
N LEU A 60 2.35 -6.01 -14.27
CA LEU A 60 3.22 -6.94 -13.57
C LEU A 60 2.51 -8.27 -13.36
N VAL A 61 1.29 -8.20 -12.82
CA VAL A 61 0.48 -9.37 -12.60
C VAL A 61 0.09 -10.00 -13.94
N GLU A 62 0.17 -9.21 -14.99
CA GLU A 62 -0.06 -9.70 -16.34
C GLU A 62 0.96 -10.75 -16.74
N ASP A 63 2.15 -10.68 -16.13
CA ASP A 63 3.25 -11.57 -16.48
C ASP A 63 3.06 -12.95 -15.84
N GLY A 64 2.12 -13.05 -14.92
CA GLY A 64 1.84 -14.30 -14.26
C GLY A 64 1.20 -14.11 -12.91
N LYS A 65 1.79 -14.67 -11.87
CA LYS A 65 1.30 -14.46 -10.52
C LYS A 65 2.36 -13.80 -9.65
N GLU A 66 2.33 -12.48 -9.62
CA GLU A 66 3.30 -11.69 -8.89
C GLU A 66 2.66 -11.04 -7.67
N CYS A 67 3.47 -10.73 -6.67
CA CYS A 67 2.99 -10.11 -5.45
C CYS A 67 3.69 -8.77 -5.21
N ARG A 68 2.95 -7.79 -4.73
CA ARG A 68 3.50 -6.46 -4.48
C ARG A 68 2.77 -5.81 -3.31
N TYR A 69 3.47 -4.98 -2.57
CA TYR A 69 2.86 -4.27 -1.45
C TYR A 69 2.50 -2.85 -1.87
N ALA A 70 1.50 -2.27 -1.23
CA ALA A 70 1.03 -0.95 -1.58
C ALA A 70 0.90 -0.05 -0.36
N ALA A 71 1.45 1.15 -0.49
CA ALA A 71 1.26 2.19 0.50
C ALA A 71 0.78 3.45 -0.21
N VAL A 72 -0.46 3.80 0.01
CA VAL A 72 -1.06 4.93 -0.67
C VAL A 72 -1.60 5.96 0.32
N ASP A 73 -1.22 7.21 0.10
CA ASP A 73 -1.71 8.31 0.91
C ASP A 73 -2.54 9.25 0.04
N VAL A 74 -3.84 9.26 0.27
CA VAL A 74 -4.74 10.03 -0.58
C VAL A 74 -5.86 10.66 0.24
N GLU A 75 -6.28 11.85 -0.16
CA GLU A 75 -7.36 12.53 0.53
C GLU A 75 -8.70 12.09 -0.03
N VAL A 76 -9.49 11.44 0.80
CA VAL A 76 -10.82 11.00 0.42
C VAL A 76 -11.87 11.90 1.06
N THR A 77 -12.84 12.33 0.30
CA THR A 77 -13.83 13.27 0.81
C THR A 77 -15.04 12.54 1.35
N VAL A 78 -15.42 12.90 2.57
CA VAL A 78 -16.56 12.31 3.25
C VAL A 78 -17.22 13.37 4.11
N GLN A 79 -18.22 13.00 4.88
CA GLN A 79 -18.76 13.89 5.89
C GLN A 79 -18.42 13.35 7.27
N ARG A 80 -17.46 13.99 7.94
CA ARG A 80 -16.94 13.47 9.20
C ARG A 80 -16.74 14.62 10.20
N GLN A 81 -16.00 14.34 11.26
CA GLN A 81 -15.68 15.35 12.25
C GLN A 81 -14.75 16.40 11.66
N GLY A 82 -15.15 17.66 11.78
CA GLY A 82 -14.38 18.75 11.23
C GLY A 82 -15.25 19.70 10.44
N ALA A 83 -16.24 19.13 9.76
CA ALA A 83 -17.20 19.91 9.01
C ALA A 83 -18.56 19.22 9.03
N GLU A 84 -19.62 20.02 9.01
CA GLU A 84 -20.98 19.49 8.98
C GLU A 84 -21.36 19.07 7.57
N GLY A 85 -20.39 19.08 6.67
CA GLY A 85 -20.61 18.72 5.30
C GLY A 85 -19.41 18.04 4.69
N THR A 86 -18.93 18.58 3.58
CA THR A 86 -17.84 17.97 2.85
C THR A 86 -16.52 18.09 3.60
N SER A 87 -16.01 16.94 4.03
CA SER A 87 -14.75 16.85 4.74
C SER A 87 -13.69 16.24 3.82
N THR A 88 -12.50 16.81 3.81
CA THR A 88 -11.40 16.28 3.01
C THR A 88 -10.21 15.94 3.89
N LEU A 89 -9.93 14.65 4.05
CA LEU A 89 -8.84 14.21 4.89
C LEU A 89 -7.94 13.23 4.15
N ASN A 90 -6.65 13.56 4.07
CA ASN A 90 -5.68 12.66 3.45
C ASN A 90 -5.35 11.49 4.38
N LYS A 91 -5.54 10.28 3.88
CA LYS A 91 -5.32 9.09 4.68
C LYS A 91 -4.38 8.13 3.97
N VAL A 92 -3.55 7.45 4.75
CA VAL A 92 -2.64 6.46 4.22
C VAL A 92 -3.06 5.07 4.70
N ILE A 93 -2.97 4.09 3.82
CA ILE A 93 -3.38 2.74 4.16
C ILE A 93 -2.40 1.72 3.57
N PHE A 94 -2.30 0.58 4.22
CA PHE A 94 -1.48 -0.52 3.72
C PHE A 94 -2.36 -1.55 3.05
N VAL A 95 -2.11 -1.80 1.78
CA VAL A 95 -2.86 -2.77 1.02
C VAL A 95 -1.93 -3.82 0.42
N GLN A 96 -2.00 -5.04 0.91
CA GLN A 96 -1.19 -6.10 0.38
C GLN A 96 -1.84 -6.74 -0.84
N TYR A 97 -1.28 -6.45 -2.02
CA TYR A 97 -1.78 -7.01 -3.26
C TYR A 97 -1.13 -8.36 -3.53
N CYS A 98 -1.90 -9.43 -3.33
CA CYS A 98 -1.42 -10.77 -3.55
C CYS A 98 -2.56 -11.77 -3.42
N PRO A 99 -2.84 -12.52 -4.49
CA PRO A 99 -3.84 -13.59 -4.44
C PRO A 99 -3.28 -14.83 -3.75
N ASP A 100 -4.17 -15.72 -3.32
CA ASP A 100 -3.77 -16.95 -2.65
C ASP A 100 -3.21 -17.96 -3.64
N ASN A 101 -3.29 -17.61 -4.92
CA ASN A 101 -2.82 -18.49 -5.99
C ASN A 101 -1.32 -18.37 -6.17
N ALA A 102 -0.70 -17.50 -5.37
CA ALA A 102 0.74 -17.29 -5.43
C ALA A 102 1.48 -18.51 -4.87
N PRO A 103 2.61 -18.88 -5.52
CA PRO A 103 3.42 -20.02 -5.08
C PRO A 103 3.90 -19.86 -3.63
N VAL A 104 3.91 -20.98 -2.90
CA VAL A 104 4.16 -20.98 -1.46
C VAL A 104 5.44 -20.24 -1.06
N ARG A 105 6.50 -20.38 -1.84
CA ARG A 105 7.77 -19.74 -1.51
C ARG A 105 7.63 -18.22 -1.52
N ARG A 106 7.18 -17.68 -2.64
CA ARG A 106 6.97 -16.24 -2.76
C ARG A 106 5.89 -15.78 -1.76
N ARG A 107 4.91 -16.66 -1.55
CA ARG A 107 3.82 -16.41 -0.61
C ARG A 107 4.35 -16.20 0.81
N MET A 108 5.21 -17.13 1.25
CA MET A 108 5.77 -17.08 2.60
C MET A 108 6.64 -15.84 2.78
N LEU A 109 7.44 -15.52 1.78
CA LEU A 109 8.31 -14.35 1.82
C LEU A 109 7.49 -13.09 1.99
N TYR A 110 6.42 -12.99 1.20
CA TYR A 110 5.53 -11.85 1.24
C TYR A 110 4.85 -11.73 2.60
N ALA A 111 4.36 -12.87 3.10
CA ALA A 111 3.65 -12.91 4.38
C ALA A 111 4.56 -12.48 5.54
N SER A 112 5.82 -12.86 5.47
CA SER A 112 6.79 -12.53 6.51
C SER A 112 7.10 -11.03 6.52
N SER A 113 6.86 -10.36 5.39
CA SER A 113 7.18 -8.94 5.25
C SER A 113 6.11 -8.06 5.90
N VAL A 114 4.89 -8.59 5.97
CA VAL A 114 3.72 -7.83 6.42
C VAL A 114 3.94 -7.12 7.75
N ARG A 115 4.30 -7.89 8.77
CA ARG A 115 4.43 -7.34 10.12
C ARG A 115 5.61 -6.37 10.22
N ALA A 116 6.65 -6.65 9.44
CA ALA A 116 7.87 -5.86 9.50
C ALA A 116 7.67 -4.45 8.96
N LEU A 117 7.10 -4.34 7.76
CA LEU A 117 6.98 -3.05 7.10
C LEU A 117 5.96 -2.13 7.77
N LYS A 118 5.00 -2.70 8.49
CA LYS A 118 4.01 -1.89 9.20
C LYS A 118 4.68 -1.01 10.26
N ALA A 119 5.49 -1.63 11.10
CA ALA A 119 6.14 -0.92 12.19
C ALA A 119 7.29 -0.06 11.68
N SER A 120 7.96 -0.54 10.65
CA SER A 120 9.13 0.17 10.11
C SER A 120 8.72 1.45 9.40
N LEU A 121 7.54 1.46 8.79
CA LEU A 121 7.09 2.64 8.06
C LEU A 121 6.22 3.53 8.92
N GLY A 122 5.69 2.98 10.01
CA GLY A 122 4.96 3.79 10.95
C GLY A 122 3.46 3.76 10.74
N LEU A 123 2.98 2.77 10.00
CA LEU A 123 1.54 2.63 9.77
C LEU A 123 0.92 1.72 10.82
N GLU A 124 1.55 1.66 11.98
CA GLU A 124 1.07 0.85 13.08
C GLU A 124 -0.30 1.34 13.56
N SER A 125 -0.55 2.64 13.41
CA SER A 125 -1.82 3.22 13.82
C SER A 125 -2.81 3.23 12.65
N LEU A 126 -2.39 2.70 11.51
CA LEU A 126 -3.23 2.70 10.32
C LEU A 126 -3.65 1.28 9.96
N PHE A 127 -4.66 1.19 9.11
CA PHE A 127 -5.23 -0.11 8.74
C PHE A 127 -4.39 -0.82 7.68
N GLN A 128 -4.44 -2.15 7.72
CA GLN A 128 -3.76 -2.98 6.76
C GLN A 128 -4.78 -3.96 6.17
N VAL A 129 -5.02 -3.86 4.86
CA VAL A 129 -6.06 -4.66 4.22
C VAL A 129 -5.48 -5.47 3.08
N GLN A 130 -5.93 -6.71 2.93
CA GLN A 130 -5.44 -7.57 1.88
C GLN A 130 -6.28 -7.39 0.61
N ALA A 131 -5.60 -7.35 -0.52
CA ALA A 131 -6.27 -7.30 -1.81
C ALA A 131 -5.84 -8.50 -2.63
N SER A 132 -6.81 -9.20 -3.20
CA SER A 132 -6.54 -10.44 -3.89
C SER A 132 -6.12 -10.19 -5.35
N GLU A 133 -7.09 -9.99 -6.22
CA GLU A 133 -6.80 -9.77 -7.63
C GLU A 133 -7.37 -8.43 -8.11
N MET A 134 -7.37 -8.23 -9.43
CA MET A 134 -7.76 -6.94 -10.02
C MET A 134 -9.23 -6.60 -9.79
N SER A 135 -10.10 -7.61 -9.74
CA SER A 135 -11.50 -7.37 -9.46
C SER A 135 -11.69 -7.01 -7.99
N ASP A 136 -10.77 -7.45 -7.16
CA ASP A 136 -10.89 -7.31 -5.71
C ASP A 136 -10.39 -5.95 -5.24
N LEU A 137 -9.57 -5.28 -6.04
CA LEU A 137 -9.03 -3.98 -5.69
C LEU A 137 -10.04 -2.87 -5.96
N ASP A 138 -11.20 -3.26 -6.47
CA ASP A 138 -12.29 -2.34 -6.78
C ASP A 138 -12.70 -1.55 -5.54
N GLU A 139 -13.08 -0.29 -5.76
CA GLU A 139 -13.46 0.62 -4.67
C GLU A 139 -14.54 0.01 -3.76
N LYS A 140 -15.29 -0.97 -4.29
CA LYS A 140 -16.29 -1.70 -3.52
C LYS A 140 -15.78 -2.09 -2.13
N SER A 141 -14.51 -2.44 -2.03
CA SER A 141 -13.90 -2.76 -0.74
C SER A 141 -12.93 -1.67 -0.30
N VAL A 142 -11.89 -1.46 -1.12
CA VAL A 142 -10.78 -0.58 -0.76
C VAL A 142 -11.24 0.83 -0.39
N LYS A 143 -11.99 1.46 -1.29
CA LYS A 143 -12.42 2.84 -1.10
C LYS A 143 -13.34 2.95 0.12
N SER A 144 -14.31 2.04 0.19
CA SER A 144 -15.33 2.09 1.25
C SER A 144 -14.73 1.82 2.63
N ASP A 145 -13.69 0.99 2.69
CA ASP A 145 -13.07 0.63 3.96
C ASP A 145 -12.37 1.84 4.59
N LEU A 146 -11.36 2.35 3.89
CA LEU A 146 -10.54 3.44 4.41
C LEU A 146 -11.34 4.74 4.54
N MET A 147 -12.43 4.83 3.78
CA MET A 147 -13.31 6.01 3.83
C MET A 147 -13.94 6.14 5.21
N SER A 148 -14.41 5.02 5.75
CA SER A 148 -15.07 5.02 7.04
C SER A 148 -14.04 4.92 8.16
N ASN A 149 -12.96 4.20 7.91
CA ASN A 149 -11.93 3.94 8.92
C ASN A 149 -10.90 5.06 8.96
N GLN A 150 -11.21 6.19 8.33
CA GLN A 150 -10.32 7.35 8.32
C GLN A 150 -9.90 7.73 9.74
N ARG A 151 -10.87 7.84 10.63
CA ARG A 151 -10.60 8.07 12.04
C ARG A 151 -11.72 7.49 12.89
N ILE A 152 -11.39 6.47 13.65
CA ILE A 152 -12.35 5.78 14.49
C ILE A 152 -11.73 5.47 15.85
N MET A 1 5.14 -14.86 7.86
CA MET A 1 5.02 -13.70 8.78
C MET A 1 6.13 -13.76 9.83
N ALA A 2 7.13 -12.90 9.68
CA ALA A 2 8.29 -12.93 10.57
C ALA A 2 9.01 -11.58 10.51
N SER A 3 10.30 -11.59 10.84
CA SER A 3 11.11 -10.39 10.79
C SER A 3 12.48 -10.69 10.19
N GLY A 4 12.48 -11.57 9.19
CA GLY A 4 13.72 -11.94 8.53
C GLY A 4 13.98 -11.11 7.29
N VAL A 5 13.20 -10.05 7.13
CA VAL A 5 13.35 -9.14 6.01
C VAL A 5 13.55 -7.73 6.52
N LYS A 6 14.51 -7.01 5.97
CA LYS A 6 14.82 -5.67 6.45
C LYS A 6 14.19 -4.61 5.56
N VAL A 7 13.95 -3.45 6.16
CA VAL A 7 13.41 -2.32 5.44
C VAL A 7 14.53 -1.52 4.77
N ASP A 8 14.26 -1.01 3.58
CA ASP A 8 15.27 -0.27 2.84
C ASP A 8 15.09 1.24 3.04
N PRO A 9 16.19 1.96 3.29
CA PRO A 9 16.14 3.40 3.56
C PRO A 9 15.57 4.22 2.40
N SER A 10 15.71 3.71 1.17
CA SER A 10 15.31 4.46 -0.01
C SER A 10 13.79 4.49 -0.14
N CYS A 11 13.15 3.35 0.15
CA CYS A 11 11.70 3.28 0.03
C CYS A 11 11.04 3.98 1.20
N LYS A 12 11.73 3.96 2.34
CA LYS A 12 11.26 4.67 3.53
C LYS A 12 11.37 6.17 3.33
N ASN A 13 12.49 6.64 2.81
CA ASN A 13 12.70 8.06 2.57
C ASN A 13 11.71 8.57 1.53
N ALA A 14 11.41 7.72 0.54
CA ALA A 14 10.45 8.05 -0.50
C ALA A 14 9.04 8.08 0.10
N TYR A 15 8.85 7.31 1.15
CA TYR A 15 7.59 7.30 1.87
C TYR A 15 7.48 8.54 2.76
N ASP A 16 8.58 8.91 3.41
CA ASP A 16 8.61 10.12 4.25
C ASP A 16 8.19 11.32 3.43
N LEU A 17 8.60 11.35 2.17
CA LEU A 17 8.22 12.41 1.25
C LEU A 17 6.70 12.55 1.17
N LEU A 18 5.99 11.43 1.09
CA LEU A 18 4.54 11.45 0.98
C LEU A 18 3.89 11.54 2.36
N HIS A 19 4.57 11.07 3.38
CA HIS A 19 4.02 11.03 4.73
C HIS A 19 4.08 12.42 5.38
N ASN A 20 5.16 13.14 5.13
CA ASN A 20 5.34 14.47 5.72
C ASN A 20 4.89 15.57 4.77
N LYS A 21 5.49 15.62 3.58
CA LYS A 21 5.19 16.68 2.62
C LYS A 21 4.01 16.29 1.75
N HIS A 22 3.78 14.98 1.66
CA HIS A 22 2.80 14.39 0.76
C HIS A 22 3.19 14.66 -0.69
N GLN A 23 4.48 14.50 -0.95
CA GLN A 23 5.04 14.66 -2.29
C GLN A 23 4.54 13.55 -3.21
N HIS A 24 4.08 12.47 -2.60
CA HIS A 24 3.54 11.34 -3.34
C HIS A 24 2.18 10.96 -2.77
N SER A 25 1.40 10.21 -3.54
CA SER A 25 0.12 9.72 -3.05
C SER A 25 0.24 8.25 -2.65
N TYR A 26 0.68 7.42 -3.58
CA TYR A 26 0.83 6.00 -3.30
C TYR A 26 2.20 5.49 -3.76
N ILE A 27 2.67 4.44 -3.11
CA ILE A 27 3.90 3.80 -3.49
C ILE A 27 3.80 2.28 -3.31
N ILE A 28 4.32 1.54 -4.27
CA ILE A 28 4.28 0.09 -4.23
C ILE A 28 5.65 -0.47 -3.89
N PHE A 29 5.68 -1.42 -2.97
CA PHE A 29 6.92 -2.02 -2.51
C PHE A 29 7.01 -3.48 -2.94
N LYS A 30 8.23 -3.98 -3.06
CA LYS A 30 8.44 -5.40 -3.31
C LYS A 30 9.76 -5.85 -2.67
N ILE A 31 9.78 -7.10 -2.23
CA ILE A 31 10.95 -7.68 -1.62
C ILE A 31 11.85 -8.31 -2.68
N ASP A 32 13.11 -7.91 -2.71
CA ASP A 32 14.05 -8.42 -3.70
C ASP A 32 15.45 -8.49 -3.11
N LYS A 33 16.40 -8.89 -3.96
CA LYS A 33 17.82 -9.13 -3.63
C LYS A 33 18.01 -10.13 -2.47
N ASN A 34 19.11 -10.86 -2.55
CA ASN A 34 19.39 -11.95 -1.59
C ASN A 34 19.66 -11.39 -0.19
N ASP A 35 19.92 -10.09 -0.13
CA ASP A 35 20.07 -9.39 1.14
C ASP A 35 18.71 -9.24 1.82
N THR A 36 17.65 -9.58 1.08
CA THR A 36 16.26 -9.55 1.55
C THR A 36 15.86 -8.19 2.13
N ALA A 37 15.42 -7.31 1.25
CA ALA A 37 14.95 -6.00 1.66
C ALA A 37 13.78 -5.57 0.80
N ILE A 38 12.97 -4.68 1.33
CA ILE A 38 11.80 -4.18 0.62
C ILE A 38 12.15 -2.89 -0.12
N VAL A 39 11.96 -2.88 -1.42
CA VAL A 39 12.34 -1.74 -2.25
C VAL A 39 11.16 -1.26 -3.08
N VAL A 40 11.26 -0.03 -3.61
CA VAL A 40 10.20 0.58 -4.39
C VAL A 40 10.02 -0.12 -5.73
N GLU A 41 8.79 -0.51 -6.02
CA GLU A 41 8.45 -1.07 -7.32
C GLU A 41 7.93 0.04 -8.23
N LYS A 42 7.00 0.83 -7.70
CA LYS A 42 6.37 1.90 -8.45
C LYS A 42 5.84 2.95 -7.47
N VAL A 43 6.16 4.20 -7.72
CA VAL A 43 5.66 5.30 -6.91
C VAL A 43 4.72 6.17 -7.73
N GLY A 44 3.77 6.81 -7.07
CA GLY A 44 2.85 7.69 -7.75
C GLY A 44 3.02 9.12 -7.30
N GLU A 45 2.92 10.06 -8.24
CA GLU A 45 3.04 11.47 -7.94
C GLU A 45 1.85 11.92 -7.08
N LYS A 46 1.95 13.09 -6.47
CA LYS A 46 0.89 13.63 -5.61
C LYS A 46 -0.38 13.89 -6.42
N ASN A 47 -0.26 13.87 -7.74
CA ASN A 47 -1.40 14.09 -8.62
C ASN A 47 -1.70 12.83 -9.43
N ALA A 48 -1.22 11.69 -8.96
CA ALA A 48 -1.39 10.44 -9.67
C ALA A 48 -2.85 10.00 -9.66
N PRO A 49 -3.34 9.49 -10.81
CA PRO A 49 -4.69 9.01 -10.96
C PRO A 49 -4.84 7.55 -10.50
N TYR A 50 -6.08 7.13 -10.26
CA TYR A 50 -6.35 5.75 -9.86
C TYR A 50 -6.03 4.78 -10.99
N ALA A 51 -6.29 5.20 -12.22
CA ALA A 51 -6.07 4.38 -13.40
C ALA A 51 -4.65 3.82 -13.44
N GLU A 52 -3.66 4.68 -13.23
CA GLU A 52 -2.27 4.26 -13.26
C GLU A 52 -1.99 3.21 -12.18
N PHE A 53 -2.48 3.48 -10.97
CA PHE A 53 -2.29 2.56 -9.85
C PHE A 53 -2.85 1.19 -10.18
N VAL A 54 -4.03 1.16 -10.78
CA VAL A 54 -4.66 -0.10 -11.15
C VAL A 54 -3.88 -0.80 -12.24
N GLU A 55 -3.52 -0.09 -13.30
CA GLU A 55 -2.86 -0.70 -14.45
C GLU A 55 -1.46 -1.22 -14.10
N GLU A 56 -0.77 -0.53 -13.19
CA GLU A 56 0.55 -0.98 -12.75
C GLU A 56 0.47 -2.36 -12.09
N MET A 57 -0.59 -2.57 -11.33
CA MET A 57 -0.83 -3.86 -10.68
C MET A 57 -1.41 -4.84 -11.70
N LYS A 58 -2.27 -4.32 -12.56
CA LYS A 58 -2.91 -5.10 -13.61
C LYS A 58 -1.89 -5.79 -14.51
N LYS A 59 -0.91 -5.03 -14.99
CA LYS A 59 0.06 -5.55 -15.94
C LYS A 59 0.96 -6.62 -15.30
N LEU A 60 1.07 -6.59 -13.98
CA LEU A 60 1.92 -7.55 -13.28
C LEU A 60 1.21 -8.90 -13.14
N VAL A 61 -0.07 -8.85 -12.79
CA VAL A 61 -0.85 -10.08 -12.59
C VAL A 61 -1.00 -10.84 -13.91
N GLU A 62 -0.88 -10.12 -15.02
CA GLU A 62 -0.99 -10.73 -16.34
C GLU A 62 0.21 -11.64 -16.64
N ASP A 63 1.28 -11.46 -15.88
CA ASP A 63 2.43 -12.34 -16.02
C ASP A 63 2.22 -13.61 -15.22
N GLY A 64 1.46 -13.51 -14.14
CA GLY A 64 1.07 -14.69 -13.40
C GLY A 64 1.33 -14.59 -11.90
N LYS A 65 2.55 -14.92 -11.50
CA LYS A 65 2.86 -15.13 -10.09
C LYS A 65 3.33 -13.84 -9.41
N GLU A 66 2.92 -12.71 -9.93
CA GLU A 66 3.38 -11.43 -9.40
C GLU A 66 2.48 -10.97 -8.25
N CYS A 67 3.14 -10.50 -7.19
CA CYS A 67 2.46 -9.93 -6.04
C CYS A 67 3.28 -8.76 -5.51
N ARG A 68 2.60 -7.75 -4.99
CA ARG A 68 3.25 -6.53 -4.53
C ARG A 68 2.54 -5.98 -3.30
N TYR A 69 3.29 -5.30 -2.45
CA TYR A 69 2.69 -4.65 -1.28
C TYR A 69 2.52 -3.17 -1.58
N ALA A 70 1.33 -2.63 -1.40
CA ALA A 70 1.07 -1.25 -1.79
C ALA A 70 0.64 -0.39 -0.61
N ALA A 71 1.17 0.82 -0.58
CA ALA A 71 0.79 1.82 0.40
C ALA A 71 0.22 3.04 -0.30
N VAL A 72 -1.02 3.36 -0.04
CA VAL A 72 -1.69 4.45 -0.73
C VAL A 72 -2.32 5.44 0.24
N ASP A 73 -1.91 6.70 0.12
CA ASP A 73 -2.51 7.79 0.87
C ASP A 73 -3.27 8.69 -0.07
N VAL A 74 -4.53 8.92 0.25
CA VAL A 74 -5.36 9.82 -0.54
C VAL A 74 -6.30 10.58 0.38
N GLU A 75 -6.31 11.90 0.25
CA GLU A 75 -7.19 12.70 1.06
C GLU A 75 -8.54 12.81 0.38
N VAL A 76 -9.51 12.09 0.92
CA VAL A 76 -10.84 12.07 0.35
C VAL A 76 -11.64 13.24 0.89
N THR A 77 -12.16 14.05 -0.02
CA THR A 77 -12.95 15.20 0.36
C THR A 77 -14.35 14.80 0.77
N VAL A 78 -14.64 14.92 2.05
CA VAL A 78 -15.93 14.54 2.57
C VAL A 78 -16.38 15.55 3.61
N GLN A 79 -17.67 15.71 3.80
CA GLN A 79 -18.17 16.58 4.85
C GLN A 79 -18.02 15.86 6.18
N ARG A 80 -17.03 16.28 6.96
CA ARG A 80 -16.71 15.62 8.22
C ARG A 80 -16.60 16.66 9.33
N GLN A 81 -16.44 16.19 10.56
CA GLN A 81 -16.23 17.09 11.69
C GLN A 81 -14.98 17.95 11.48
N GLY A 82 -15.07 19.20 11.90
CA GLY A 82 -13.97 20.12 11.70
C GLY A 82 -14.38 21.28 10.83
N ALA A 83 -15.16 20.98 9.80
CA ALA A 83 -15.65 21.98 8.88
C ALA A 83 -17.10 21.69 8.50
N GLU A 84 -17.79 22.66 7.97
CA GLU A 84 -19.19 22.48 7.57
C GLU A 84 -19.29 22.02 6.13
N GLY A 85 -18.16 21.75 5.50
CA GLY A 85 -18.16 21.41 4.09
C GLY A 85 -17.11 20.39 3.74
N THR A 86 -16.40 20.64 2.64
CA THR A 86 -15.42 19.70 2.12
C THR A 86 -14.21 19.57 3.04
N SER A 87 -14.12 18.45 3.74
CA SER A 87 -12.99 18.18 4.61
C SER A 87 -12.14 17.06 4.01
N THR A 88 -10.87 17.35 3.81
CA THR A 88 -9.95 16.40 3.20
C THR A 88 -9.10 15.71 4.26
N LEU A 89 -9.32 14.43 4.48
CA LEU A 89 -8.52 13.67 5.43
C LEU A 89 -7.57 12.74 4.68
N ASN A 90 -6.27 13.01 4.83
CA ASN A 90 -5.25 12.16 4.23
C ASN A 90 -5.09 10.89 5.02
N LYS A 91 -5.52 9.78 4.44
CA LYS A 91 -5.42 8.49 5.08
C LYS A 91 -4.65 7.50 4.22
N VAL A 92 -3.48 7.10 4.71
CA VAL A 92 -2.67 6.12 4.03
C VAL A 92 -2.98 4.73 4.56
N ILE A 93 -3.31 3.83 3.65
CA ILE A 93 -3.67 2.48 4.03
C ILE A 93 -2.72 1.48 3.36
N PHE A 94 -2.58 0.31 3.96
CA PHE A 94 -1.76 -0.75 3.39
C PHE A 94 -2.63 -1.77 2.70
N VAL A 95 -2.37 -1.99 1.42
CA VAL A 95 -3.10 -2.98 0.66
C VAL A 95 -2.20 -4.16 0.33
N GLN A 96 -2.43 -5.26 1.04
CA GLN A 96 -1.62 -6.45 0.87
C GLN A 96 -2.14 -7.29 -0.30
N TYR A 97 -1.41 -7.30 -1.40
CA TYR A 97 -1.79 -8.09 -2.55
C TYR A 97 -1.19 -9.49 -2.46
N CYS A 98 -1.99 -10.42 -1.98
CA CYS A 98 -1.56 -11.81 -1.84
C CYS A 98 -2.59 -12.74 -2.45
N PRO A 99 -2.25 -13.37 -3.59
CA PRO A 99 -3.12 -14.35 -4.22
C PRO A 99 -3.16 -15.66 -3.45
N ASP A 100 -4.36 -16.22 -3.32
CA ASP A 100 -4.56 -17.47 -2.58
C ASP A 100 -3.70 -18.61 -3.11
N ASN A 101 -3.60 -18.69 -4.43
CA ASN A 101 -2.92 -19.81 -5.08
C ASN A 101 -1.48 -19.41 -5.49
N ALA A 102 -0.93 -18.43 -4.79
CA ALA A 102 0.42 -17.94 -5.10
C ALA A 102 1.50 -18.92 -4.63
N PRO A 103 2.57 -19.07 -5.44
CA PRO A 103 3.69 -19.97 -5.15
C PRO A 103 4.27 -19.78 -3.75
N VAL A 104 4.59 -20.90 -3.10
CA VAL A 104 4.98 -20.91 -1.69
C VAL A 104 6.11 -19.93 -1.36
N ARG A 105 7.28 -20.13 -1.96
CA ARG A 105 8.48 -19.37 -1.59
C ARG A 105 8.27 -17.87 -1.70
N ARG A 106 7.67 -17.43 -2.79
CA ARG A 106 7.49 -16.01 -3.05
C ARG A 106 6.59 -15.36 -2.00
N ARG A 107 5.40 -15.91 -1.77
CA ARG A 107 4.45 -15.29 -0.86
C ARG A 107 4.78 -15.56 0.61
N MET A 108 5.57 -16.60 0.88
CA MET A 108 5.99 -16.85 2.27
C MET A 108 6.98 -15.76 2.71
N LEU A 109 7.81 -15.31 1.78
CA LEU A 109 8.73 -14.20 2.05
C LEU A 109 7.96 -12.90 2.11
N TYR A 110 7.04 -12.73 1.15
CA TYR A 110 6.17 -11.56 1.09
C TYR A 110 5.43 -11.36 2.41
N ALA A 111 4.83 -12.44 2.91
CA ALA A 111 4.06 -12.38 4.14
C ALA A 111 4.94 -12.16 5.37
N SER A 112 6.22 -12.49 5.24
CA SER A 112 7.15 -12.34 6.34
C SER A 112 7.78 -10.95 6.38
N SER A 113 7.69 -10.22 5.28
CA SER A 113 8.19 -8.85 5.25
C SER A 113 7.13 -7.87 5.72
N VAL A 114 5.90 -8.37 5.89
CA VAL A 114 4.77 -7.52 6.27
C VAL A 114 5.01 -6.81 7.60
N ARG A 115 5.45 -7.57 8.60
CA ARG A 115 5.62 -7.03 9.96
C ARG A 115 6.64 -5.89 9.95
N ALA A 116 7.65 -6.00 9.10
CA ALA A 116 8.72 -5.02 9.04
C ALA A 116 8.23 -3.70 8.46
N LEU A 117 7.70 -3.75 7.24
CA LEU A 117 7.29 -2.54 6.53
C LEU A 117 6.12 -1.84 7.23
N LYS A 118 5.26 -2.61 7.87
CA LYS A 118 4.07 -2.06 8.49
C LYS A 118 4.42 -1.29 9.76
N ALA A 119 5.34 -1.84 10.54
CA ALA A 119 5.71 -1.23 11.81
C ALA A 119 6.74 -0.12 11.61
N SER A 120 7.69 -0.34 10.71
CA SER A 120 8.80 0.58 10.51
C SER A 120 8.34 1.90 9.91
N LEU A 121 7.27 1.88 9.13
CA LEU A 121 6.85 3.10 8.43
C LEU A 121 5.86 3.91 9.26
N GLY A 122 5.54 3.41 10.45
CA GLY A 122 4.76 4.17 11.41
C GLY A 122 3.25 4.10 11.17
N LEU A 123 2.80 3.07 10.49
CA LEU A 123 1.36 2.88 10.27
C LEU A 123 0.78 1.93 11.30
N GLU A 124 1.44 1.86 12.46
CA GLU A 124 1.04 0.97 13.53
C GLU A 124 -0.43 1.16 13.92
N SER A 125 -0.85 2.40 14.09
CA SER A 125 -2.21 2.68 14.52
C SER A 125 -3.15 2.86 13.32
N LEU A 126 -2.71 2.46 12.14
CA LEU A 126 -3.52 2.59 10.94
C LEU A 126 -4.06 1.23 10.50
N PHE A 127 -4.74 1.21 9.37
CA PHE A 127 -5.47 0.01 8.95
C PHE A 127 -4.81 -0.63 7.74
N GLN A 128 -4.98 -1.95 7.61
CA GLN A 128 -4.44 -2.70 6.48
C GLN A 128 -5.51 -3.64 5.92
N VAL A 129 -5.60 -3.71 4.60
CA VAL A 129 -6.56 -4.58 3.94
C VAL A 129 -5.84 -5.51 2.98
N GLN A 130 -6.20 -6.79 3.00
CA GLN A 130 -5.60 -7.76 2.10
C GLN A 130 -6.49 -8.01 0.90
N ALA A 131 -5.88 -8.18 -0.26
CA ALA A 131 -6.60 -8.40 -1.51
C ALA A 131 -5.81 -9.36 -2.40
N SER A 132 -6.51 -10.06 -3.28
CA SER A 132 -5.85 -10.99 -4.17
C SER A 132 -5.83 -10.46 -5.60
N GLU A 133 -6.99 -10.07 -6.12
CA GLU A 133 -7.06 -9.57 -7.49
C GLU A 133 -7.61 -8.15 -7.55
N MET A 134 -7.80 -7.66 -8.77
CA MET A 134 -8.23 -6.28 -9.01
C MET A 134 -9.66 -6.03 -8.53
N SER A 135 -10.49 -7.07 -8.58
CA SER A 135 -11.88 -6.95 -8.14
C SER A 135 -11.95 -6.66 -6.64
N ASP A 136 -10.88 -7.00 -5.93
CA ASP A 136 -10.83 -6.79 -4.49
C ASP A 136 -10.40 -5.37 -4.18
N LEU A 137 -9.43 -4.88 -4.94
CA LEU A 137 -8.83 -3.57 -4.69
C LEU A 137 -9.64 -2.44 -5.29
N ASP A 138 -10.71 -2.78 -5.99
CA ASP A 138 -11.54 -1.78 -6.65
C ASP A 138 -12.07 -0.79 -5.61
N GLU A 139 -12.05 0.49 -5.97
CA GLU A 139 -12.37 1.58 -5.07
C GLU A 139 -13.79 1.45 -4.50
N LYS A 140 -14.65 0.71 -5.20
CA LYS A 140 -16.02 0.45 -4.74
C LYS A 140 -16.06 -0.09 -3.30
N SER A 141 -14.95 -0.66 -2.84
CA SER A 141 -14.84 -1.10 -1.46
C SER A 141 -13.76 -0.31 -0.71
N VAL A 142 -12.53 -0.40 -1.19
CA VAL A 142 -11.37 0.17 -0.51
C VAL A 142 -11.53 1.67 -0.27
N LYS A 143 -11.93 2.40 -1.31
CA LYS A 143 -12.07 3.86 -1.23
C LYS A 143 -13.05 4.26 -0.14
N SER A 144 -14.17 3.55 -0.07
CA SER A 144 -15.20 3.86 0.91
C SER A 144 -14.80 3.39 2.31
N ASP A 145 -14.06 2.28 2.35
CA ASP A 145 -13.63 1.70 3.62
C ASP A 145 -12.63 2.60 4.33
N LEU A 146 -11.63 3.07 3.59
CA LEU A 146 -10.64 3.97 4.16
C LEU A 146 -11.25 5.34 4.45
N MET A 147 -12.33 5.66 3.74
CA MET A 147 -13.07 6.89 3.97
C MET A 147 -13.84 6.79 5.29
N SER A 148 -14.40 5.61 5.52
CA SER A 148 -15.10 5.34 6.77
C SER A 148 -14.12 5.41 7.94
N ASN A 149 -13.04 4.64 7.84
CA ASN A 149 -12.06 4.54 8.93
C ASN A 149 -11.14 5.76 8.99
N GLN A 150 -11.50 6.84 8.30
CA GLN A 150 -10.79 8.11 8.43
C GLN A 150 -10.78 8.54 9.89
N ARG A 151 -11.94 8.48 10.53
CA ARG A 151 -12.05 8.70 11.96
C ARG A 151 -13.40 8.20 12.48
N ILE A 152 -13.41 6.94 12.90
CA ILE A 152 -14.59 6.32 13.48
C ILE A 152 -14.16 5.37 14.58
N MET A 1 4.87 -14.68 9.16
CA MET A 1 5.01 -13.44 9.96
C MET A 1 6.29 -13.48 10.80
N ALA A 2 7.09 -14.53 10.62
CA ALA A 2 8.25 -14.78 11.48
C ALA A 2 9.47 -13.97 11.07
N SER A 3 9.25 -12.75 10.57
CA SER A 3 10.32 -11.86 10.16
C SER A 3 11.20 -12.53 9.10
N GLY A 4 12.51 -12.25 9.14
CA GLY A 4 13.42 -12.78 8.16
C GLY A 4 13.70 -11.79 7.07
N VAL A 5 13.00 -10.67 7.13
CA VAL A 5 13.13 -9.62 6.14
C VAL A 5 13.45 -8.29 6.82
N LYS A 6 14.28 -7.49 6.19
CA LYS A 6 14.68 -6.19 6.73
C LYS A 6 14.18 -5.06 5.83
N VAL A 7 13.97 -3.89 6.42
CA VAL A 7 13.58 -2.72 5.67
C VAL A 7 14.80 -2.00 5.11
N ASP A 8 14.67 -1.45 3.91
CA ASP A 8 15.77 -0.71 3.30
C ASP A 8 15.51 0.80 3.43
N PRO A 9 16.53 1.56 3.84
CA PRO A 9 16.41 3.01 4.08
C PRO A 9 15.93 3.80 2.85
N SER A 10 16.07 3.22 1.66
CA SER A 10 15.64 3.90 0.44
C SER A 10 14.14 4.14 0.47
N CYS A 11 13.38 3.14 0.89
CA CYS A 11 11.94 3.24 1.00
C CYS A 11 11.53 4.25 2.07
N LYS A 12 12.33 4.30 3.14
CA LYS A 12 12.04 5.21 4.24
C LYS A 12 12.22 6.67 3.81
N ASN A 13 13.26 6.93 3.03
CA ASN A 13 13.52 8.27 2.50
C ASN A 13 12.31 8.78 1.72
N ALA A 14 11.70 7.87 0.95
CA ALA A 14 10.55 8.22 0.13
C ALA A 14 9.32 8.41 0.99
N TYR A 15 9.20 7.58 2.03
CA TYR A 15 8.08 7.65 2.94
C TYR A 15 8.01 9.01 3.64
N ASP A 16 9.16 9.58 3.95
CA ASP A 16 9.21 10.87 4.63
C ASP A 16 8.52 11.95 3.81
N LEU A 17 8.65 11.86 2.49
CA LEU A 17 7.96 12.79 1.60
C LEU A 17 6.47 12.49 1.59
N LEU A 18 6.14 11.21 1.45
CA LEU A 18 4.75 10.75 1.48
C LEU A 18 4.04 11.20 2.75
N HIS A 19 4.75 11.12 3.87
CA HIS A 19 4.17 11.41 5.18
C HIS A 19 3.70 12.86 5.31
N ASN A 20 4.37 13.79 4.62
CA ASN A 20 4.04 15.20 4.77
C ASN A 20 3.93 15.93 3.43
N LYS A 21 5.08 16.18 2.81
CA LYS A 21 5.19 17.06 1.65
C LYS A 21 4.37 16.55 0.47
N HIS A 22 4.29 15.25 0.36
CA HIS A 22 3.58 14.60 -0.74
C HIS A 22 4.28 14.82 -2.07
N GLN A 23 5.60 14.66 -2.07
CA GLN A 23 6.37 14.66 -3.32
C GLN A 23 5.78 13.63 -4.28
N HIS A 24 5.50 12.46 -3.73
CA HIS A 24 4.85 11.38 -4.46
C HIS A 24 3.88 10.68 -3.52
N SER A 25 2.82 10.10 -4.06
CA SER A 25 1.80 9.45 -3.23
C SER A 25 1.78 7.94 -3.47
N TYR A 26 1.48 7.55 -4.70
CA TYR A 26 1.35 6.14 -5.05
C TYR A 26 2.73 5.51 -5.12
N ILE A 27 2.99 4.51 -4.30
CA ILE A 27 4.28 3.84 -4.34
C ILE A 27 4.14 2.33 -4.10
N ILE A 28 4.58 1.57 -5.09
CA ILE A 28 4.52 0.12 -5.04
C ILE A 28 5.86 -0.43 -4.57
N PHE A 29 5.80 -1.36 -3.62
CA PHE A 29 7.01 -1.95 -3.07
C PHE A 29 7.18 -3.37 -3.60
N LYS A 30 8.40 -3.88 -3.52
CA LYS A 30 8.68 -5.24 -3.95
C LYS A 30 9.72 -5.88 -3.05
N ILE A 31 9.67 -7.18 -2.94
CA ILE A 31 10.65 -7.92 -2.16
C ILE A 31 11.73 -8.44 -3.11
N ASP A 32 12.98 -8.45 -2.66
CA ASP A 32 14.09 -8.87 -3.52
C ASP A 32 15.32 -9.21 -2.67
N LYS A 33 16.39 -9.61 -3.36
CA LYS A 33 17.72 -9.89 -2.80
C LYS A 33 17.71 -11.03 -1.77
N ASN A 34 18.80 -11.81 -1.77
CA ASN A 34 18.95 -12.94 -0.87
C ASN A 34 19.01 -12.46 0.57
N ASP A 35 19.63 -11.30 0.77
CA ASP A 35 19.56 -10.59 2.04
C ASP A 35 18.22 -9.87 2.10
N THR A 36 17.16 -10.67 2.19
CA THR A 36 15.80 -10.25 1.94
C THR A 36 15.44 -8.89 2.55
N ALA A 37 15.10 -7.96 1.67
CA ALA A 37 14.70 -6.61 2.06
C ALA A 37 13.61 -6.09 1.13
N ILE A 38 12.85 -5.12 1.60
CA ILE A 38 11.79 -4.52 0.79
C ILE A 38 12.29 -3.23 0.16
N VAL A 39 12.21 -3.14 -1.16
CA VAL A 39 12.67 -1.97 -1.87
C VAL A 39 11.57 -1.44 -2.80
N VAL A 40 11.65 -0.16 -3.14
CA VAL A 40 10.66 0.48 -4.00
C VAL A 40 10.70 -0.11 -5.42
N GLU A 41 9.53 -0.30 -6.02
CA GLU A 41 9.45 -0.83 -7.37
C GLU A 41 8.91 0.23 -8.34
N LYS A 42 7.83 0.88 -7.96
CA LYS A 42 7.22 1.89 -8.80
C LYS A 42 6.65 2.99 -7.93
N VAL A 43 7.02 4.22 -8.22
CA VAL A 43 6.44 5.36 -7.53
C VAL A 43 5.73 6.25 -8.55
N GLY A 44 4.50 6.62 -8.23
CA GLY A 44 3.71 7.44 -9.13
C GLY A 44 3.68 8.87 -8.68
N GLU A 45 2.91 9.68 -9.39
CA GLU A 45 2.84 11.12 -9.11
C GLU A 45 2.12 11.41 -7.81
N LYS A 46 2.16 12.68 -7.42
CA LYS A 46 1.42 13.16 -6.26
C LYS A 46 0.00 13.51 -6.67
N ASN A 47 -0.14 13.99 -7.89
CA ASN A 47 -1.44 14.24 -8.49
C ASN A 47 -1.74 13.16 -9.52
N ALA A 48 -2.24 12.03 -9.04
CA ALA A 48 -2.54 10.91 -9.90
C ALA A 48 -3.83 10.23 -9.45
N PRO A 49 -4.63 9.72 -10.40
CA PRO A 49 -5.80 8.93 -10.08
C PRO A 49 -5.42 7.48 -9.79
N TYR A 50 -6.34 6.75 -9.16
CA TYR A 50 -6.10 5.34 -8.83
C TYR A 50 -5.85 4.51 -10.10
N ALA A 51 -6.27 5.05 -11.24
CA ALA A 51 -6.11 4.39 -12.53
C ALA A 51 -4.67 3.91 -12.74
N GLU A 52 -3.70 4.81 -12.58
CA GLU A 52 -2.29 4.47 -12.81
C GLU A 52 -1.85 3.33 -11.89
N PHE A 53 -2.34 3.36 -10.67
CA PHE A 53 -1.99 2.37 -9.66
C PHE A 53 -2.42 0.98 -10.11
N VAL A 54 -3.56 0.92 -10.79
CA VAL A 54 -4.08 -0.33 -11.31
C VAL A 54 -3.40 -0.71 -12.63
N GLU A 55 -3.15 0.30 -13.47
CA GLU A 55 -2.53 0.09 -14.77
C GLU A 55 -1.16 -0.60 -14.64
N GLU A 56 -0.32 -0.08 -13.76
CA GLU A 56 1.02 -0.64 -13.54
C GLU A 56 0.94 -2.07 -13.01
N MET A 57 -0.16 -2.40 -12.36
CA MET A 57 -0.37 -3.74 -11.83
C MET A 57 -0.95 -4.67 -12.89
N LYS A 58 -2.03 -4.23 -13.53
CA LYS A 58 -2.78 -5.06 -14.46
C LYS A 58 -1.94 -5.47 -15.67
N LYS A 59 -0.98 -4.63 -16.06
CA LYS A 59 -0.14 -4.93 -17.22
C LYS A 59 0.92 -5.97 -16.85
N LEU A 60 1.32 -5.98 -15.59
CA LEU A 60 2.37 -6.87 -15.13
C LEU A 60 1.80 -8.23 -14.71
N VAL A 61 0.66 -8.21 -14.02
CA VAL A 61 0.10 -9.43 -13.45
C VAL A 61 -0.40 -10.40 -14.53
N GLU A 62 -0.76 -9.87 -15.70
CA GLU A 62 -1.31 -10.70 -16.77
C GLU A 62 -0.29 -11.74 -17.27
N ASP A 63 0.98 -11.53 -16.93
CA ASP A 63 2.04 -12.44 -17.36
C ASP A 63 2.00 -13.73 -16.53
N GLY A 64 1.29 -13.71 -15.41
CA GLY A 64 1.20 -14.89 -14.58
C GLY A 64 0.39 -14.66 -13.33
N LYS A 65 0.97 -15.06 -12.20
CA LYS A 65 0.31 -14.90 -10.91
C LYS A 65 1.16 -14.01 -10.01
N GLU A 66 2.01 -13.21 -10.61
CA GLU A 66 2.91 -12.35 -9.86
C GLU A 66 2.16 -11.19 -9.23
N CYS A 67 2.42 -10.94 -7.95
CA CYS A 67 1.75 -9.90 -7.21
C CYS A 67 2.70 -9.29 -6.19
N ARG A 68 2.40 -8.07 -5.74
CA ARG A 68 3.23 -7.38 -4.78
C ARG A 68 2.44 -6.28 -4.08
N TYR A 69 2.77 -6.03 -2.82
CA TYR A 69 2.07 -5.05 -2.01
C TYR A 69 2.50 -3.63 -2.35
N ALA A 70 1.64 -2.67 -2.06
CA ALA A 70 1.92 -1.28 -2.37
C ALA A 70 1.25 -0.34 -1.38
N ALA A 71 1.69 0.91 -1.35
CA ALA A 71 1.14 1.90 -0.44
C ALA A 71 0.60 3.10 -1.23
N VAL A 72 -0.51 3.65 -0.78
CA VAL A 72 -1.11 4.80 -1.43
C VAL A 72 -1.89 5.62 -0.41
N ASP A 73 -1.83 6.94 -0.54
CA ASP A 73 -2.61 7.82 0.31
C ASP A 73 -3.50 8.71 -0.55
N VAL A 74 -4.70 8.98 -0.07
CA VAL A 74 -5.61 9.84 -0.78
C VAL A 74 -6.46 10.63 0.20
N GLU A 75 -6.69 11.89 -0.12
CA GLU A 75 -7.56 12.70 0.70
C GLU A 75 -9.00 12.57 0.21
N VAL A 76 -9.80 11.84 0.98
CA VAL A 76 -11.18 11.61 0.61
C VAL A 76 -12.06 12.69 1.22
N THR A 77 -12.86 13.33 0.39
CA THR A 77 -13.74 14.39 0.86
C THR A 77 -15.05 13.81 1.37
N VAL A 78 -15.14 13.65 2.67
CA VAL A 78 -16.30 13.04 3.28
C VAL A 78 -16.88 13.95 4.35
N GLN A 79 -18.20 14.17 4.30
CA GLN A 79 -18.86 14.91 5.36
C GLN A 79 -18.79 14.12 6.64
N ARG A 80 -17.95 14.55 7.55
CA ARG A 80 -17.72 13.84 8.80
C ARG A 80 -17.93 14.76 9.99
N GLN A 81 -17.67 14.23 11.18
CA GLN A 81 -17.80 14.98 12.41
C GLN A 81 -16.69 16.03 12.52
N GLY A 82 -17.02 17.18 13.07
CA GLY A 82 -16.04 18.24 13.21
C GLY A 82 -15.75 18.92 11.89
N ALA A 83 -16.79 19.08 11.08
CA ALA A 83 -16.65 19.70 9.78
C ALA A 83 -17.93 20.45 9.40
N GLU A 84 -17.79 21.47 8.58
CA GLU A 84 -18.94 22.25 8.12
C GLU A 84 -19.51 21.64 6.84
N GLY A 85 -19.09 20.42 6.56
CA GLY A 85 -19.51 19.73 5.37
C GLY A 85 -18.54 18.64 4.99
N THR A 86 -18.16 18.60 3.73
CA THR A 86 -17.23 17.59 3.25
C THR A 86 -15.82 17.87 3.77
N SER A 87 -15.33 16.96 4.62
CA SER A 87 -14.02 17.10 5.21
C SER A 87 -13.00 16.30 4.42
N THR A 88 -12.01 16.97 3.86
CA THR A 88 -10.96 16.32 3.12
C THR A 88 -9.91 15.75 4.08
N LEU A 89 -9.86 14.44 4.19
CA LEU A 89 -8.90 13.79 5.07
C LEU A 89 -8.05 12.81 4.29
N ASN A 90 -6.74 13.00 4.33
CA ASN A 90 -5.82 12.12 3.63
C ASN A 90 -5.35 10.99 4.55
N LYS A 91 -5.48 9.77 4.06
CA LYS A 91 -5.08 8.60 4.82
C LYS A 91 -4.33 7.61 3.95
N VAL A 92 -3.12 7.28 4.36
CA VAL A 92 -2.30 6.32 3.63
C VAL A 92 -2.67 4.89 4.03
N ILE A 93 -2.97 4.09 3.03
CA ILE A 93 -3.33 2.71 3.25
C ILE A 93 -2.34 1.79 2.55
N PHE A 94 -1.98 0.71 3.21
CA PHE A 94 -1.05 -0.25 2.62
C PHE A 94 -1.83 -1.46 2.12
N VAL A 95 -1.87 -1.62 0.81
CA VAL A 95 -2.64 -2.70 0.21
C VAL A 95 -1.71 -3.81 -0.25
N GLN A 96 -1.80 -4.95 0.42
CA GLN A 96 -1.00 -6.10 0.05
C GLN A 96 -1.66 -6.88 -1.08
N TYR A 97 -1.11 -6.77 -2.28
CA TYR A 97 -1.64 -7.49 -3.42
C TYR A 97 -1.03 -8.88 -3.49
N CYS A 98 -1.87 -9.88 -3.22
CA CYS A 98 -1.46 -11.27 -3.26
C CYS A 98 -2.67 -12.16 -3.01
N PRO A 99 -2.95 -13.10 -3.92
CA PRO A 99 -4.04 -14.04 -3.75
C PRO A 99 -3.79 -15.01 -2.61
N ASP A 100 -4.86 -15.43 -1.95
CA ASP A 100 -4.74 -16.35 -0.81
C ASP A 100 -4.37 -17.76 -1.29
N ASN A 101 -4.35 -17.94 -2.60
CA ASN A 101 -3.99 -19.23 -3.20
C ASN A 101 -2.49 -19.25 -3.52
N ALA A 102 -1.77 -18.28 -3.00
CA ALA A 102 -0.33 -18.17 -3.27
C ALA A 102 0.45 -19.32 -2.64
N PRO A 103 1.45 -19.84 -3.35
CA PRO A 103 2.32 -20.90 -2.85
C PRO A 103 3.04 -20.47 -1.57
N VAL A 104 3.51 -21.45 -0.80
CA VAL A 104 4.07 -21.20 0.53
C VAL A 104 5.22 -20.20 0.50
N ARG A 105 6.02 -20.23 -0.55
CA ARG A 105 7.17 -19.35 -0.65
C ARG A 105 6.73 -17.89 -0.77
N ARG A 106 5.72 -17.64 -1.58
CA ARG A 106 5.21 -16.29 -1.75
C ARG A 106 4.37 -15.87 -0.54
N ARG A 107 3.66 -16.85 0.03
CA ARG A 107 2.91 -16.63 1.26
C ARG A 107 3.84 -16.15 2.38
N MET A 108 4.95 -16.87 2.55
CA MET A 108 5.92 -16.56 3.59
C MET A 108 6.48 -15.14 3.42
N LEU A 109 6.72 -14.75 2.18
CA LEU A 109 7.31 -13.46 1.87
C LEU A 109 6.47 -12.30 2.41
N TYR A 110 5.26 -12.15 1.90
CA TYR A 110 4.44 -10.99 2.23
C TYR A 110 4.01 -11.02 3.69
N ALA A 111 3.71 -12.22 4.20
CA ALA A 111 3.17 -12.37 5.54
C ALA A 111 4.22 -12.09 6.61
N SER A 112 5.48 -12.39 6.32
CA SER A 112 6.53 -12.17 7.30
C SER A 112 7.11 -10.76 7.17
N SER A 113 6.91 -10.13 6.02
CA SER A 113 7.38 -8.78 5.81
C SER A 113 6.45 -7.76 6.48
N VAL A 114 5.23 -8.22 6.82
CA VAL A 114 4.23 -7.35 7.43
C VAL A 114 4.78 -6.59 8.64
N ARG A 115 5.26 -7.35 9.63
CA ARG A 115 5.75 -6.76 10.86
C ARG A 115 7.01 -5.93 10.63
N ALA A 116 7.70 -6.20 9.52
CA ALA A 116 8.94 -5.51 9.23
C ALA A 116 8.71 -4.15 8.59
N LEU A 117 8.05 -4.13 7.44
CA LEU A 117 7.92 -2.91 6.66
C LEU A 117 6.86 -1.98 7.23
N LYS A 118 5.80 -2.54 7.79
CA LYS A 118 4.68 -1.75 8.25
C LYS A 118 4.99 -1.09 9.60
N ALA A 119 5.67 -1.82 10.48
CA ALA A 119 6.00 -1.29 11.80
C ALA A 119 7.16 -0.31 11.71
N SER A 120 8.14 -0.63 10.87
CA SER A 120 9.35 0.18 10.75
C SER A 120 9.05 1.53 10.12
N LEU A 121 7.99 1.60 9.32
CA LEU A 121 7.66 2.84 8.63
C LEU A 121 6.66 3.66 9.43
N GLY A 122 6.25 3.13 10.59
CA GLY A 122 5.37 3.85 11.47
C GLY A 122 3.93 3.89 10.98
N LEU A 123 3.50 2.80 10.34
CA LEU A 123 2.11 2.69 9.90
C LEU A 123 1.30 1.91 10.93
N GLU A 124 1.75 1.93 12.18
CA GLU A 124 1.08 1.22 13.26
C GLU A 124 -0.35 1.73 13.45
N SER A 125 -0.52 3.05 13.44
CA SER A 125 -1.84 3.65 13.57
C SER A 125 -2.49 3.84 12.20
N LEU A 126 -1.96 3.17 11.19
CA LEU A 126 -2.48 3.27 9.84
C LEU A 126 -3.19 1.97 9.43
N PHE A 127 -3.53 1.86 8.15
CA PHE A 127 -4.39 0.78 7.70
C PHE A 127 -3.68 -0.12 6.70
N GLN A 128 -3.85 -1.43 6.86
CA GLN A 128 -3.31 -2.40 5.93
C GLN A 128 -4.40 -3.35 5.47
N VAL A 129 -4.65 -3.40 4.17
CA VAL A 129 -5.68 -4.25 3.61
C VAL A 129 -5.08 -5.14 2.52
N GLN A 130 -5.32 -6.44 2.63
CA GLN A 130 -4.85 -7.36 1.60
C GLN A 130 -5.86 -7.46 0.48
N ALA A 131 -5.38 -7.75 -0.72
CA ALA A 131 -6.23 -7.90 -1.88
C ALA A 131 -5.72 -9.03 -2.76
N SER A 132 -6.60 -9.96 -3.11
CA SER A 132 -6.20 -11.12 -3.89
C SER A 132 -6.30 -10.87 -5.39
N GLU A 133 -7.51 -10.67 -5.91
CA GLU A 133 -7.69 -10.45 -7.34
C GLU A 133 -8.36 -9.11 -7.62
N MET A 134 -8.67 -8.85 -8.89
CA MET A 134 -9.10 -7.53 -9.34
C MET A 134 -10.38 -7.05 -8.67
N SER A 135 -11.31 -7.96 -8.41
CA SER A 135 -12.59 -7.57 -7.81
C SER A 135 -12.40 -7.34 -6.32
N ASP A 136 -11.37 -7.95 -5.77
CA ASP A 136 -11.08 -7.87 -4.35
C ASP A 136 -10.35 -6.57 -4.02
N LEU A 137 -9.70 -6.01 -5.05
CA LEU A 137 -8.95 -4.76 -4.89
C LEU A 137 -9.73 -3.59 -5.47
N ASP A 138 -10.95 -3.86 -5.91
CA ASP A 138 -11.79 -2.85 -6.53
C ASP A 138 -12.19 -1.78 -5.51
N GLU A 139 -12.26 -0.54 -5.95
CA GLU A 139 -12.43 0.60 -5.07
C GLU A 139 -13.75 0.55 -4.29
N LYS A 140 -14.75 -0.18 -4.81
CA LYS A 140 -16.04 -0.28 -4.13
C LYS A 140 -15.86 -0.79 -2.69
N SER A 141 -14.78 -1.52 -2.45
CA SER A 141 -14.48 -2.02 -1.12
C SER A 141 -13.35 -1.24 -0.48
N VAL A 142 -12.22 -1.12 -1.18
CA VAL A 142 -11.03 -0.47 -0.64
C VAL A 142 -11.31 0.99 -0.26
N LYS A 143 -11.96 1.72 -1.16
CA LYS A 143 -12.30 3.12 -0.92
C LYS A 143 -13.26 3.25 0.25
N SER A 144 -14.25 2.38 0.31
CA SER A 144 -15.26 2.42 1.36
C SER A 144 -14.65 2.09 2.72
N ASP A 145 -13.75 1.11 2.74
CA ASP A 145 -13.10 0.67 3.97
C ASP A 145 -12.23 1.78 4.53
N LEU A 146 -11.37 2.34 3.67
CA LEU A 146 -10.49 3.44 4.06
C LEU A 146 -11.31 4.62 4.57
N MET A 147 -12.35 4.97 3.81
CA MET A 147 -13.21 6.11 4.15
C MET A 147 -13.86 5.94 5.52
N SER A 148 -14.10 4.69 5.90
CA SER A 148 -14.75 4.40 7.17
C SER A 148 -13.76 4.45 8.33
N ASN A 149 -12.51 4.10 8.05
CA ASN A 149 -11.51 3.96 9.11
C ASN A 149 -10.66 5.22 9.28
N GLN A 150 -10.91 6.22 8.45
CA GLN A 150 -10.09 7.44 8.41
C GLN A 150 -9.79 8.02 9.80
N ARG A 151 -10.77 8.02 10.69
CA ARG A 151 -10.55 8.56 12.03
C ARG A 151 -11.15 7.66 13.11
N ILE A 152 -11.14 6.36 12.86
CA ILE A 152 -11.65 5.40 13.82
C ILE A 152 -10.61 4.33 14.09
N MET A 1 6.58 -14.88 9.92
CA MET A 1 6.65 -13.49 10.44
C MET A 1 7.98 -13.24 11.15
N ALA A 2 8.92 -14.16 10.97
CA ALA A 2 10.18 -14.12 11.71
C ALA A 2 11.19 -13.12 11.11
N SER A 3 10.68 -12.13 10.39
CA SER A 3 11.52 -11.12 9.74
C SER A 3 12.47 -11.77 8.74
N GLY A 4 13.56 -11.09 8.43
CA GLY A 4 14.53 -11.62 7.48
C GLY A 4 14.64 -10.72 6.26
N VAL A 5 13.56 -10.01 5.97
CA VAL A 5 13.54 -9.07 4.87
C VAL A 5 13.96 -7.69 5.35
N LYS A 6 14.93 -7.11 4.66
CA LYS A 6 15.53 -5.85 5.09
C LYS A 6 14.72 -4.65 4.64
N VAL A 7 14.61 -3.69 5.53
CA VAL A 7 13.97 -2.42 5.21
C VAL A 7 14.98 -1.47 4.59
N ASP A 8 14.78 -1.12 3.32
CA ASP A 8 15.73 -0.31 2.58
C ASP A 8 15.40 1.18 2.72
N PRO A 9 16.44 2.01 3.01
CA PRO A 9 16.28 3.45 3.18
C PRO A 9 15.71 4.15 1.95
N SER A 10 15.98 3.62 0.77
CA SER A 10 15.51 4.23 -0.47
C SER A 10 13.98 4.11 -0.56
N CYS A 11 13.44 3.01 -0.05
CA CYS A 11 12.00 2.81 -0.03
C CYS A 11 11.36 3.76 0.97
N LYS A 12 12.02 3.96 2.10
CA LYS A 12 11.53 4.85 3.14
C LYS A 12 11.60 6.31 2.67
N ASN A 13 12.64 6.63 1.91
CA ASN A 13 12.81 7.98 1.38
C ASN A 13 11.64 8.35 0.47
N ALA A 14 11.13 7.36 -0.27
CA ALA A 14 10.01 7.58 -1.16
C ALA A 14 8.69 7.65 -0.38
N TYR A 15 8.59 6.82 0.64
CA TYR A 15 7.39 6.76 1.49
C TYR A 15 7.29 8.01 2.36
N ASP A 16 8.43 8.54 2.76
CA ASP A 16 8.48 9.68 3.69
C ASP A 16 7.71 10.87 3.14
N LEU A 17 7.79 11.07 1.83
CA LEU A 17 7.21 12.25 1.19
C LEU A 17 5.68 12.17 1.09
N LEU A 18 5.12 10.98 1.14
CA LEU A 18 3.67 10.84 1.04
C LEU A 18 3.00 10.99 2.42
N HIS A 19 3.77 10.76 3.48
CA HIS A 19 3.21 10.63 4.82
C HIS A 19 2.50 11.92 5.28
N ASN A 20 3.23 13.02 5.36
CA ASN A 20 2.65 14.28 5.85
C ASN A 20 2.85 15.41 4.84
N LYS A 21 3.08 15.04 3.59
CA LYS A 21 3.23 16.01 2.51
C LYS A 21 2.25 15.70 1.41
N HIS A 22 2.14 14.40 1.11
CA HIS A 22 1.28 13.90 0.04
C HIS A 22 1.92 14.24 -1.31
N GLN A 23 3.26 14.35 -1.30
CA GLN A 23 3.99 14.61 -2.54
C GLN A 23 3.99 13.36 -3.41
N HIS A 24 3.65 12.24 -2.80
CA HIS A 24 3.48 10.98 -3.51
C HIS A 24 2.11 10.42 -3.18
N SER A 25 1.43 9.89 -4.18
CA SER A 25 0.10 9.34 -3.96
C SER A 25 0.20 7.89 -3.50
N TYR A 26 0.92 7.07 -4.26
CA TYR A 26 1.04 5.66 -3.92
C TYR A 26 2.49 5.19 -4.08
N ILE A 27 2.82 4.13 -3.37
CA ILE A 27 4.10 3.47 -3.54
C ILE A 27 3.93 1.95 -3.43
N ILE A 28 4.51 1.24 -4.36
CA ILE A 28 4.47 -0.22 -4.38
C ILE A 28 5.87 -0.76 -4.18
N PHE A 29 6.07 -1.51 -3.11
CA PHE A 29 7.39 -2.05 -2.81
C PHE A 29 7.38 -3.57 -2.88
N LYS A 30 8.57 -4.12 -3.10
CA LYS A 30 8.73 -5.54 -3.34
C LYS A 30 10.02 -6.04 -2.71
N ILE A 31 10.12 -7.35 -2.53
CA ILE A 31 11.36 -7.97 -2.06
C ILE A 31 12.24 -8.26 -3.27
N ASP A 32 13.25 -7.43 -3.51
CA ASP A 32 14.00 -7.52 -4.75
C ASP A 32 15.51 -7.31 -4.55
N LYS A 33 16.21 -8.42 -4.32
CA LYS A 33 17.68 -8.47 -4.34
C LYS A 33 18.10 -9.81 -3.74
N ASN A 34 19.38 -10.17 -3.91
CA ASN A 34 19.89 -11.48 -3.47
C ASN A 34 19.56 -11.75 -2.02
N ASP A 35 19.85 -10.77 -1.15
CA ASP A 35 19.48 -10.87 0.24
C ASP A 35 18.14 -10.17 0.44
N THR A 36 17.13 -10.93 0.84
CA THR A 36 15.75 -10.47 0.85
C THR A 36 15.58 -9.09 1.49
N ALA A 37 15.27 -8.10 0.66
CA ALA A 37 15.09 -6.73 1.12
C ALA A 37 13.97 -6.05 0.36
N ILE A 38 13.35 -5.07 0.99
CA ILE A 38 12.25 -4.33 0.40
C ILE A 38 12.76 -3.13 -0.39
N VAL A 39 12.40 -3.07 -1.66
CA VAL A 39 12.79 -1.97 -2.52
C VAL A 39 11.58 -1.46 -3.31
N VAL A 40 11.68 -0.26 -3.85
CA VAL A 40 10.56 0.36 -4.56
C VAL A 40 10.40 -0.20 -5.96
N GLU A 41 9.17 -0.54 -6.32
CA GLU A 41 8.84 -0.96 -7.67
C GLU A 41 8.12 0.19 -8.39
N LYS A 42 7.12 0.75 -7.71
CA LYS A 42 6.38 1.89 -8.23
C LYS A 42 6.22 2.94 -7.16
N VAL A 43 6.36 4.20 -7.53
CA VAL A 43 6.07 5.29 -6.64
C VAL A 43 5.49 6.45 -7.46
N GLY A 44 4.26 6.82 -7.14
CA GLY A 44 3.57 7.83 -7.92
C GLY A 44 3.66 9.20 -7.30
N GLU A 45 3.70 10.21 -8.15
CA GLU A 45 3.71 11.60 -7.71
C GLU A 45 2.38 11.98 -7.09
N LYS A 46 2.27 13.23 -6.67
CA LYS A 46 1.04 13.75 -6.04
C LYS A 46 -0.18 13.40 -6.89
N ASN A 47 -0.17 13.82 -8.14
CA ASN A 47 -1.27 13.53 -9.04
C ASN A 47 -1.07 12.18 -9.72
N ALA A 48 -1.38 11.12 -9.01
CA ALA A 48 -1.31 9.78 -9.56
C ALA A 48 -2.66 9.07 -9.43
N PRO A 49 -3.51 9.20 -10.46
CA PRO A 49 -4.87 8.64 -10.46
C PRO A 49 -4.87 7.11 -10.45
N TYR A 50 -5.90 6.54 -9.84
CA TYR A 50 -5.99 5.09 -9.70
C TYR A 50 -6.12 4.40 -11.06
N ALA A 51 -6.68 5.09 -12.03
CA ALA A 51 -6.80 4.56 -13.39
C ALA A 51 -5.43 4.20 -13.95
N GLU A 52 -4.46 5.08 -13.71
CA GLU A 52 -3.09 4.85 -14.19
C GLU A 52 -2.36 3.92 -13.24
N PHE A 53 -2.68 4.03 -11.94
CA PHE A 53 -2.14 3.14 -10.92
C PHE A 53 -2.40 1.67 -11.27
N VAL A 54 -3.65 1.37 -11.64
CA VAL A 54 -4.04 0.01 -11.97
C VAL A 54 -3.20 -0.53 -13.13
N GLU A 55 -2.99 0.28 -14.16
CA GLU A 55 -2.28 -0.19 -15.35
C GLU A 55 -0.77 -0.23 -15.14
N GLU A 56 -0.26 0.64 -14.27
CA GLU A 56 1.15 0.56 -13.86
C GLU A 56 1.41 -0.78 -13.16
N MET A 57 0.38 -1.25 -12.48
CA MET A 57 0.44 -2.53 -11.79
C MET A 57 0.06 -3.67 -12.74
N LYS A 58 -0.83 -3.38 -13.68
CA LYS A 58 -1.30 -4.36 -14.67
C LYS A 58 -0.15 -5.01 -15.43
N LYS A 59 0.72 -4.18 -15.99
CA LYS A 59 1.84 -4.67 -16.80
C LYS A 59 2.76 -5.58 -15.99
N LEU A 60 2.66 -5.45 -14.68
CA LEU A 60 3.44 -6.30 -13.78
C LEU A 60 2.70 -7.62 -13.54
N VAL A 61 1.38 -7.54 -13.46
CA VAL A 61 0.54 -8.70 -13.18
C VAL A 61 0.43 -9.60 -14.41
N GLU A 62 0.47 -9.00 -15.59
CA GLU A 62 0.38 -9.76 -16.83
C GLU A 62 1.65 -10.56 -17.07
N ASP A 63 2.73 -10.16 -16.40
CA ASP A 63 4.02 -10.81 -16.58
C ASP A 63 4.19 -11.98 -15.63
N GLY A 64 3.17 -12.27 -14.85
CA GLY A 64 3.20 -13.42 -13.98
C GLY A 64 2.38 -13.21 -12.72
N LYS A 65 2.26 -14.27 -11.93
CA LYS A 65 1.54 -14.20 -10.66
C LYS A 65 2.41 -13.51 -9.62
N GLU A 66 2.53 -12.20 -9.74
CA GLU A 66 3.42 -11.43 -8.89
C GLU A 66 2.62 -10.76 -7.78
N CYS A 67 3.11 -10.87 -6.55
CA CYS A 67 2.45 -10.27 -5.41
C CYS A 67 3.27 -9.10 -4.90
N ARG A 68 2.60 -8.02 -4.55
CA ARG A 68 3.27 -6.79 -4.18
C ARG A 68 2.46 -6.04 -3.12
N TYR A 69 3.16 -5.34 -2.24
CA TYR A 69 2.50 -4.57 -1.20
C TYR A 69 2.47 -3.10 -1.59
N ALA A 70 1.30 -2.50 -1.50
CA ALA A 70 1.12 -1.11 -1.93
C ALA A 70 0.56 -0.26 -0.81
N ALA A 71 1.11 0.94 -0.68
CA ALA A 71 0.60 1.91 0.27
C ALA A 71 0.20 3.18 -0.47
N VAL A 72 -1.01 3.64 -0.26
CA VAL A 72 -1.52 4.80 -0.98
C VAL A 72 -2.14 5.82 -0.03
N ASP A 73 -1.71 7.06 -0.17
CA ASP A 73 -2.24 8.16 0.63
C ASP A 73 -3.09 9.06 -0.24
N VAL A 74 -4.34 9.24 0.14
CA VAL A 74 -5.26 10.11 -0.59
C VAL A 74 -6.10 10.91 0.38
N GLU A 75 -6.42 12.14 0.01
CA GLU A 75 -7.33 12.95 0.79
C GLU A 75 -8.76 12.67 0.35
N VAL A 76 -9.49 11.95 1.19
CA VAL A 76 -10.84 11.54 0.86
C VAL A 76 -11.85 12.60 1.32
N THR A 77 -12.83 12.86 0.46
CA THR A 77 -13.87 13.83 0.75
C THR A 77 -15.01 13.19 1.55
N VAL A 78 -15.01 13.43 2.86
CA VAL A 78 -16.00 12.86 3.76
C VAL A 78 -16.83 13.97 4.42
N GLN A 79 -17.80 13.61 5.24
CA GLN A 79 -18.57 14.60 5.99
C GLN A 79 -18.88 14.04 7.39
N ARG A 80 -18.20 14.56 8.41
CA ARG A 80 -18.32 14.01 9.76
C ARG A 80 -18.22 15.08 10.85
N GLN A 81 -17.05 15.72 10.92
CA GLN A 81 -16.75 16.66 11.99
C GLN A 81 -17.62 17.91 11.94
N GLY A 82 -17.66 18.66 13.04
CA GLY A 82 -18.45 19.88 13.13
C GLY A 82 -17.93 21.01 12.26
N ALA A 83 -17.75 20.70 10.99
CA ALA A 83 -17.45 21.67 9.95
C ALA A 83 -18.21 21.25 8.71
N GLU A 84 -19.53 21.44 8.78
CA GLU A 84 -20.45 20.89 7.81
C GLU A 84 -20.09 21.29 6.38
N GLY A 85 -19.95 20.29 5.54
CA GLY A 85 -19.50 20.48 4.19
C GLY A 85 -18.75 19.27 3.71
N THR A 86 -17.44 19.40 3.57
CA THR A 86 -16.61 18.28 3.16
C THR A 86 -15.31 18.25 3.95
N SER A 87 -15.16 17.20 4.75
CA SER A 87 -13.95 16.97 5.51
C SER A 87 -12.95 16.18 4.67
N THR A 88 -11.93 16.87 4.20
CA THR A 88 -10.91 16.23 3.38
C THR A 88 -9.76 15.76 4.25
N LEU A 89 -9.63 14.45 4.40
CA LEU A 89 -8.60 13.87 5.25
C LEU A 89 -7.73 12.93 4.45
N ASN A 90 -6.43 13.14 4.48
CA ASN A 90 -5.50 12.24 3.81
C ASN A 90 -5.19 11.06 4.71
N LYS A 91 -5.23 9.87 4.15
CA LYS A 91 -4.96 8.65 4.89
C LYS A 91 -4.22 7.65 4.02
N VAL A 92 -2.96 7.43 4.35
CA VAL A 92 -2.18 6.42 3.66
C VAL A 92 -2.53 5.04 4.18
N ILE A 93 -3.30 4.32 3.39
CA ILE A 93 -3.71 2.97 3.74
C ILE A 93 -2.72 1.97 3.16
N PHE A 94 -2.39 0.95 3.93
CA PHE A 94 -1.47 -0.07 3.49
C PHE A 94 -2.24 -1.32 3.10
N VAL A 95 -2.20 -1.64 1.81
CA VAL A 95 -2.91 -2.78 1.28
C VAL A 95 -1.95 -3.91 0.95
N GLN A 96 -2.02 -4.97 1.74
CA GLN A 96 -1.22 -6.16 1.47
C GLN A 96 -1.95 -7.04 0.48
N TYR A 97 -1.39 -7.16 -0.72
CA TYR A 97 -1.98 -8.00 -1.75
C TYR A 97 -1.48 -9.44 -1.58
N CYS A 98 -2.24 -10.22 -0.84
CA CYS A 98 -1.89 -11.59 -0.56
C CYS A 98 -2.96 -12.53 -1.11
N PRO A 99 -2.76 -13.02 -2.34
CA PRO A 99 -3.71 -13.91 -3.00
C PRO A 99 -3.52 -15.36 -2.59
N ASP A 100 -4.63 -16.08 -2.49
CA ASP A 100 -4.59 -17.51 -2.17
C ASP A 100 -3.98 -18.27 -3.34
N ASN A 101 -3.87 -17.60 -4.48
CA ASN A 101 -3.35 -18.20 -5.71
C ASN A 101 -1.84 -18.01 -5.80
N ALA A 102 -1.24 -17.54 -4.70
CA ALA A 102 0.19 -17.32 -4.67
C ALA A 102 0.91 -18.53 -4.08
N PRO A 103 2.06 -18.91 -4.66
CA PRO A 103 2.87 -20.04 -4.18
C PRO A 103 3.36 -19.84 -2.75
N VAL A 104 3.65 -20.95 -2.08
CA VAL A 104 3.97 -20.96 -0.65
C VAL A 104 5.21 -20.13 -0.33
N ARG A 105 6.32 -20.40 -1.01
CA ARG A 105 7.58 -19.68 -0.74
C ARG A 105 7.40 -18.19 -0.94
N ARG A 106 6.74 -17.84 -2.04
CA ARG A 106 6.47 -16.45 -2.38
C ARG A 106 5.74 -15.72 -1.26
N ARG A 107 4.63 -16.29 -0.78
CA ARG A 107 3.84 -15.63 0.25
C ARG A 107 4.56 -15.68 1.60
N MET A 108 5.42 -16.68 1.77
CA MET A 108 6.17 -16.85 3.02
C MET A 108 7.11 -15.67 3.24
N LEU A 109 7.75 -15.21 2.17
CA LEU A 109 8.67 -14.09 2.24
C LEU A 109 7.96 -12.83 2.73
N TYR A 110 6.86 -12.49 2.07
CA TYR A 110 6.12 -11.28 2.40
C TYR A 110 5.45 -11.40 3.77
N ALA A 111 4.94 -12.59 4.09
CA ALA A 111 4.29 -12.82 5.38
C ALA A 111 5.25 -12.59 6.53
N SER A 112 6.51 -12.91 6.33
CA SER A 112 7.52 -12.70 7.36
C SER A 112 8.08 -11.28 7.30
N SER A 113 7.82 -10.59 6.19
CA SER A 113 8.30 -9.24 6.00
C SER A 113 7.36 -8.24 6.67
N VAL A 114 6.13 -8.69 6.95
CA VAL A 114 5.10 -7.84 7.56
C VAL A 114 5.59 -7.20 8.85
N ARG A 115 6.30 -7.97 9.67
CA ARG A 115 6.81 -7.50 10.95
C ARG A 115 7.69 -6.26 10.77
N ALA A 116 8.46 -6.25 9.70
CA ALA A 116 9.40 -5.17 9.44
C ALA A 116 8.73 -3.98 8.76
N LEU A 117 8.10 -4.23 7.62
CA LEU A 117 7.61 -3.15 6.76
C LEU A 117 6.47 -2.36 7.40
N LYS A 118 5.72 -2.97 8.29
CA LYS A 118 4.58 -2.31 8.88
C LYS A 118 5.01 -1.38 10.00
N ALA A 119 5.83 -1.89 10.90
CA ALA A 119 6.22 -1.13 12.09
C ALA A 119 7.30 -0.10 11.77
N SER A 120 8.28 -0.49 10.95
CA SER A 120 9.45 0.34 10.71
C SER A 120 9.13 1.54 9.81
N LEU A 121 8.05 1.46 9.03
CA LEU A 121 7.71 2.54 8.10
C LEU A 121 6.79 3.56 8.76
N GLY A 122 6.26 3.21 9.93
CA GLY A 122 5.39 4.12 10.64
C GLY A 122 3.94 3.96 10.22
N LEU A 123 3.47 2.73 10.24
CA LEU A 123 2.07 2.44 9.96
C LEU A 123 1.32 2.19 11.26
N GLU A 124 1.88 2.68 12.34
CA GLU A 124 1.33 2.47 13.68
C GLU A 124 0.05 3.28 13.85
N SER A 125 0.08 4.52 13.38
CA SER A 125 -1.09 5.39 13.43
C SER A 125 -1.87 5.31 12.11
N LEU A 126 -1.57 4.28 11.33
CA LEU A 126 -2.24 4.06 10.06
C LEU A 126 -2.97 2.72 10.09
N PHE A 127 -3.55 2.34 8.96
CA PHE A 127 -4.38 1.14 8.90
C PHE A 127 -3.94 0.23 7.76
N GLN A 128 -4.00 -1.07 8.00
CA GLN A 128 -3.58 -2.06 7.03
C GLN A 128 -4.72 -3.01 6.70
N VAL A 129 -4.90 -3.27 5.42
CA VAL A 129 -5.90 -4.23 4.96
C VAL A 129 -5.21 -5.27 4.07
N GLN A 130 -5.60 -6.53 4.21
CA GLN A 130 -5.03 -7.59 3.40
C GLN A 130 -6.04 -8.08 2.35
N ALA A 131 -5.74 -7.81 1.09
CA ALA A 131 -6.63 -8.15 0.00
C ALA A 131 -6.11 -9.38 -0.73
N SER A 132 -7.00 -10.12 -1.36
CA SER A 132 -6.59 -11.35 -2.03
C SER A 132 -6.22 -11.12 -3.49
N GLU A 133 -7.22 -10.96 -4.35
CA GLU A 133 -6.97 -10.85 -5.78
C GLU A 133 -7.47 -9.53 -6.35
N MET A 134 -7.51 -9.43 -7.68
CA MET A 134 -7.77 -8.15 -8.36
C MET A 134 -9.18 -7.61 -8.11
N SER A 135 -10.15 -8.47 -7.90
CA SER A 135 -11.53 -8.02 -7.73
C SER A 135 -11.72 -7.42 -6.34
N ASP A 136 -11.23 -8.12 -5.32
CA ASP A 136 -11.33 -7.67 -3.94
C ASP A 136 -10.47 -6.43 -3.72
N LEU A 137 -9.53 -6.21 -4.63
CA LEU A 137 -8.61 -5.08 -4.55
C LEU A 137 -9.28 -3.79 -5.01
N ASP A 138 -10.36 -3.91 -5.77
CA ASP A 138 -11.05 -2.75 -6.32
C ASP A 138 -11.58 -1.84 -5.21
N GLU A 139 -11.55 -0.54 -5.49
CA GLU A 139 -11.97 0.50 -4.55
C GLU A 139 -13.34 0.23 -3.93
N LYS A 140 -14.18 -0.55 -4.62
CA LYS A 140 -15.52 -0.89 -4.12
C LYS A 140 -15.49 -1.29 -2.64
N SER A 141 -14.42 -1.97 -2.23
CA SER A 141 -14.24 -2.32 -0.83
C SER A 141 -13.25 -1.38 -0.16
N VAL A 142 -12.06 -1.26 -0.75
CA VAL A 142 -10.97 -0.48 -0.18
C VAL A 142 -11.37 0.97 0.09
N LYS A 143 -11.87 1.64 -0.95
CA LYS A 143 -12.24 3.04 -0.86
C LYS A 143 -13.34 3.25 0.16
N SER A 144 -14.32 2.37 0.16
CA SER A 144 -15.46 2.48 1.06
C SER A 144 -15.05 2.19 2.51
N ASP A 145 -14.08 1.31 2.67
CA ASP A 145 -13.64 0.90 4.00
C ASP A 145 -12.67 1.92 4.59
N LEU A 146 -11.67 2.34 3.80
CA LEU A 146 -10.65 3.27 4.29
C LEU A 146 -11.27 4.60 4.70
N MET A 147 -12.37 4.97 4.04
CA MET A 147 -13.08 6.20 4.35
C MET A 147 -13.54 6.18 5.80
N SER A 148 -13.93 5.01 6.27
CA SER A 148 -14.39 4.86 7.63
C SER A 148 -13.19 4.76 8.58
N ASN A 149 -12.14 4.08 8.12
CA ASN A 149 -10.95 3.85 8.93
C ASN A 149 -10.20 5.14 9.22
N GLN A 150 -10.42 6.16 8.38
CA GLN A 150 -9.75 7.46 8.52
C GLN A 150 -9.70 7.92 9.98
N ARG A 151 -10.85 7.95 10.62
CA ARG A 151 -10.93 8.22 12.04
C ARG A 151 -12.28 7.74 12.57
N ILE A 152 -12.24 6.63 13.28
CA ILE A 152 -13.44 6.01 13.81
C ILE A 152 -13.18 5.43 15.20
N MET A 1 5.63 -15.31 10.22
CA MET A 1 6.20 -14.01 10.62
C MET A 1 7.62 -14.20 11.15
N ALA A 2 8.20 -15.37 10.88
CA ALA A 2 9.51 -15.72 11.42
C ALA A 2 10.62 -15.44 10.42
N SER A 3 11.12 -14.22 10.43
CA SER A 3 12.24 -13.84 9.58
C SER A 3 12.69 -12.42 9.92
N GLY A 4 13.96 -12.13 9.67
CA GLY A 4 14.48 -10.80 9.92
C GLY A 4 14.45 -9.94 8.66
N VAL A 5 13.29 -9.87 8.04
CA VAL A 5 13.11 -9.09 6.82
C VAL A 5 13.39 -7.62 7.09
N LYS A 6 14.48 -7.13 6.55
CA LYS A 6 14.86 -5.73 6.69
C LYS A 6 14.23 -4.92 5.58
N VAL A 7 14.04 -3.64 5.82
CA VAL A 7 13.61 -2.73 4.78
C VAL A 7 14.83 -2.00 4.21
N ASP A 8 14.82 -1.77 2.92
CA ASP A 8 15.93 -1.07 2.27
C ASP A 8 15.63 0.42 2.29
N PRO A 9 16.50 1.23 2.94
CA PRO A 9 16.28 2.66 3.18
C PRO A 9 15.74 3.44 1.97
N SER A 10 16.05 2.97 0.77
CA SER A 10 15.59 3.61 -0.45
C SER A 10 14.06 3.73 -0.51
N CYS A 11 13.37 2.82 0.18
CA CYS A 11 11.91 2.84 0.20
C CYS A 11 11.40 3.90 1.18
N LYS A 12 12.01 3.94 2.35
CA LYS A 12 11.61 4.88 3.40
C LYS A 12 11.89 6.31 2.97
N ASN A 13 13.04 6.51 2.31
CA ASN A 13 13.44 7.82 1.82
C ASN A 13 12.37 8.44 0.92
N ALA A 14 11.74 7.60 0.10
CA ALA A 14 10.70 8.07 -0.82
C ALA A 14 9.34 8.12 -0.14
N TYR A 15 9.15 7.23 0.84
CA TYR A 15 7.88 7.11 1.54
C TYR A 15 7.52 8.39 2.29
N ASP A 16 8.52 9.05 2.87
CA ASP A 16 8.27 10.27 3.64
C ASP A 16 7.66 11.36 2.79
N LEU A 17 7.97 11.35 1.49
CA LEU A 17 7.47 12.36 0.58
C LEU A 17 5.95 12.30 0.46
N LEU A 18 5.39 11.10 0.46
CA LEU A 18 3.95 10.95 0.42
C LEU A 18 3.35 11.01 1.83
N HIS A 19 4.10 10.48 2.81
CA HIS A 19 3.59 10.24 4.16
C HIS A 19 2.86 11.44 4.77
N ASN A 20 3.43 12.63 4.67
CA ASN A 20 2.78 13.82 5.21
C ASN A 20 3.15 15.05 4.40
N LYS A 21 3.63 14.81 3.19
CA LYS A 21 4.03 15.87 2.30
C LYS A 21 3.21 15.80 1.01
N HIS A 22 2.72 14.59 0.72
CA HIS A 22 1.89 14.33 -0.47
C HIS A 22 2.62 14.69 -1.76
N GLN A 23 3.94 14.59 -1.75
CA GLN A 23 4.73 14.84 -2.96
C GLN A 23 4.56 13.71 -3.95
N HIS A 24 4.09 12.57 -3.46
CA HIS A 24 3.67 11.46 -4.30
C HIS A 24 2.39 10.89 -3.69
N SER A 25 1.73 9.99 -4.39
CA SER A 25 0.47 9.44 -3.86
C SER A 25 0.63 7.96 -3.53
N TYR A 26 0.76 7.13 -4.55
CA TYR A 26 0.85 5.69 -4.35
C TYR A 26 2.25 5.18 -4.68
N ILE A 27 2.70 4.19 -3.94
CA ILE A 27 3.99 3.56 -4.21
C ILE A 27 3.90 2.05 -3.98
N ILE A 28 4.45 1.29 -4.91
CA ILE A 28 4.42 -0.16 -4.83
C ILE A 28 5.72 -0.69 -4.25
N PHE A 29 5.61 -1.55 -3.26
CA PHE A 29 6.77 -2.17 -2.63
C PHE A 29 6.78 -3.67 -2.90
N LYS A 30 7.95 -4.24 -2.92
CA LYS A 30 8.09 -5.69 -3.03
C LYS A 30 9.23 -6.17 -2.16
N ILE A 31 9.19 -7.43 -1.77
CA ILE A 31 10.27 -8.02 -1.01
C ILE A 31 11.34 -8.54 -1.97
N ASP A 32 12.40 -7.76 -2.10
CA ASP A 32 13.46 -8.05 -3.04
C ASP A 32 14.72 -8.37 -2.24
N LYS A 33 15.88 -8.22 -2.88
CA LYS A 33 17.17 -8.32 -2.20
C LYS A 33 17.53 -9.77 -1.90
N ASN A 34 18.76 -10.15 -2.21
CA ASN A 34 19.26 -11.49 -1.89
C ASN A 34 19.56 -11.59 -0.39
N ASP A 35 19.29 -10.49 0.31
CA ASP A 35 19.45 -10.42 1.75
C ASP A 35 18.10 -10.13 2.40
N THR A 36 17.04 -10.39 1.62
CA THR A 36 15.66 -10.14 2.01
C THR A 36 15.42 -8.72 2.51
N ALA A 37 15.04 -7.84 1.60
CA ALA A 37 14.76 -6.46 1.95
C ALA A 37 13.64 -5.89 1.10
N ILE A 38 12.69 -5.24 1.76
CA ILE A 38 11.57 -4.61 1.08
C ILE A 38 12.02 -3.28 0.47
N VAL A 39 11.78 -3.09 -0.81
CA VAL A 39 12.21 -1.89 -1.50
C VAL A 39 11.19 -1.47 -2.56
N VAL A 40 11.29 -0.23 -3.03
CA VAL A 40 10.36 0.33 -4.01
C VAL A 40 10.41 -0.43 -5.33
N GLU A 41 9.23 -0.70 -5.88
CA GLU A 41 9.15 -1.28 -7.22
C GLU A 41 8.68 -0.20 -8.19
N LYS A 42 7.63 0.53 -7.80
CA LYS A 42 7.08 1.57 -8.65
C LYS A 42 6.49 2.69 -7.80
N VAL A 43 6.82 3.93 -8.13
CA VAL A 43 6.29 5.06 -7.38
C VAL A 43 5.44 5.95 -8.29
N GLY A 44 4.20 6.18 -7.87
CA GLY A 44 3.28 6.99 -8.64
C GLY A 44 3.29 8.43 -8.18
N GLU A 45 2.81 9.32 -9.04
CA GLU A 45 2.83 10.74 -8.74
C GLU A 45 1.66 11.13 -7.85
N LYS A 46 1.77 12.30 -7.23
CA LYS A 46 0.74 12.83 -6.35
C LYS A 46 -0.54 13.15 -7.11
N ASN A 47 -0.38 13.50 -8.38
CA ASN A 47 -1.53 13.83 -9.22
C ASN A 47 -1.88 12.67 -10.14
N ALA A 48 -1.30 11.50 -9.86
CA ALA A 48 -1.60 10.30 -10.64
C ALA A 48 -2.66 9.47 -9.93
N PRO A 49 -3.89 9.52 -10.43
CA PRO A 49 -5.04 8.84 -9.79
C PRO A 49 -5.03 7.33 -10.05
N TYR A 50 -6.10 6.66 -9.61
CA TYR A 50 -6.14 5.21 -9.62
C TYR A 50 -6.20 4.64 -11.04
N ALA A 51 -6.62 5.45 -12.01
CA ALA A 51 -6.64 5.02 -13.41
C ALA A 51 -5.27 4.50 -13.85
N GLU A 52 -4.23 5.28 -13.58
CA GLU A 52 -2.88 4.89 -13.95
C GLU A 52 -2.29 3.93 -12.92
N PHE A 53 -2.84 3.96 -11.70
CA PHE A 53 -2.49 2.97 -10.70
C PHE A 53 -2.87 1.57 -11.17
N VAL A 54 -4.03 1.49 -11.83
CA VAL A 54 -4.48 0.24 -12.43
C VAL A 54 -3.47 -0.23 -13.46
N GLU A 55 -3.05 0.68 -14.35
CA GLU A 55 -2.06 0.37 -15.37
C GLU A 55 -0.80 -0.26 -14.76
N GLU A 56 -0.30 0.35 -13.70
CA GLU A 56 0.90 -0.15 -13.03
C GLU A 56 0.64 -1.49 -12.35
N MET A 57 -0.58 -1.68 -11.90
CA MET A 57 -0.94 -2.87 -11.12
C MET A 57 -1.32 -4.07 -12.00
N LYS A 58 -2.20 -3.84 -12.98
CA LYS A 58 -2.78 -4.94 -13.76
C LYS A 58 -1.73 -5.71 -14.56
N LYS A 59 -0.63 -5.06 -14.90
CA LYS A 59 0.46 -5.73 -15.62
C LYS A 59 1.20 -6.68 -14.70
N LEU A 60 1.07 -6.45 -13.40
CA LEU A 60 1.63 -7.35 -12.41
C LEU A 60 0.67 -8.50 -12.11
N VAL A 61 -0.62 -8.15 -12.01
CA VAL A 61 -1.66 -9.11 -11.60
C VAL A 61 -1.88 -10.21 -12.65
N GLU A 62 -1.46 -9.95 -13.88
CA GLU A 62 -1.64 -10.91 -14.96
C GLU A 62 -0.84 -12.20 -14.70
N ASP A 63 0.09 -12.15 -13.74
CA ASP A 63 0.90 -13.31 -13.42
C ASP A 63 0.08 -14.30 -12.58
N GLY A 64 -0.85 -13.77 -11.79
CA GLY A 64 -1.78 -14.61 -11.06
C GLY A 64 -1.21 -15.14 -9.75
N LYS A 65 0.10 -15.33 -9.71
CA LYS A 65 0.75 -15.89 -8.55
C LYS A 65 1.76 -14.89 -7.96
N GLU A 66 1.59 -13.62 -8.31
CA GLU A 66 2.51 -12.58 -7.88
C GLU A 66 2.17 -12.09 -6.47
N CYS A 67 3.05 -11.28 -5.91
CA CYS A 67 2.84 -10.71 -4.58
C CYS A 67 3.53 -9.37 -4.50
N ARG A 68 2.82 -8.36 -4.01
CA ARG A 68 3.36 -7.00 -3.93
C ARG A 68 2.59 -6.17 -2.93
N TYR A 69 3.28 -5.22 -2.32
CA TYR A 69 2.69 -4.35 -1.32
C TYR A 69 2.44 -2.97 -1.92
N ALA A 70 1.46 -2.26 -1.42
CA ALA A 70 1.18 -0.91 -1.90
C ALA A 70 0.85 0.03 -0.75
N ALA A 71 1.45 1.20 -0.78
CA ALA A 71 1.18 2.23 0.20
C ALA A 71 0.76 3.51 -0.52
N VAL A 72 -0.30 4.14 -0.04
CA VAL A 72 -0.81 5.34 -0.69
C VAL A 72 -1.33 6.35 0.33
N ASP A 73 -0.90 7.60 0.20
CA ASP A 73 -1.43 8.69 0.99
C ASP A 73 -2.53 9.38 0.20
N VAL A 74 -3.75 9.29 0.70
CA VAL A 74 -4.88 9.85 0.00
C VAL A 74 -5.71 10.71 0.95
N GLU A 75 -6.02 11.92 0.51
CA GLU A 75 -6.88 12.80 1.26
C GLU A 75 -8.34 12.54 0.91
N VAL A 76 -9.05 11.90 1.82
CA VAL A 76 -10.44 11.61 1.61
C VAL A 76 -11.30 12.75 2.13
N THR A 77 -12.01 13.41 1.24
CA THR A 77 -12.89 14.50 1.62
C THR A 77 -14.27 13.96 1.99
N VAL A 78 -14.63 14.18 3.24
CA VAL A 78 -15.90 13.71 3.79
C VAL A 78 -16.60 14.83 4.54
N GLN A 79 -17.70 14.52 5.19
CA GLN A 79 -18.34 15.48 6.07
C GLN A 79 -18.24 14.99 7.51
N ARG A 80 -17.38 15.63 8.28
CA ARG A 80 -17.12 15.22 9.66
C ARG A 80 -17.04 16.46 10.54
N GLN A 81 -16.60 16.30 11.79
CA GLN A 81 -16.41 17.42 12.69
C GLN A 81 -15.31 18.35 12.20
N GLY A 82 -15.31 19.58 12.72
CA GLY A 82 -14.35 20.57 12.29
C GLY A 82 -14.95 21.45 11.21
N ALA A 83 -15.53 20.81 10.22
CA ALA A 83 -16.26 21.49 9.17
C ALA A 83 -17.41 20.61 8.70
N GLU A 84 -18.63 20.98 9.08
CA GLU A 84 -19.82 20.18 8.79
C GLU A 84 -20.22 20.25 7.33
N GLY A 85 -19.23 20.17 6.45
CA GLY A 85 -19.48 20.19 5.03
C GLY A 85 -18.34 19.52 4.29
N THR A 86 -17.13 19.96 4.57
CA THR A 86 -15.94 19.42 3.93
C THR A 86 -14.83 19.15 4.95
N SER A 87 -14.65 17.88 5.27
CA SER A 87 -13.58 17.46 6.16
C SER A 87 -12.64 16.54 5.38
N THR A 88 -11.48 17.07 5.02
CA THR A 88 -10.55 16.34 4.18
C THR A 88 -9.31 15.92 4.97
N LEU A 89 -9.18 14.62 5.20
CA LEU A 89 -8.03 14.08 5.92
C LEU A 89 -7.22 13.15 5.03
N ASN A 90 -5.93 13.39 4.92
CA ASN A 90 -5.07 12.51 4.15
C ASN A 90 -4.56 11.40 5.05
N LYS A 91 -4.66 10.17 4.56
CA LYS A 91 -4.28 9.00 5.33
C LYS A 91 -3.50 8.03 4.47
N VAL A 92 -2.51 7.38 5.06
CA VAL A 92 -1.64 6.46 4.33
C VAL A 92 -2.00 5.02 4.66
N ILE A 93 -2.75 4.38 3.77
CA ILE A 93 -3.15 3.00 3.97
C ILE A 93 -2.17 2.06 3.26
N PHE A 94 -1.95 0.91 3.86
CA PHE A 94 -1.06 -0.09 3.29
C PHE A 94 -1.86 -1.31 2.87
N VAL A 95 -1.89 -1.57 1.57
CA VAL A 95 -2.68 -2.67 1.03
C VAL A 95 -1.76 -3.78 0.51
N GLN A 96 -1.72 -4.88 1.24
CA GLN A 96 -0.92 -6.04 0.85
C GLN A 96 -1.70 -6.93 -0.13
N TYR A 97 -1.24 -6.97 -1.38
CA TYR A 97 -1.90 -7.78 -2.40
C TYR A 97 -1.22 -9.13 -2.53
N CYS A 98 -1.94 -10.19 -2.22
CA CYS A 98 -1.39 -11.53 -2.32
C CYS A 98 -2.50 -12.58 -2.30
N PRO A 99 -2.71 -13.27 -3.42
CA PRO A 99 -3.67 -14.37 -3.50
C PRO A 99 -3.19 -15.59 -2.72
N ASP A 100 -4.08 -16.53 -2.47
CA ASP A 100 -3.77 -17.70 -1.66
C ASP A 100 -2.93 -18.70 -2.44
N ASN A 101 -3.09 -18.70 -3.76
CA ASN A 101 -2.41 -19.65 -4.62
C ASN A 101 -0.98 -19.20 -4.96
N ALA A 102 -0.51 -18.17 -4.26
CA ALA A 102 0.85 -17.69 -4.46
C ALA A 102 1.85 -18.70 -3.94
N PRO A 103 3.03 -18.80 -4.58
CA PRO A 103 4.08 -19.75 -4.19
C PRO A 103 4.40 -19.68 -2.71
N VAL A 104 4.46 -20.85 -2.07
CA VAL A 104 4.63 -20.96 -0.62
C VAL A 104 5.86 -20.19 -0.12
N ARG A 105 6.93 -20.19 -0.90
CA ARG A 105 8.16 -19.52 -0.50
C ARG A 105 7.91 -18.01 -0.37
N ARG A 106 7.24 -17.44 -1.36
CA ARG A 106 6.90 -16.03 -1.35
C ARG A 106 5.79 -15.77 -0.34
N ARG A 107 4.92 -16.76 -0.17
CA ARG A 107 3.84 -16.72 0.81
C ARG A 107 4.41 -16.61 2.22
N MET A 108 5.47 -17.37 2.47
CA MET A 108 6.15 -17.38 3.75
C MET A 108 6.80 -16.02 4.02
N LEU A 109 7.41 -15.45 2.98
CA LEU A 109 8.00 -14.12 3.07
C LEU A 109 6.92 -13.08 3.39
N TYR A 110 5.81 -13.18 2.68
CA TYR A 110 4.65 -12.33 2.89
C TYR A 110 4.18 -12.35 4.35
N ALA A 111 4.17 -13.53 4.95
CA ALA A 111 3.70 -13.69 6.32
C ALA A 111 4.76 -13.24 7.33
N SER A 112 6.00 -13.17 6.90
CA SER A 112 7.09 -12.81 7.79
C SER A 112 7.32 -11.29 7.83
N SER A 113 7.10 -10.63 6.71
CA SER A 113 7.40 -9.22 6.58
C SER A 113 6.35 -8.34 7.28
N VAL A 114 5.24 -8.96 7.68
CA VAL A 114 4.08 -8.25 8.21
C VAL A 114 4.44 -7.18 9.24
N ARG A 115 4.99 -7.59 10.38
CA ARG A 115 5.27 -6.64 11.45
C ARG A 115 6.46 -5.74 11.11
N ALA A 116 7.27 -6.18 10.16
CA ALA A 116 8.47 -5.45 9.80
C ALA A 116 8.14 -4.23 8.95
N LEU A 117 7.32 -4.44 7.93
CA LEU A 117 7.03 -3.38 6.97
C LEU A 117 6.26 -2.22 7.61
N LYS A 118 5.39 -2.53 8.57
CA LYS A 118 4.59 -1.47 9.20
C LYS A 118 5.46 -0.57 10.08
N ALA A 119 6.21 -1.18 10.99
CA ALA A 119 6.98 -0.43 11.97
C ALA A 119 8.12 0.35 11.32
N SER A 120 8.77 -0.27 10.35
CA SER A 120 9.94 0.32 9.73
C SER A 120 9.60 1.54 8.86
N LEU A 121 8.38 1.59 8.36
CA LEU A 121 7.98 2.70 7.49
C LEU A 121 7.14 3.72 8.23
N GLY A 122 6.41 3.27 9.25
CA GLY A 122 5.51 4.15 9.96
C GLY A 122 4.13 4.12 9.35
N LEU A 123 3.65 2.91 9.08
CA LEU A 123 2.36 2.72 8.44
C LEU A 123 1.22 2.70 9.45
N GLU A 124 1.48 3.26 10.62
CA GLU A 124 0.48 3.32 11.68
C GLU A 124 -0.52 4.46 11.42
N SER A 125 -0.22 5.25 10.39
CA SER A 125 -1.11 6.34 9.99
C SER A 125 -2.49 5.82 9.62
N LEU A 126 -2.54 4.56 9.18
CA LEU A 126 -3.80 3.89 8.87
C LEU A 126 -3.68 2.40 9.19
N PHE A 127 -4.66 1.65 8.70
CA PHE A 127 -4.74 0.24 8.99
C PHE A 127 -4.28 -0.57 7.78
N GLN A 128 -3.70 -1.73 8.03
CA GLN A 128 -3.29 -2.61 6.95
C GLN A 128 -4.47 -3.40 6.43
N VAL A 129 -4.70 -3.29 5.13
CA VAL A 129 -5.78 -4.01 4.48
C VAL A 129 -5.19 -4.88 3.37
N GLN A 130 -5.64 -6.12 3.27
CA GLN A 130 -5.08 -7.03 2.29
C GLN A 130 -6.14 -7.46 1.29
N ALA A 131 -5.68 -7.78 0.09
CA ALA A 131 -6.57 -8.21 -0.99
C ALA A 131 -5.93 -9.36 -1.75
N SER A 132 -6.76 -10.20 -2.34
CA SER A 132 -6.27 -11.37 -3.07
C SER A 132 -5.90 -11.03 -4.50
N GLU A 133 -6.89 -10.95 -5.38
CA GLU A 133 -6.64 -10.72 -6.79
C GLU A 133 -7.33 -9.45 -7.30
N MET A 134 -7.34 -9.29 -8.62
CA MET A 134 -7.79 -8.05 -9.27
C MET A 134 -9.24 -7.70 -8.94
N SER A 135 -10.08 -8.69 -8.69
CA SER A 135 -11.49 -8.43 -8.43
C SER A 135 -11.72 -8.07 -6.96
N ASP A 136 -10.80 -8.52 -6.11
CA ASP A 136 -10.92 -8.31 -4.68
C ASP A 136 -10.36 -6.95 -4.27
N LEU A 137 -9.36 -6.48 -5.01
CA LEU A 137 -8.71 -5.22 -4.68
C LEU A 137 -9.53 -4.01 -5.15
N ASP A 138 -10.74 -4.28 -5.63
CA ASP A 138 -11.63 -3.22 -6.10
C ASP A 138 -12.02 -2.31 -4.94
N GLU A 139 -12.13 -1.02 -5.23
CA GLU A 139 -12.42 0.01 -4.24
C GLU A 139 -13.71 -0.28 -3.47
N LYS A 140 -14.60 -1.09 -4.07
CA LYS A 140 -15.90 -1.44 -3.48
C LYS A 140 -15.80 -1.79 -1.99
N SER A 141 -14.70 -2.42 -1.58
CA SER A 141 -14.48 -2.70 -0.17
C SER A 141 -13.37 -1.81 0.39
N VAL A 142 -12.23 -1.79 -0.31
CA VAL A 142 -11.05 -1.09 0.15
C VAL A 142 -11.33 0.39 0.45
N LYS A 143 -11.81 1.10 -0.56
CA LYS A 143 -12.03 2.54 -0.47
C LYS A 143 -13.11 2.84 0.57
N SER A 144 -14.18 2.04 0.56
CA SER A 144 -15.30 2.25 1.45
C SER A 144 -14.90 2.05 2.91
N ASP A 145 -14.06 1.04 3.15
CA ASP A 145 -13.71 0.66 4.51
C ASP A 145 -12.62 1.57 5.09
N LEU A 146 -11.60 1.89 4.29
CA LEU A 146 -10.48 2.70 4.76
C LEU A 146 -10.96 4.09 5.17
N MET A 147 -12.02 4.56 4.52
CA MET A 147 -12.60 5.87 4.80
C MET A 147 -13.05 5.97 6.25
N SER A 148 -13.58 4.87 6.78
CA SER A 148 -14.04 4.84 8.14
C SER A 148 -12.87 4.65 9.09
N ASN A 149 -11.95 3.77 8.70
CA ASN A 149 -10.83 3.38 9.57
C ASN A 149 -9.82 4.51 9.75
N GLN A 150 -10.01 5.62 9.03
CA GLN A 150 -9.10 6.75 9.07
C GLN A 150 -8.83 7.22 10.50
N ARG A 151 -9.84 7.20 11.35
CA ARG A 151 -9.66 7.54 12.75
C ARG A 151 -10.69 6.82 13.63
N ILE A 152 -11.41 5.89 13.02
CA ILE A 152 -12.44 5.15 13.73
C ILE A 152 -11.95 3.73 14.01
#